data_1OP1
# 
_entry.id   1OP1 
# 
_audit_conform.dict_name       mmcif_pdbx.dic 
_audit_conform.dict_version    5.391 
_audit_conform.dict_location   http://mmcif.pdb.org/dictionaries/ascii/mmcif_pdbx.dic 
# 
loop_
_database_2.database_id 
_database_2.database_code 
_database_2.pdbx_database_accession 
_database_2.pdbx_DOI 
PDB   1OP1         pdb_00001op1 10.2210/pdb1op1/pdb 
RCSB  RCSB018524   ?            ?                   
WWPDB D_1000018524 ?            ?                   
# 
loop_
_pdbx_audit_revision_history.ordinal 
_pdbx_audit_revision_history.data_content_type 
_pdbx_audit_revision_history.major_revision 
_pdbx_audit_revision_history.minor_revision 
_pdbx_audit_revision_history.revision_date 
1 'Structure model' 1 0 2003-08-26 
2 'Structure model' 1 1 2008-04-29 
3 'Structure model' 1 2 2011-07-13 
4 'Structure model' 1 3 2017-02-08 
5 'Structure model' 1 4 2024-05-01 
# 
_pdbx_audit_revision_details.ordinal             1 
_pdbx_audit_revision_details.revision_ordinal    1 
_pdbx_audit_revision_details.data_content_type   'Structure model' 
_pdbx_audit_revision_details.provider            repository 
_pdbx_audit_revision_details.type                'Initial release' 
_pdbx_audit_revision_details.description         ? 
_pdbx_audit_revision_details.details             ? 
# 
loop_
_pdbx_audit_revision_group.ordinal 
_pdbx_audit_revision_group.revision_ordinal 
_pdbx_audit_revision_group.data_content_type 
_pdbx_audit_revision_group.group 
1 2 'Structure model' 'Version format compliance' 
2 3 'Structure model' 'Version format compliance' 
3 4 'Structure model' 'Database references'       
4 4 'Structure model' 'Structure summary'         
5 5 'Structure model' 'Data collection'           
6 5 'Structure model' 'Database references'       
# 
loop_
_pdbx_audit_revision_category.ordinal 
_pdbx_audit_revision_category.revision_ordinal 
_pdbx_audit_revision_category.data_content_type 
_pdbx_audit_revision_category.category 
1 5 'Structure model' chem_comp_atom    
2 5 'Structure model' chem_comp_bond    
3 5 'Structure model' database_2        
4 5 'Structure model' pdbx_nmr_software 
# 
loop_
_pdbx_audit_revision_item.ordinal 
_pdbx_audit_revision_item.revision_ordinal 
_pdbx_audit_revision_item.data_content_type 
_pdbx_audit_revision_item.item 
1 5 'Structure model' '_database_2.pdbx_DOI'                
2 5 'Structure model' '_database_2.pdbx_database_accession' 
3 5 'Structure model' '_pdbx_nmr_software.name'             
# 
_pdbx_database_status.status_code                     REL 
_pdbx_database_status.entry_id                        1OP1 
_pdbx_database_status.recvd_initial_deposition_date   2003-03-04 
_pdbx_database_status.deposit_site                    RCSB 
_pdbx_database_status.process_site                    RCSB 
_pdbx_database_status.status_code_mr                  REL 
_pdbx_database_status.SG_entry                        . 
_pdbx_database_status.status_code_sf                  ? 
_pdbx_database_status.status_code_cs                  ? 
_pdbx_database_status.methods_development_category    ? 
_pdbx_database_status.pdb_format_compatible           Y 
_pdbx_database_status.status_code_nmr_data            ? 
# 
loop_
_audit_author.name 
_audit_author.pdbx_ordinal 
'Wu, Y.'           1 
'Migliorini, M.'   2 
'Yu, P.'           3 
'Strickland, D.K.' 4 
'Wang, Y.-X.'      5 
# 
_citation.id                        primary 
_citation.title                     '1H, 13C and 15N resonance assignments of domain 1 of receptor associated protein.' 
_citation.journal_abbrev            J.Biomol.Nmr 
_citation.journal_volume            26 
_citation.page_first                187 
_citation.page_last                 188 
_citation.year                      2003 
_citation.journal_id_ASTM           JBNME9 
_citation.country                   NE 
_citation.journal_id_ISSN           0925-2738 
_citation.journal_id_CSD            0800 
_citation.book_publisher            ? 
_citation.pdbx_database_id_PubMed   12766414 
_citation.pdbx_database_id_DOI      10.1023/A:1023534107920 
# 
loop_
_citation_author.citation_id 
_citation_author.name 
_citation_author.ordinal 
_citation_author.identifier_ORCID 
primary 'Wu, Y.'           1 ? 
primary 'Migliorini, M.'   2 ? 
primary 'Yu, P.'           3 ? 
primary 'Strickland, D.K.' 4 ? 
primary 'Wang, Y.X.'       5 ? 
# 
_entity.id                         1 
_entity.type                       polymer 
_entity.src_method                 man 
_entity.pdbx_description           'Alpha-2-macroglobulin receptor-associated protein precursor' 
_entity.formula_weight             9664.136 
_entity.pdbx_number_of_molecules   1 
_entity.pdbx_ec                    ? 
_entity.pdbx_mutation              ? 
_entity.pdbx_fragment              'Domain 1 of receptor associated protein' 
_entity.details                    ? 
# 
_entity_name_com.entity_id   1 
_entity_name_com.name        'Alpha-2-MRAP, Low density lipoprotein receptor-related protein- associated protein 1, RAP' 
# 
_entity_poly.entity_id                      1 
_entity_poly.type                           'polypeptide(L)' 
_entity_poly.nstd_linkage                   no 
_entity_poly.nstd_monomer                   no 
_entity_poly.pdbx_seq_one_letter_code       
;GEEFRMEKLNQLWEKAQRLHLPPVRLAELHADLKIQERDELAWKKLKLDGLDEDGEKEARLIRNLNVILAKYGLDGKKDA
RQ
;
_entity_poly.pdbx_seq_one_letter_code_can   
;GEEFRMEKLNQLWEKAQRLHLPPVRLAELHADLKIQERDELAWKKLKLDGLDEDGEKEARLIRNLNVILAKYGLDGKKDA
RQ
;
_entity_poly.pdbx_strand_id                 A 
_entity_poly.pdbx_target_identifier         ? 
# 
loop_
_entity_poly_seq.entity_id 
_entity_poly_seq.num 
_entity_poly_seq.mon_id 
_entity_poly_seq.hetero 
1 1  GLY n 
1 2  GLU n 
1 3  GLU n 
1 4  PHE n 
1 5  ARG n 
1 6  MET n 
1 7  GLU n 
1 8  LYS n 
1 9  LEU n 
1 10 ASN n 
1 11 GLN n 
1 12 LEU n 
1 13 TRP n 
1 14 GLU n 
1 15 LYS n 
1 16 ALA n 
1 17 GLN n 
1 18 ARG n 
1 19 LEU n 
1 20 HIS n 
1 21 LEU n 
1 22 PRO n 
1 23 PRO n 
1 24 VAL n 
1 25 ARG n 
1 26 LEU n 
1 27 ALA n 
1 28 GLU n 
1 29 LEU n 
1 30 HIS n 
1 31 ALA n 
1 32 ASP n 
1 33 LEU n 
1 34 LYS n 
1 35 ILE n 
1 36 GLN n 
1 37 GLU n 
1 38 ARG n 
1 39 ASP n 
1 40 GLU n 
1 41 LEU n 
1 42 ALA n 
1 43 TRP n 
1 44 LYS n 
1 45 LYS n 
1 46 LEU n 
1 47 LYS n 
1 48 LEU n 
1 49 ASP n 
1 50 GLY n 
1 51 LEU n 
1 52 ASP n 
1 53 GLU n 
1 54 ASP n 
1 55 GLY n 
1 56 GLU n 
1 57 LYS n 
1 58 GLU n 
1 59 ALA n 
1 60 ARG n 
1 61 LEU n 
1 62 ILE n 
1 63 ARG n 
1 64 ASN n 
1 65 LEU n 
1 66 ASN n 
1 67 VAL n 
1 68 ILE n 
1 69 LEU n 
1 70 ALA n 
1 71 LYS n 
1 72 TYR n 
1 73 GLY n 
1 74 LEU n 
1 75 ASP n 
1 76 GLY n 
1 77 LYS n 
1 78 LYS n 
1 79 ASP n 
1 80 ALA n 
1 81 ARG n 
1 82 GLN n 
# 
_entity_src_gen.entity_id                          1 
_entity_src_gen.pdbx_src_id                        1 
_entity_src_gen.pdbx_alt_source_flag               sample 
_entity_src_gen.pdbx_seq_type                      ? 
_entity_src_gen.pdbx_beg_seq_num                   ? 
_entity_src_gen.pdbx_end_seq_num                   ? 
_entity_src_gen.gene_src_common_name               human 
_entity_src_gen.gene_src_genus                     Homo 
_entity_src_gen.pdbx_gene_src_gene                 'LRPAP1 OR A2MRAP' 
_entity_src_gen.gene_src_species                   ? 
_entity_src_gen.gene_src_strain                    ? 
_entity_src_gen.gene_src_tissue                    ? 
_entity_src_gen.gene_src_tissue_fraction           ? 
_entity_src_gen.gene_src_details                   ? 
_entity_src_gen.pdbx_gene_src_fragment             ? 
_entity_src_gen.pdbx_gene_src_scientific_name      'Homo sapiens' 
_entity_src_gen.pdbx_gene_src_ncbi_taxonomy_id     9606 
_entity_src_gen.pdbx_gene_src_variant              ? 
_entity_src_gen.pdbx_gene_src_cell_line            ? 
_entity_src_gen.pdbx_gene_src_atcc                 ? 
_entity_src_gen.pdbx_gene_src_organ                ? 
_entity_src_gen.pdbx_gene_src_organelle            ? 
_entity_src_gen.pdbx_gene_src_cell                 ? 
_entity_src_gen.pdbx_gene_src_cellular_location    ? 
_entity_src_gen.host_org_common_name               ? 
_entity_src_gen.pdbx_host_org_scientific_name      'Escherichia coli' 
_entity_src_gen.pdbx_host_org_ncbi_taxonomy_id     562 
_entity_src_gen.host_org_genus                     Escherichia 
_entity_src_gen.pdbx_host_org_gene                 ? 
_entity_src_gen.pdbx_host_org_organ                ? 
_entity_src_gen.host_org_species                   ? 
_entity_src_gen.pdbx_host_org_tissue               ? 
_entity_src_gen.pdbx_host_org_tissue_fraction      ? 
_entity_src_gen.pdbx_host_org_strain               pGex-2T 
_entity_src_gen.pdbx_host_org_variant              ? 
_entity_src_gen.pdbx_host_org_cell_line            ? 
_entity_src_gen.pdbx_host_org_atcc                 ? 
_entity_src_gen.pdbx_host_org_culture_collection   ? 
_entity_src_gen.pdbx_host_org_cell                 ? 
_entity_src_gen.pdbx_host_org_organelle            ? 
_entity_src_gen.pdbx_host_org_cellular_location    ? 
_entity_src_gen.pdbx_host_org_vector_type          ? 
_entity_src_gen.pdbx_host_org_vector               ? 
_entity_src_gen.host_org_details                   ? 
_entity_src_gen.expression_system_id               ? 
_entity_src_gen.plasmid_name                       ? 
_entity_src_gen.plasmid_details                    ? 
_entity_src_gen.pdbx_description                   ? 
# 
loop_
_chem_comp.id 
_chem_comp.type 
_chem_comp.mon_nstd_flag 
_chem_comp.name 
_chem_comp.pdbx_synonyms 
_chem_comp.formula 
_chem_comp.formula_weight 
ALA 'L-peptide linking' y ALANINE         ? 'C3 H7 N O2'     89.093  
ARG 'L-peptide linking' y ARGININE        ? 'C6 H15 N4 O2 1' 175.209 
ASN 'L-peptide linking' y ASPARAGINE      ? 'C4 H8 N2 O3'    132.118 
ASP 'L-peptide linking' y 'ASPARTIC ACID' ? 'C4 H7 N O4'     133.103 
GLN 'L-peptide linking' y GLUTAMINE       ? 'C5 H10 N2 O3'   146.144 
GLU 'L-peptide linking' y 'GLUTAMIC ACID' ? 'C5 H9 N O4'     147.129 
GLY 'peptide linking'   y GLYCINE         ? 'C2 H5 N O2'     75.067  
HIS 'L-peptide linking' y HISTIDINE       ? 'C6 H10 N3 O2 1' 156.162 
ILE 'L-peptide linking' y ISOLEUCINE      ? 'C6 H13 N O2'    131.173 
LEU 'L-peptide linking' y LEUCINE         ? 'C6 H13 N O2'    131.173 
LYS 'L-peptide linking' y LYSINE          ? 'C6 H15 N2 O2 1' 147.195 
MET 'L-peptide linking' y METHIONINE      ? 'C5 H11 N O2 S'  149.211 
PHE 'L-peptide linking' y PHENYLALANINE   ? 'C9 H11 N O2'    165.189 
PRO 'L-peptide linking' y PROLINE         ? 'C5 H9 N O2'     115.130 
TRP 'L-peptide linking' y TRYPTOPHAN      ? 'C11 H12 N2 O2'  204.225 
TYR 'L-peptide linking' y TYROSINE        ? 'C9 H11 N O3'    181.189 
VAL 'L-peptide linking' y VALINE          ? 'C5 H11 N O2'    117.146 
# 
loop_
_pdbx_poly_seq_scheme.asym_id 
_pdbx_poly_seq_scheme.entity_id 
_pdbx_poly_seq_scheme.seq_id 
_pdbx_poly_seq_scheme.mon_id 
_pdbx_poly_seq_scheme.ndb_seq_num 
_pdbx_poly_seq_scheme.pdb_seq_num 
_pdbx_poly_seq_scheme.auth_seq_num 
_pdbx_poly_seq_scheme.pdb_mon_id 
_pdbx_poly_seq_scheme.auth_mon_id 
_pdbx_poly_seq_scheme.pdb_strand_id 
_pdbx_poly_seq_scheme.pdb_ins_code 
_pdbx_poly_seq_scheme.hetero 
A 1 1  GLY 1  17 17 GLY GLY A . n 
A 1 2  GLU 2  18 18 GLU GLU A . n 
A 1 3  GLU 3  19 19 GLU GLU A . n 
A 1 4  PHE 4  20 20 PHE PHE A . n 
A 1 5  ARG 5  21 21 ARG ARG A . n 
A 1 6  MET 6  22 22 MET MET A . n 
A 1 7  GLU 7  23 23 GLU GLU A . n 
A 1 8  LYS 8  24 24 LYS LYS A . n 
A 1 9  LEU 9  25 25 LEU LEU A . n 
A 1 10 ASN 10 26 26 ASN ASN A . n 
A 1 11 GLN 11 27 27 GLN GLN A . n 
A 1 12 LEU 12 28 28 LEU LEU A . n 
A 1 13 TRP 13 29 29 TRP TRP A . n 
A 1 14 GLU 14 30 30 GLU GLU A . n 
A 1 15 LYS 15 31 31 LYS LYS A . n 
A 1 16 ALA 16 32 32 ALA ALA A . n 
A 1 17 GLN 17 33 33 GLN GLN A . n 
A 1 18 ARG 18 34 34 ARG ARG A . n 
A 1 19 LEU 19 35 35 LEU LEU A . n 
A 1 20 HIS 20 36 36 HIS HIS A . n 
A 1 21 LEU 21 37 37 LEU LEU A . n 
A 1 22 PRO 22 38 38 PRO PRO A . n 
A 1 23 PRO 23 39 39 PRO PRO A . n 
A 1 24 VAL 24 40 40 VAL VAL A . n 
A 1 25 ARG 25 41 41 ARG ARG A . n 
A 1 26 LEU 26 42 42 LEU LEU A . n 
A 1 27 ALA 27 43 43 ALA ALA A . n 
A 1 28 GLU 28 44 44 GLU GLU A . n 
A 1 29 LEU 29 45 45 LEU LEU A . n 
A 1 30 HIS 30 46 46 HIS HIS A . n 
A 1 31 ALA 31 47 47 ALA ALA A . n 
A 1 32 ASP 32 48 48 ASP ASP A . n 
A 1 33 LEU 33 49 49 LEU LEU A . n 
A 1 34 LYS 34 50 50 LYS LYS A . n 
A 1 35 ILE 35 51 51 ILE ILE A . n 
A 1 36 GLN 36 52 52 GLN GLN A . n 
A 1 37 GLU 37 53 53 GLU GLU A . n 
A 1 38 ARG 38 54 54 ARG ARG A . n 
A 1 39 ASP 39 55 55 ASP ASP A . n 
A 1 40 GLU 40 56 56 GLU GLU A . n 
A 1 41 LEU 41 57 57 LEU LEU A . n 
A 1 42 ALA 42 58 58 ALA ALA A . n 
A 1 43 TRP 43 59 59 TRP TRP A . n 
A 1 44 LYS 44 60 60 LYS LYS A . n 
A 1 45 LYS 45 61 61 LYS LYS A . n 
A 1 46 LEU 46 62 62 LEU LEU A . n 
A 1 47 LYS 47 63 63 LYS LYS A . n 
A 1 48 LEU 48 64 64 LEU LEU A . n 
A 1 49 ASP 49 65 65 ASP ASP A . n 
A 1 50 GLY 50 66 66 GLY GLY A . n 
A 1 51 LEU 51 67 67 LEU LEU A . n 
A 1 52 ASP 52 68 68 ASP ASP A . n 
A 1 53 GLU 53 69 69 GLU GLU A . n 
A 1 54 ASP 54 70 70 ASP ASP A . n 
A 1 55 GLY 55 71 71 GLY GLY A . n 
A 1 56 GLU 56 72 72 GLU GLU A . n 
A 1 57 LYS 57 73 73 LYS LYS A . n 
A 1 58 GLU 58 74 74 GLU GLU A . n 
A 1 59 ALA 59 75 75 ALA ALA A . n 
A 1 60 ARG 60 76 76 ARG ARG A . n 
A 1 61 LEU 61 77 77 LEU LEU A . n 
A 1 62 ILE 62 78 78 ILE ILE A . n 
A 1 63 ARG 63 79 79 ARG ARG A . n 
A 1 64 ASN 64 80 80 ASN ASN A . n 
A 1 65 LEU 65 81 81 LEU LEU A . n 
A 1 66 ASN 66 82 82 ASN ASN A . n 
A 1 67 VAL 67 83 83 VAL VAL A . n 
A 1 68 ILE 68 84 84 ILE ILE A . n 
A 1 69 LEU 69 85 85 LEU LEU A . n 
A 1 70 ALA 70 86 86 ALA ALA A . n 
A 1 71 LYS 71 87 87 LYS LYS A . n 
A 1 72 TYR 72 88 88 TYR TYR A . n 
A 1 73 GLY 73 89 89 GLY GLY A . n 
A 1 74 LEU 74 90 90 LEU LEU A . n 
A 1 75 ASP 75 91 91 ASP ASP A . n 
A 1 76 GLY 76 92 92 GLY GLY A . n 
A 1 77 LYS 77 93 93 LYS LYS A . n 
A 1 78 LYS 78 94 94 LYS LYS A . n 
A 1 79 ASP 79 95 95 ASP ASP A . n 
A 1 80 ALA 80 96 96 ALA ALA A . n 
A 1 81 ARG 81 97 97 ARG ARG A . n 
A 1 82 GLN 82 98 98 GLN GLN A . n 
# 
_exptl.entry_id          1OP1 
_exptl.method            'SOLUTION NMR' 
_exptl.crystals_number   ? 
# 
_exptl_crystal.id                    1 
_exptl_crystal.density_meas          ? 
_exptl_crystal.density_Matthews      ? 
_exptl_crystal.density_percent_sol   ? 
_exptl_crystal.description           ? 
# 
_diffrn.id                     1 
_diffrn.ambient_temp           ? 
_diffrn.ambient_temp_details   ? 
_diffrn.crystal_id             1 
# 
_struct.entry_id                  1OP1 
_struct.title                     'Solution NMR structure of domain 1 of receptor associated protein' 
_struct.pdbx_model_details        ? 
_struct.pdbx_CASP_flag            ? 
_struct.pdbx_model_type_details   ? 
# 
_struct_keywords.entry_id        1OP1 
_struct_keywords.pdbx_keywords   'Receptor Associated Protein' 
_struct_keywords.text            'helical bundle, Receptor Associated Protein' 
# 
_struct_asym.id                            A 
_struct_asym.pdbx_blank_PDB_chainid_flag   N 
_struct_asym.pdbx_modified                 N 
_struct_asym.entity_id                     1 
_struct_asym.details                       ? 
# 
_struct_ref.id                         1 
_struct_ref.db_name                    UNP 
_struct_ref.db_code                    AMRP_HUMAN 
_struct_ref.pdbx_db_accession          P30533 
_struct_ref.entity_id                  1 
_struct_ref.pdbx_seq_one_letter_code   
;GEEFRMEKLNQLWEKAQRLHLPPVRLAELHADLKIQERDELAWKKLKLDGLDEDGEKEARLIRNLNVILAKYGLDGKKDA
RQ
;
_struct_ref.pdbx_align_begin           51 
_struct_ref.pdbx_db_isoform            ? 
# 
_struct_ref_seq.align_id                      1 
_struct_ref_seq.ref_id                        1 
_struct_ref_seq.pdbx_PDB_id_code              1OP1 
_struct_ref_seq.pdbx_strand_id                A 
_struct_ref_seq.seq_align_beg                 1 
_struct_ref_seq.pdbx_seq_align_beg_ins_code   ? 
_struct_ref_seq.seq_align_end                 82 
_struct_ref_seq.pdbx_seq_align_end_ins_code   ? 
_struct_ref_seq.pdbx_db_accession             P30533 
_struct_ref_seq.db_align_beg                  51 
_struct_ref_seq.pdbx_db_align_beg_ins_code    ? 
_struct_ref_seq.db_align_end                  132 
_struct_ref_seq.pdbx_db_align_end_ins_code    ? 
_struct_ref_seq.pdbx_auth_seq_align_beg       17 
_struct_ref_seq.pdbx_auth_seq_align_end       98 
# 
_pdbx_struct_assembly.id                   1 
_pdbx_struct_assembly.details              author_defined_assembly 
_pdbx_struct_assembly.method_details       ? 
_pdbx_struct_assembly.oligomeric_details   monomeric 
_pdbx_struct_assembly.oligomeric_count     1 
# 
_pdbx_struct_assembly_gen.assembly_id       1 
_pdbx_struct_assembly_gen.oper_expression   1 
_pdbx_struct_assembly_gen.asym_id_list      A 
# 
_pdbx_struct_oper_list.id                   1 
_pdbx_struct_oper_list.type                 'identity operation' 
_pdbx_struct_oper_list.name                 1_555 
_pdbx_struct_oper_list.symmetry_operation   x,y,z 
_pdbx_struct_oper_list.matrix[1][1]         1.0000000000 
_pdbx_struct_oper_list.matrix[1][2]         0.0000000000 
_pdbx_struct_oper_list.matrix[1][3]         0.0000000000 
_pdbx_struct_oper_list.vector[1]            0.0000000000 
_pdbx_struct_oper_list.matrix[2][1]         0.0000000000 
_pdbx_struct_oper_list.matrix[2][2]         1.0000000000 
_pdbx_struct_oper_list.matrix[2][3]         0.0000000000 
_pdbx_struct_oper_list.vector[2]            0.0000000000 
_pdbx_struct_oper_list.matrix[3][1]         0.0000000000 
_pdbx_struct_oper_list.matrix[3][2]         0.0000000000 
_pdbx_struct_oper_list.matrix[3][3]         1.0000000000 
_pdbx_struct_oper_list.vector[3]            0.0000000000 
# 
_struct_biol.id        1 
_struct_biol.details   ? 
# 
loop_
_struct_conf.conf_type_id 
_struct_conf.id 
_struct_conf.pdbx_PDB_helix_id 
_struct_conf.beg_label_comp_id 
_struct_conf.beg_label_asym_id 
_struct_conf.beg_label_seq_id 
_struct_conf.pdbx_beg_PDB_ins_code 
_struct_conf.end_label_comp_id 
_struct_conf.end_label_asym_id 
_struct_conf.end_label_seq_id 
_struct_conf.pdbx_end_PDB_ins_code 
_struct_conf.beg_auth_comp_id 
_struct_conf.beg_auth_asym_id 
_struct_conf.beg_auth_seq_id 
_struct_conf.end_auth_comp_id 
_struct_conf.end_auth_asym_id 
_struct_conf.end_auth_seq_id 
_struct_conf.pdbx_PDB_helix_class 
_struct_conf.details 
_struct_conf.pdbx_PDB_helix_length 
HELX_P HELX_P1 1 MET A 6  ? HIS A 20 ? MET A 22 HIS A 36 1 ? 15 
HELX_P HELX_P2 2 PRO A 22 ? GLY A 50 ? PRO A 38 GLY A 66 1 ? 29 
HELX_P HELX_P3 3 GLY A 55 ? GLY A 73 ? GLY A 71 GLY A 89 1 ? 19 
# 
_struct_conf_type.id          HELX_P 
_struct_conf_type.criteria    ? 
_struct_conf_type.reference   ? 
# 
_pdbx_validate_close_contact.id               1 
_pdbx_validate_close_contact.PDB_model_num    1 
_pdbx_validate_close_contact.auth_atom_id_1   O 
_pdbx_validate_close_contact.auth_asym_id_1   A 
_pdbx_validate_close_contact.auth_comp_id_1   LYS 
_pdbx_validate_close_contact.auth_seq_id_1    94 
_pdbx_validate_close_contact.PDB_ins_code_1   ? 
_pdbx_validate_close_contact.label_alt_id_1   ? 
_pdbx_validate_close_contact.auth_atom_id_2   H 
_pdbx_validate_close_contact.auth_asym_id_2   A 
_pdbx_validate_close_contact.auth_comp_id_2   ALA 
_pdbx_validate_close_contact.auth_seq_id_2    96 
_pdbx_validate_close_contact.PDB_ins_code_2   ? 
_pdbx_validate_close_contact.label_alt_id_2   ? 
_pdbx_validate_close_contact.dist             1.36 
# 
loop_
_pdbx_validate_torsion.id 
_pdbx_validate_torsion.PDB_model_num 
_pdbx_validate_torsion.auth_comp_id 
_pdbx_validate_torsion.auth_asym_id 
_pdbx_validate_torsion.auth_seq_id 
_pdbx_validate_torsion.PDB_ins_code 
_pdbx_validate_torsion.label_alt_id 
_pdbx_validate_torsion.phi 
_pdbx_validate_torsion.psi 
1 1 PHE A 20 ? ? -133.21 -154.47 
2 1 HIS A 36 ? ? 50.41   83.76   
3 1 ASP A 91 ? ? -44.95  -9.45   
4 1 LYS A 93 ? ? -140.94 -87.52  
5 1 LYS A 94 ? ? -87.25  -91.89  
6 1 ASP A 95 ? ? 62.93   -43.35  
7 1 ARG A 97 ? ? 62.47   135.36  
# 
_pdbx_nmr_ensemble.entry_id                                      1OP1 
_pdbx_nmr_ensemble.conformers_calculated_total_number            ? 
_pdbx_nmr_ensemble.conformers_submitted_total_number             1 
_pdbx_nmr_ensemble.conformer_selection_criteria                  ? 
_pdbx_nmr_ensemble.average_constraints_per_residue               ? 
_pdbx_nmr_ensemble.average_constraint_violations_per_residue     ? 
_pdbx_nmr_ensemble.maximum_distance_constraint_violation         ? 
_pdbx_nmr_ensemble.average_distance_constraint_violation         ? 
_pdbx_nmr_ensemble.maximum_upper_distance_constraint_violation   ? 
_pdbx_nmr_ensemble.maximum_lower_distance_constraint_violation   ? 
_pdbx_nmr_ensemble.distance_constraint_violation_method          ? 
_pdbx_nmr_ensemble.maximum_torsion_angle_constraint_violation    ? 
_pdbx_nmr_ensemble.average_torsion_angle_constraint_violation    ? 
_pdbx_nmr_ensemble.torsion_angle_constraint_violation_method     ? 
# 
loop_
_pdbx_nmr_sample_details.solution_id 
_pdbx_nmr_sample_details.contents 
_pdbx_nmr_sample_details.solvent_system 
1 '~1.2 mM 15N/13C isotope labeled D1 of RAP in a 50 mM NaCl, 75 mM NaPi, pH 6.5' '95% H2O and 5% D2O' 
2 '~1.2 mM 15N/13C isotpe-labeled D1 of RAP in a 50 mM NaCl, 75 mM NaPi, pH 6.5'  '99.99% D2O'         
# 
_pdbx_nmr_exptl_sample_conditions.conditions_id       1 
_pdbx_nmr_exptl_sample_conditions.temperature         303.5 
_pdbx_nmr_exptl_sample_conditions.pressure            ambient 
_pdbx_nmr_exptl_sample_conditions.pH                  6.5 
_pdbx_nmr_exptl_sample_conditions.ionic_strength      '50 mM NaCl, 75 mM NaPi' 
_pdbx_nmr_exptl_sample_conditions.pressure_units      ? 
_pdbx_nmr_exptl_sample_conditions.temperature_units   K 
# 
loop_
_pdbx_nmr_exptl.experiment_id 
_pdbx_nmr_exptl.solution_id 
_pdbx_nmr_exptl.conditions_id 
_pdbx_nmr_exptl.type 
1 1 1 3D_15N-separated_NOESY     
2 1 1 4D_13C/15N-separated_NOESY 
3 2 2 3D_13C-separated_NOESY     
4 1 1 HNHA                       
# 
_pdbx_nmr_details.entry_id   1OP1 
_pdbx_nmr_details.text       
;The structure was determined using multi-dimensionm hetero-nuclear NMR spectroscopy.  The constraints consists of NOE, dihedral, J-coupling, chemical shift, conformational database as well as two sets of dipolar couplings measured from two different alignment media.
;
# 
_pdbx_nmr_refine.entry_id           1OP1 
_pdbx_nmr_refine.method             'torsion angle dynamics and simulated annealing protocol' 
_pdbx_nmr_refine.details            ? 
_pdbx_nmr_refine.software_ordinal   1 
# 
loop_
_pdbx_nmr_software.name 
_pdbx_nmr_software.version 
_pdbx_nmr_software.classification 
_pdbx_nmr_software.authors 
_pdbx_nmr_software.ordinal 
nih-xplor 1.0.6 refinement           
'~1.2 mM D1 of RAP in a 50 mM~1.2 mM D1 ~1.2 mM D1 of RAP inSchwieters, C. D., Kuszewski, J., Tjandra, N. and Clore, G. M.' 1 
NMRPipe   ?     processing           'Delaglio, F., Grzesiek, S., Vuister, G. W., Zhu, G., Pfeifer, J. and Bax, A.' 2 
NMRPipe   ?     'data analysis'      'Garrett, D. S., Powers, R., Gronenborn, A. M. and Clore, G. M.' 3 
interhlx  ?     'structure solution' 'K. Yap, University of Toronto, Canada' 4 
# 
loop_
_chem_comp_atom.comp_id 
_chem_comp_atom.atom_id 
_chem_comp_atom.type_symbol 
_chem_comp_atom.pdbx_aromatic_flag 
_chem_comp_atom.pdbx_stereo_config 
_chem_comp_atom.pdbx_ordinal 
ALA N    N N N 1   
ALA CA   C N S 2   
ALA C    C N N 3   
ALA O    O N N 4   
ALA CB   C N N 5   
ALA OXT  O N N 6   
ALA H    H N N 7   
ALA H2   H N N 8   
ALA HA   H N N 9   
ALA HB1  H N N 10  
ALA HB2  H N N 11  
ALA HB3  H N N 12  
ALA HXT  H N N 13  
ARG N    N N N 14  
ARG CA   C N S 15  
ARG C    C N N 16  
ARG O    O N N 17  
ARG CB   C N N 18  
ARG CG   C N N 19  
ARG CD   C N N 20  
ARG NE   N N N 21  
ARG CZ   C N N 22  
ARG NH1  N N N 23  
ARG NH2  N N N 24  
ARG OXT  O N N 25  
ARG H    H N N 26  
ARG H2   H N N 27  
ARG HA   H N N 28  
ARG HB2  H N N 29  
ARG HB3  H N N 30  
ARG HG2  H N N 31  
ARG HG3  H N N 32  
ARG HD2  H N N 33  
ARG HD3  H N N 34  
ARG HE   H N N 35  
ARG HH11 H N N 36  
ARG HH12 H N N 37  
ARG HH21 H N N 38  
ARG HH22 H N N 39  
ARG HXT  H N N 40  
ASN N    N N N 41  
ASN CA   C N S 42  
ASN C    C N N 43  
ASN O    O N N 44  
ASN CB   C N N 45  
ASN CG   C N N 46  
ASN OD1  O N N 47  
ASN ND2  N N N 48  
ASN OXT  O N N 49  
ASN H    H N N 50  
ASN H2   H N N 51  
ASN HA   H N N 52  
ASN HB2  H N N 53  
ASN HB3  H N N 54  
ASN HD21 H N N 55  
ASN HD22 H N N 56  
ASN HXT  H N N 57  
ASP N    N N N 58  
ASP CA   C N S 59  
ASP C    C N N 60  
ASP O    O N N 61  
ASP CB   C N N 62  
ASP CG   C N N 63  
ASP OD1  O N N 64  
ASP OD2  O N N 65  
ASP OXT  O N N 66  
ASP H    H N N 67  
ASP H2   H N N 68  
ASP HA   H N N 69  
ASP HB2  H N N 70  
ASP HB3  H N N 71  
ASP HD2  H N N 72  
ASP HXT  H N N 73  
GLN N    N N N 74  
GLN CA   C N S 75  
GLN C    C N N 76  
GLN O    O N N 77  
GLN CB   C N N 78  
GLN CG   C N N 79  
GLN CD   C N N 80  
GLN OE1  O N N 81  
GLN NE2  N N N 82  
GLN OXT  O N N 83  
GLN H    H N N 84  
GLN H2   H N N 85  
GLN HA   H N N 86  
GLN HB2  H N N 87  
GLN HB3  H N N 88  
GLN HG2  H N N 89  
GLN HG3  H N N 90  
GLN HE21 H N N 91  
GLN HE22 H N N 92  
GLN HXT  H N N 93  
GLU N    N N N 94  
GLU CA   C N S 95  
GLU C    C N N 96  
GLU O    O N N 97  
GLU CB   C N N 98  
GLU CG   C N N 99  
GLU CD   C N N 100 
GLU OE1  O N N 101 
GLU OE2  O N N 102 
GLU OXT  O N N 103 
GLU H    H N N 104 
GLU H2   H N N 105 
GLU HA   H N N 106 
GLU HB2  H N N 107 
GLU HB3  H N N 108 
GLU HG2  H N N 109 
GLU HG3  H N N 110 
GLU HE2  H N N 111 
GLU HXT  H N N 112 
GLY N    N N N 113 
GLY CA   C N N 114 
GLY C    C N N 115 
GLY O    O N N 116 
GLY OXT  O N N 117 
GLY H    H N N 118 
GLY H2   H N N 119 
GLY HA2  H N N 120 
GLY HA3  H N N 121 
GLY HXT  H N N 122 
HIS N    N N N 123 
HIS CA   C N S 124 
HIS C    C N N 125 
HIS O    O N N 126 
HIS CB   C N N 127 
HIS CG   C Y N 128 
HIS ND1  N Y N 129 
HIS CD2  C Y N 130 
HIS CE1  C Y N 131 
HIS NE2  N Y N 132 
HIS OXT  O N N 133 
HIS H    H N N 134 
HIS H2   H N N 135 
HIS HA   H N N 136 
HIS HB2  H N N 137 
HIS HB3  H N N 138 
HIS HD1  H N N 139 
HIS HD2  H N N 140 
HIS HE1  H N N 141 
HIS HE2  H N N 142 
HIS HXT  H N N 143 
ILE N    N N N 144 
ILE CA   C N S 145 
ILE C    C N N 146 
ILE O    O N N 147 
ILE CB   C N S 148 
ILE CG1  C N N 149 
ILE CG2  C N N 150 
ILE CD1  C N N 151 
ILE OXT  O N N 152 
ILE H    H N N 153 
ILE H2   H N N 154 
ILE HA   H N N 155 
ILE HB   H N N 156 
ILE HG12 H N N 157 
ILE HG13 H N N 158 
ILE HG21 H N N 159 
ILE HG22 H N N 160 
ILE HG23 H N N 161 
ILE HD11 H N N 162 
ILE HD12 H N N 163 
ILE HD13 H N N 164 
ILE HXT  H N N 165 
LEU N    N N N 166 
LEU CA   C N S 167 
LEU C    C N N 168 
LEU O    O N N 169 
LEU CB   C N N 170 
LEU CG   C N N 171 
LEU CD1  C N N 172 
LEU CD2  C N N 173 
LEU OXT  O N N 174 
LEU H    H N N 175 
LEU H2   H N N 176 
LEU HA   H N N 177 
LEU HB2  H N N 178 
LEU HB3  H N N 179 
LEU HG   H N N 180 
LEU HD11 H N N 181 
LEU HD12 H N N 182 
LEU HD13 H N N 183 
LEU HD21 H N N 184 
LEU HD22 H N N 185 
LEU HD23 H N N 186 
LEU HXT  H N N 187 
LYS N    N N N 188 
LYS CA   C N S 189 
LYS C    C N N 190 
LYS O    O N N 191 
LYS CB   C N N 192 
LYS CG   C N N 193 
LYS CD   C N N 194 
LYS CE   C N N 195 
LYS NZ   N N N 196 
LYS OXT  O N N 197 
LYS H    H N N 198 
LYS H2   H N N 199 
LYS HA   H N N 200 
LYS HB2  H N N 201 
LYS HB3  H N N 202 
LYS HG2  H N N 203 
LYS HG3  H N N 204 
LYS HD2  H N N 205 
LYS HD3  H N N 206 
LYS HE2  H N N 207 
LYS HE3  H N N 208 
LYS HZ1  H N N 209 
LYS HZ2  H N N 210 
LYS HZ3  H N N 211 
LYS HXT  H N N 212 
MET N    N N N 213 
MET CA   C N S 214 
MET C    C N N 215 
MET O    O N N 216 
MET CB   C N N 217 
MET CG   C N N 218 
MET SD   S N N 219 
MET CE   C N N 220 
MET OXT  O N N 221 
MET H    H N N 222 
MET H2   H N N 223 
MET HA   H N N 224 
MET HB2  H N N 225 
MET HB3  H N N 226 
MET HG2  H N N 227 
MET HG3  H N N 228 
MET HE1  H N N 229 
MET HE2  H N N 230 
MET HE3  H N N 231 
MET HXT  H N N 232 
PHE N    N N N 233 
PHE CA   C N S 234 
PHE C    C N N 235 
PHE O    O N N 236 
PHE CB   C N N 237 
PHE CG   C Y N 238 
PHE CD1  C Y N 239 
PHE CD2  C Y N 240 
PHE CE1  C Y N 241 
PHE CE2  C Y N 242 
PHE CZ   C Y N 243 
PHE OXT  O N N 244 
PHE H    H N N 245 
PHE H2   H N N 246 
PHE HA   H N N 247 
PHE HB2  H N N 248 
PHE HB3  H N N 249 
PHE HD1  H N N 250 
PHE HD2  H N N 251 
PHE HE1  H N N 252 
PHE HE2  H N N 253 
PHE HZ   H N N 254 
PHE HXT  H N N 255 
PRO N    N N N 256 
PRO CA   C N S 257 
PRO C    C N N 258 
PRO O    O N N 259 
PRO CB   C N N 260 
PRO CG   C N N 261 
PRO CD   C N N 262 
PRO OXT  O N N 263 
PRO H    H N N 264 
PRO HA   H N N 265 
PRO HB2  H N N 266 
PRO HB3  H N N 267 
PRO HG2  H N N 268 
PRO HG3  H N N 269 
PRO HD2  H N N 270 
PRO HD3  H N N 271 
PRO HXT  H N N 272 
TRP N    N N N 273 
TRP CA   C N S 274 
TRP C    C N N 275 
TRP O    O N N 276 
TRP CB   C N N 277 
TRP CG   C Y N 278 
TRP CD1  C Y N 279 
TRP CD2  C Y N 280 
TRP NE1  N Y N 281 
TRP CE2  C Y N 282 
TRP CE3  C Y N 283 
TRP CZ2  C Y N 284 
TRP CZ3  C Y N 285 
TRP CH2  C Y N 286 
TRP OXT  O N N 287 
TRP H    H N N 288 
TRP H2   H N N 289 
TRP HA   H N N 290 
TRP HB2  H N N 291 
TRP HB3  H N N 292 
TRP HD1  H N N 293 
TRP HE1  H N N 294 
TRP HE3  H N N 295 
TRP HZ2  H N N 296 
TRP HZ3  H N N 297 
TRP HH2  H N N 298 
TRP HXT  H N N 299 
TYR N    N N N 300 
TYR CA   C N S 301 
TYR C    C N N 302 
TYR O    O N N 303 
TYR CB   C N N 304 
TYR CG   C Y N 305 
TYR CD1  C Y N 306 
TYR CD2  C Y N 307 
TYR CE1  C Y N 308 
TYR CE2  C Y N 309 
TYR CZ   C Y N 310 
TYR OH   O N N 311 
TYR OXT  O N N 312 
TYR H    H N N 313 
TYR H2   H N N 314 
TYR HA   H N N 315 
TYR HB2  H N N 316 
TYR HB3  H N N 317 
TYR HD1  H N N 318 
TYR HD2  H N N 319 
TYR HE1  H N N 320 
TYR HE2  H N N 321 
TYR HH   H N N 322 
TYR HXT  H N N 323 
VAL N    N N N 324 
VAL CA   C N S 325 
VAL C    C N N 326 
VAL O    O N N 327 
VAL CB   C N N 328 
VAL CG1  C N N 329 
VAL CG2  C N N 330 
VAL OXT  O N N 331 
VAL H    H N N 332 
VAL H2   H N N 333 
VAL HA   H N N 334 
VAL HB   H N N 335 
VAL HG11 H N N 336 
VAL HG12 H N N 337 
VAL HG13 H N N 338 
VAL HG21 H N N 339 
VAL HG22 H N N 340 
VAL HG23 H N N 341 
VAL HXT  H N N 342 
# 
loop_
_chem_comp_bond.comp_id 
_chem_comp_bond.atom_id_1 
_chem_comp_bond.atom_id_2 
_chem_comp_bond.value_order 
_chem_comp_bond.pdbx_aromatic_flag 
_chem_comp_bond.pdbx_stereo_config 
_chem_comp_bond.pdbx_ordinal 
ALA N   CA   sing N N 1   
ALA N   H    sing N N 2   
ALA N   H2   sing N N 3   
ALA CA  C    sing N N 4   
ALA CA  CB   sing N N 5   
ALA CA  HA   sing N N 6   
ALA C   O    doub N N 7   
ALA C   OXT  sing N N 8   
ALA CB  HB1  sing N N 9   
ALA CB  HB2  sing N N 10  
ALA CB  HB3  sing N N 11  
ALA OXT HXT  sing N N 12  
ARG N   CA   sing N N 13  
ARG N   H    sing N N 14  
ARG N   H2   sing N N 15  
ARG CA  C    sing N N 16  
ARG CA  CB   sing N N 17  
ARG CA  HA   sing N N 18  
ARG C   O    doub N N 19  
ARG C   OXT  sing N N 20  
ARG CB  CG   sing N N 21  
ARG CB  HB2  sing N N 22  
ARG CB  HB3  sing N N 23  
ARG CG  CD   sing N N 24  
ARG CG  HG2  sing N N 25  
ARG CG  HG3  sing N N 26  
ARG CD  NE   sing N N 27  
ARG CD  HD2  sing N N 28  
ARG CD  HD3  sing N N 29  
ARG NE  CZ   sing N N 30  
ARG NE  HE   sing N N 31  
ARG CZ  NH1  sing N N 32  
ARG CZ  NH2  doub N N 33  
ARG NH1 HH11 sing N N 34  
ARG NH1 HH12 sing N N 35  
ARG NH2 HH21 sing N N 36  
ARG NH2 HH22 sing N N 37  
ARG OXT HXT  sing N N 38  
ASN N   CA   sing N N 39  
ASN N   H    sing N N 40  
ASN N   H2   sing N N 41  
ASN CA  C    sing N N 42  
ASN CA  CB   sing N N 43  
ASN CA  HA   sing N N 44  
ASN C   O    doub N N 45  
ASN C   OXT  sing N N 46  
ASN CB  CG   sing N N 47  
ASN CB  HB2  sing N N 48  
ASN CB  HB3  sing N N 49  
ASN CG  OD1  doub N N 50  
ASN CG  ND2  sing N N 51  
ASN ND2 HD21 sing N N 52  
ASN ND2 HD22 sing N N 53  
ASN OXT HXT  sing N N 54  
ASP N   CA   sing N N 55  
ASP N   H    sing N N 56  
ASP N   H2   sing N N 57  
ASP CA  C    sing N N 58  
ASP CA  CB   sing N N 59  
ASP CA  HA   sing N N 60  
ASP C   O    doub N N 61  
ASP C   OXT  sing N N 62  
ASP CB  CG   sing N N 63  
ASP CB  HB2  sing N N 64  
ASP CB  HB3  sing N N 65  
ASP CG  OD1  doub N N 66  
ASP CG  OD2  sing N N 67  
ASP OD2 HD2  sing N N 68  
ASP OXT HXT  sing N N 69  
GLN N   CA   sing N N 70  
GLN N   H    sing N N 71  
GLN N   H2   sing N N 72  
GLN CA  C    sing N N 73  
GLN CA  CB   sing N N 74  
GLN CA  HA   sing N N 75  
GLN C   O    doub N N 76  
GLN C   OXT  sing N N 77  
GLN CB  CG   sing N N 78  
GLN CB  HB2  sing N N 79  
GLN CB  HB3  sing N N 80  
GLN CG  CD   sing N N 81  
GLN CG  HG2  sing N N 82  
GLN CG  HG3  sing N N 83  
GLN CD  OE1  doub N N 84  
GLN CD  NE2  sing N N 85  
GLN NE2 HE21 sing N N 86  
GLN NE2 HE22 sing N N 87  
GLN OXT HXT  sing N N 88  
GLU N   CA   sing N N 89  
GLU N   H    sing N N 90  
GLU N   H2   sing N N 91  
GLU CA  C    sing N N 92  
GLU CA  CB   sing N N 93  
GLU CA  HA   sing N N 94  
GLU C   O    doub N N 95  
GLU C   OXT  sing N N 96  
GLU CB  CG   sing N N 97  
GLU CB  HB2  sing N N 98  
GLU CB  HB3  sing N N 99  
GLU CG  CD   sing N N 100 
GLU CG  HG2  sing N N 101 
GLU CG  HG3  sing N N 102 
GLU CD  OE1  doub N N 103 
GLU CD  OE2  sing N N 104 
GLU OE2 HE2  sing N N 105 
GLU OXT HXT  sing N N 106 
GLY N   CA   sing N N 107 
GLY N   H    sing N N 108 
GLY N   H2   sing N N 109 
GLY CA  C    sing N N 110 
GLY CA  HA2  sing N N 111 
GLY CA  HA3  sing N N 112 
GLY C   O    doub N N 113 
GLY C   OXT  sing N N 114 
GLY OXT HXT  sing N N 115 
HIS N   CA   sing N N 116 
HIS N   H    sing N N 117 
HIS N   H2   sing N N 118 
HIS CA  C    sing N N 119 
HIS CA  CB   sing N N 120 
HIS CA  HA   sing N N 121 
HIS C   O    doub N N 122 
HIS C   OXT  sing N N 123 
HIS CB  CG   sing N N 124 
HIS CB  HB2  sing N N 125 
HIS CB  HB3  sing N N 126 
HIS CG  ND1  sing Y N 127 
HIS CG  CD2  doub Y N 128 
HIS ND1 CE1  doub Y N 129 
HIS ND1 HD1  sing N N 130 
HIS CD2 NE2  sing Y N 131 
HIS CD2 HD2  sing N N 132 
HIS CE1 NE2  sing Y N 133 
HIS CE1 HE1  sing N N 134 
HIS NE2 HE2  sing N N 135 
HIS OXT HXT  sing N N 136 
ILE N   CA   sing N N 137 
ILE N   H    sing N N 138 
ILE N   H2   sing N N 139 
ILE CA  C    sing N N 140 
ILE CA  CB   sing N N 141 
ILE CA  HA   sing N N 142 
ILE C   O    doub N N 143 
ILE C   OXT  sing N N 144 
ILE CB  CG1  sing N N 145 
ILE CB  CG2  sing N N 146 
ILE CB  HB   sing N N 147 
ILE CG1 CD1  sing N N 148 
ILE CG1 HG12 sing N N 149 
ILE CG1 HG13 sing N N 150 
ILE CG2 HG21 sing N N 151 
ILE CG2 HG22 sing N N 152 
ILE CG2 HG23 sing N N 153 
ILE CD1 HD11 sing N N 154 
ILE CD1 HD12 sing N N 155 
ILE CD1 HD13 sing N N 156 
ILE OXT HXT  sing N N 157 
LEU N   CA   sing N N 158 
LEU N   H    sing N N 159 
LEU N   H2   sing N N 160 
LEU CA  C    sing N N 161 
LEU CA  CB   sing N N 162 
LEU CA  HA   sing N N 163 
LEU C   O    doub N N 164 
LEU C   OXT  sing N N 165 
LEU CB  CG   sing N N 166 
LEU CB  HB2  sing N N 167 
LEU CB  HB3  sing N N 168 
LEU CG  CD1  sing N N 169 
LEU CG  CD2  sing N N 170 
LEU CG  HG   sing N N 171 
LEU CD1 HD11 sing N N 172 
LEU CD1 HD12 sing N N 173 
LEU CD1 HD13 sing N N 174 
LEU CD2 HD21 sing N N 175 
LEU CD2 HD22 sing N N 176 
LEU CD2 HD23 sing N N 177 
LEU OXT HXT  sing N N 178 
LYS N   CA   sing N N 179 
LYS N   H    sing N N 180 
LYS N   H2   sing N N 181 
LYS CA  C    sing N N 182 
LYS CA  CB   sing N N 183 
LYS CA  HA   sing N N 184 
LYS C   O    doub N N 185 
LYS C   OXT  sing N N 186 
LYS CB  CG   sing N N 187 
LYS CB  HB2  sing N N 188 
LYS CB  HB3  sing N N 189 
LYS CG  CD   sing N N 190 
LYS CG  HG2  sing N N 191 
LYS CG  HG3  sing N N 192 
LYS CD  CE   sing N N 193 
LYS CD  HD2  sing N N 194 
LYS CD  HD3  sing N N 195 
LYS CE  NZ   sing N N 196 
LYS CE  HE2  sing N N 197 
LYS CE  HE3  sing N N 198 
LYS NZ  HZ1  sing N N 199 
LYS NZ  HZ2  sing N N 200 
LYS NZ  HZ3  sing N N 201 
LYS OXT HXT  sing N N 202 
MET N   CA   sing N N 203 
MET N   H    sing N N 204 
MET N   H2   sing N N 205 
MET CA  C    sing N N 206 
MET CA  CB   sing N N 207 
MET CA  HA   sing N N 208 
MET C   O    doub N N 209 
MET C   OXT  sing N N 210 
MET CB  CG   sing N N 211 
MET CB  HB2  sing N N 212 
MET CB  HB3  sing N N 213 
MET CG  SD   sing N N 214 
MET CG  HG2  sing N N 215 
MET CG  HG3  sing N N 216 
MET SD  CE   sing N N 217 
MET CE  HE1  sing N N 218 
MET CE  HE2  sing N N 219 
MET CE  HE3  sing N N 220 
MET OXT HXT  sing N N 221 
PHE N   CA   sing N N 222 
PHE N   H    sing N N 223 
PHE N   H2   sing N N 224 
PHE CA  C    sing N N 225 
PHE CA  CB   sing N N 226 
PHE CA  HA   sing N N 227 
PHE C   O    doub N N 228 
PHE C   OXT  sing N N 229 
PHE CB  CG   sing N N 230 
PHE CB  HB2  sing N N 231 
PHE CB  HB3  sing N N 232 
PHE CG  CD1  doub Y N 233 
PHE CG  CD2  sing Y N 234 
PHE CD1 CE1  sing Y N 235 
PHE CD1 HD1  sing N N 236 
PHE CD2 CE2  doub Y N 237 
PHE CD2 HD2  sing N N 238 
PHE CE1 CZ   doub Y N 239 
PHE CE1 HE1  sing N N 240 
PHE CE2 CZ   sing Y N 241 
PHE CE2 HE2  sing N N 242 
PHE CZ  HZ   sing N N 243 
PHE OXT HXT  sing N N 244 
PRO N   CA   sing N N 245 
PRO N   CD   sing N N 246 
PRO N   H    sing N N 247 
PRO CA  C    sing N N 248 
PRO CA  CB   sing N N 249 
PRO CA  HA   sing N N 250 
PRO C   O    doub N N 251 
PRO C   OXT  sing N N 252 
PRO CB  CG   sing N N 253 
PRO CB  HB2  sing N N 254 
PRO CB  HB3  sing N N 255 
PRO CG  CD   sing N N 256 
PRO CG  HG2  sing N N 257 
PRO CG  HG3  sing N N 258 
PRO CD  HD2  sing N N 259 
PRO CD  HD3  sing N N 260 
PRO OXT HXT  sing N N 261 
TRP N   CA   sing N N 262 
TRP N   H    sing N N 263 
TRP N   H2   sing N N 264 
TRP CA  C    sing N N 265 
TRP CA  CB   sing N N 266 
TRP CA  HA   sing N N 267 
TRP C   O    doub N N 268 
TRP C   OXT  sing N N 269 
TRP CB  CG   sing N N 270 
TRP CB  HB2  sing N N 271 
TRP CB  HB3  sing N N 272 
TRP CG  CD1  doub Y N 273 
TRP CG  CD2  sing Y N 274 
TRP CD1 NE1  sing Y N 275 
TRP CD1 HD1  sing N N 276 
TRP CD2 CE2  doub Y N 277 
TRP CD2 CE3  sing Y N 278 
TRP NE1 CE2  sing Y N 279 
TRP NE1 HE1  sing N N 280 
TRP CE2 CZ2  sing Y N 281 
TRP CE3 CZ3  doub Y N 282 
TRP CE3 HE3  sing N N 283 
TRP CZ2 CH2  doub Y N 284 
TRP CZ2 HZ2  sing N N 285 
TRP CZ3 CH2  sing Y N 286 
TRP CZ3 HZ3  sing N N 287 
TRP CH2 HH2  sing N N 288 
TRP OXT HXT  sing N N 289 
TYR N   CA   sing N N 290 
TYR N   H    sing N N 291 
TYR N   H2   sing N N 292 
TYR CA  C    sing N N 293 
TYR CA  CB   sing N N 294 
TYR CA  HA   sing N N 295 
TYR C   O    doub N N 296 
TYR C   OXT  sing N N 297 
TYR CB  CG   sing N N 298 
TYR CB  HB2  sing N N 299 
TYR CB  HB3  sing N N 300 
TYR CG  CD1  doub Y N 301 
TYR CG  CD2  sing Y N 302 
TYR CD1 CE1  sing Y N 303 
TYR CD1 HD1  sing N N 304 
TYR CD2 CE2  doub Y N 305 
TYR CD2 HD2  sing N N 306 
TYR CE1 CZ   doub Y N 307 
TYR CE1 HE1  sing N N 308 
TYR CE2 CZ   sing Y N 309 
TYR CE2 HE2  sing N N 310 
TYR CZ  OH   sing N N 311 
TYR OH  HH   sing N N 312 
TYR OXT HXT  sing N N 313 
VAL N   CA   sing N N 314 
VAL N   H    sing N N 315 
VAL N   H2   sing N N 316 
VAL CA  C    sing N N 317 
VAL CA  CB   sing N N 318 
VAL CA  HA   sing N N 319 
VAL C   O    doub N N 320 
VAL C   OXT  sing N N 321 
VAL CB  CG1  sing N N 322 
VAL CB  CG2  sing N N 323 
VAL CB  HB   sing N N 324 
VAL CG1 HG11 sing N N 325 
VAL CG1 HG12 sing N N 326 
VAL CG1 HG13 sing N N 327 
VAL CG2 HG21 sing N N 328 
VAL CG2 HG22 sing N N 329 
VAL CG2 HG23 sing N N 330 
VAL OXT HXT  sing N N 331 
# 
loop_
_pdbx_nmr_spectrometer.spectrometer_id 
_pdbx_nmr_spectrometer.type 
_pdbx_nmr_spectrometer.manufacturer 
_pdbx_nmr_spectrometer.model 
_pdbx_nmr_spectrometer.field_strength 
1 ? Varian INOVA 500 
2 ? Varian INOVA 600 
3 ? Varian INOVA 800 
# 
_atom_sites.entry_id                    1OP1 
_atom_sites.fract_transf_matrix[1][1]   1.000000 
_atom_sites.fract_transf_matrix[1][2]   0.000000 
_atom_sites.fract_transf_matrix[1][3]   0.000000 
_atom_sites.fract_transf_matrix[2][1]   0.000000 
_atom_sites.fract_transf_matrix[2][2]   1.000000 
_atom_sites.fract_transf_matrix[2][3]   0.000000 
_atom_sites.fract_transf_matrix[3][1]   0.000000 
_atom_sites.fract_transf_matrix[3][2]   0.000000 
_atom_sites.fract_transf_matrix[3][3]   1.000000 
_atom_sites.fract_transf_vector[1]      0.00000 
_atom_sites.fract_transf_vector[2]      0.00000 
_atom_sites.fract_transf_vector[3]      0.00000 
# 
loop_
_atom_type.symbol 
C 
H 
N 
O 
S 
# 
loop_
_atom_site.group_PDB 
_atom_site.id 
_atom_site.type_symbol 
_atom_site.label_atom_id 
_atom_site.label_alt_id 
_atom_site.label_comp_id 
_atom_site.label_asym_id 
_atom_site.label_entity_id 
_atom_site.label_seq_id 
_atom_site.pdbx_PDB_ins_code 
_atom_site.Cartn_x 
_atom_site.Cartn_y 
_atom_site.Cartn_z 
_atom_site.occupancy 
_atom_site.B_iso_or_equiv 
_atom_site.pdbx_formal_charge 
_atom_site.auth_seq_id 
_atom_site.auth_comp_id 
_atom_site.auth_asym_id 
_atom_site.auth_atom_id 
_atom_site.pdbx_PDB_model_num 
ATOM 1    N N    . GLY A 1 1  ? -10.846 13.248  -4.870  1.00 3.86  ? 17 GLY A N    1 
ATOM 2    C CA   . GLY A 1 1  ? -11.254 11.901  -5.463  1.00 3.30  ? 17 GLY A CA   1 
ATOM 3    C C    . GLY A 1 1  ? -10.255 10.796  -5.528  1.00 2.69  ? 17 GLY A C    1 
ATOM 4    O O    . GLY A 1 1  ? -10.453 9.805   -6.203  1.00 3.02  ? 17 GLY A O    1 
ATOM 5    H H1   . GLY A 1 1  ? -11.380 14.009  -5.336  1.00 4.05  ? 17 GLY A H1   1 
ATOM 6    H H2   . GLY A 1 1  ? -9.828  13.398  -5.018  1.00 4.21  ? 17 GLY A H2   1 
ATOM 7    H H3   . GLY A 1 1  ? -11.053 13.256  -3.851  1.00 4.21  ? 17 GLY A H3   1 
ATOM 8    H HA2  . GLY A 1 1  ? -12.346 11.689  -5.108  1.00 3.71  ? 17 GLY A HA2  1 
ATOM 9    H HA3  . GLY A 1 1  ? -11.162 11.898  -6.434  1.00 3.38  ? 17 GLY A HA3  1 
ATOM 10   N N    . GLU A 1 2  ? -9.159  10.935  -4.833  1.00 2.22  ? 18 GLU A N    1 
ATOM 11   C CA   . GLU A 1 2  ? -8.122  9.865   -4.857  1.00 1.80  ? 18 GLU A CA   1 
ATOM 12   C C    . GLU A 1 2  ? -8.490  8.773   -3.850  1.00 1.69  ? 18 GLU A C    1 
ATOM 13   O O    . GLU A 1 2  ? -8.732  9.041   -2.690  1.00 2.25  ? 18 GLU A O    1 
ATOM 14   C CB   . GLU A 1 2  ? -6.764  10.464  -4.486  1.00 1.93  ? 18 GLU A CB   1 
ATOM 15   C CG   . GLU A 1 2  ? -6.352  11.493  -5.541  1.00 2.18  ? 18 GLU A CG   1 
ATOM 16   C CD   . GLU A 1 2  ? -4.828  11.608  -5.574  1.00 2.37  ? 18 GLU A CD   1 
ATOM 17   O OE1  . GLU A 1 2  ? -4.175  10.577  -5.561  1.00 2.72  ? 18 GLU A OE1  1 
ATOM 18   O OE2  . GLU A 1 2  ? -4.338  12.725  -5.610  1.00 2.85  ? 18 GLU A OE2  1 
ATOM 19   H H    . GLU A 1 2  ? -9.019  11.741  -4.295  1.00 2.54  ? 18 GLU A H    1 
ATOM 20   H HA   . GLU A 1 2  ? -8.068  9.438   -5.847  1.00 1.84  ? 18 GLU A HA   1 
ATOM 21   H HB2  . GLU A 1 2  ? -6.834  10.945  -3.521  1.00 2.23  ? 18 GLU A HB2  1 
ATOM 22   H HB3  . GLU A 1 2  ? -6.024  9.679   -4.444  1.00 2.14  ? 18 GLU A HB3  1 
ATOM 23   H HG2  . GLU A 1 2  ? -6.712  11.178  -6.510  1.00 2.58  ? 18 GLU A HG2  1 
ATOM 24   H HG3  . GLU A 1 2  ? -6.778  12.453  -5.292  1.00 2.55  ? 18 GLU A HG3  1 
ATOM 25   N N    . GLU A 1 3  ? -8.531  7.544   -4.285  1.00 1.26  ? 19 GLU A N    1 
ATOM 26   C CA   . GLU A 1 3  ? -8.883  6.434   -3.354  1.00 1.15  ? 19 GLU A CA   1 
ATOM 27   C C    . GLU A 1 3  ? -8.250  6.696   -1.986  1.00 1.08  ? 19 GLU A C    1 
ATOM 28   O O    . GLU A 1 3  ? -8.849  6.460   -0.956  1.00 1.13  ? 19 GLU A O    1 
ATOM 29   C CB   . GLU A 1 3  ? -8.352  5.113   -3.914  1.00 1.08  ? 19 GLU A CB   1 
ATOM 30   C CG   . GLU A 1 3  ? -6.908  5.300   -4.383  1.00 1.10  ? 19 GLU A CG   1 
ATOM 31   C CD   . GLU A 1 3  ? -6.891  6.121   -5.673  1.00 1.29  ? 19 GLU A CD   1 
ATOM 32   O OE1  . GLU A 1 3  ? -7.776  5.923   -6.489  1.00 1.76  ? 19 GLU A OE1  1 
ATOM 33   O OE2  . GLU A 1 3  ? -5.993  6.933   -5.824  1.00 1.53  ? 19 GLU A OE2  1 
ATOM 34   H H    . GLU A 1 3  ? -8.332  7.350   -5.225  1.00 1.37  ? 19 GLU A H    1 
ATOM 35   H HA   . GLU A 1 3  ? -9.954  6.378   -3.250  1.00 1.22  ? 19 GLU A HA   1 
ATOM 36   H HB2  . GLU A 1 3  ? -8.385  4.357   -3.143  1.00 1.02  ? 19 GLU A HB2  1 
ATOM 37   H HB3  . GLU A 1 3  ? -8.961  4.803   -4.750  1.00 1.15  ? 19 GLU A HB3  1 
ATOM 38   H HG2  . GLU A 1 3  ? -6.346  5.816   -3.620  1.00 1.09  ? 19 GLU A HG2  1 
ATOM 39   H HG3  . GLU A 1 3  ? -6.463  4.334   -4.566  1.00 1.13  ? 19 GLU A HG3  1 
ATOM 40   N N    . PHE A 1 4  ? -7.041  7.180   -1.972  1.00 1.03  ? 20 PHE A N    1 
ATOM 41   C CA   . PHE A 1 4  ? -6.358  7.456   -0.676  1.00 0.99  ? 20 PHE A CA   1 
ATOM 42   C C    . PHE A 1 4  ? -5.718  8.843   -0.723  1.00 1.08  ? 20 PHE A C    1 
ATOM 43   O O    . PHE A 1 4  ? -6.144  9.712   -1.457  1.00 1.18  ? 20 PHE A O    1 
ATOM 44   C CB   . PHE A 1 4  ? -5.276  6.403   -0.438  1.00 0.88  ? 20 PHE A CB   1 
ATOM 45   C CG   . PHE A 1 4  ? -5.855  5.029   -0.666  1.00 0.80  ? 20 PHE A CG   1 
ATOM 46   C CD1  . PHE A 1 4  ? -6.870  4.548   0.170   1.00 0.89  ? 20 PHE A CD1  1 
ATOM 47   C CD2  . PHE A 1 4  ? -5.380  4.237   -1.717  1.00 0.85  ? 20 PHE A CD2  1 
ATOM 48   C CE1  . PHE A 1 4  ? -7.410  3.275   -0.046  1.00 0.84  ? 20 PHE A CE1  1 
ATOM 49   C CE2  . PHE A 1 4  ? -5.920  2.964   -1.934  1.00 0.81  ? 20 PHE A CE2  1 
ATOM 50   C CZ   . PHE A 1 4  ? -6.935  2.482   -1.099  1.00 0.69  ? 20 PHE A CZ   1 
ATOM 51   H H    . PHE A 1 4  ? -6.578  7.358   -2.816  1.00 1.06  ? 20 PHE A H    1 
ATOM 52   H HA   . PHE A 1 4  ? -7.080  7.419   0.127   1.00 1.01  ? 20 PHE A HA   1 
ATOM 53   H HB2  . PHE A 1 4  ? -4.458  6.568   -1.125  1.00 0.91  ? 20 PHE A HB2  1 
ATOM 54   H HB3  . PHE A 1 4  ? -4.914  6.477   0.576   1.00 0.90  ? 20 PHE A HB3  1 
ATOM 55   H HD1  . PHE A 1 4  ? -7.235  5.160   0.982   1.00 1.12  ? 20 PHE A HD1  1 
ATOM 56   H HD2  . PHE A 1 4  ? -4.597  4.610   -2.361  1.00 1.05  ? 20 PHE A HD2  1 
ATOM 57   H HE1  . PHE A 1 4  ? -8.192  2.903   0.599   1.00 1.03  ? 20 PHE A HE1  1 
ATOM 58   H HE2  . PHE A 1 4  ? -5.554  2.354   -2.746  1.00 1.01  ? 20 PHE A HE2  1 
ATOM 59   H HZ   . PHE A 1 4  ? -7.352  1.499   -1.267  1.00 0.67  ? 20 PHE A HZ   1 
ATOM 60   N N    . ARG A 1 5  ? -4.693  9.057   0.055   1.00 1.08  ? 21 ARG A N    1 
ATOM 61   C CA   . ARG A 1 5  ? -4.024  10.388  0.055   1.00 1.19  ? 21 ARG A CA   1 
ATOM 62   C C    . ARG A 1 5  ? -2.509  10.192  -0.029  1.00 1.14  ? 21 ARG A C    1 
ATOM 63   O O    . ARG A 1 5  ? -1.752  11.141  -0.091  1.00 1.20  ? 21 ARG A O    1 
ATOM 64   C CB   . ARG A 1 5  ? -4.374  11.133  1.344   1.00 1.28  ? 21 ARG A CB   1 
ATOM 65   C CG   . ARG A 1 5  ? -5.879  11.033  1.597   1.00 1.35  ? 21 ARG A CG   1 
ATOM 66   C CD   . ARG A 1 5  ? -6.377  12.322  2.250   1.00 1.59  ? 21 ARG A CD   1 
ATOM 67   N NE   . ARG A 1 5  ? -7.534  12.014  3.136   1.00 1.99  ? 21 ARG A NE   1 
ATOM 68   C CZ   . ARG A 1 5  ? -7.937  12.890  4.014   1.00 2.51  ? 21 ARG A CZ   1 
ATOM 69   N NH1  . ARG A 1 5  ? -7.328  14.040  4.115   1.00 3.43  ? 21 ARG A NH1  1 
ATOM 70   N NH2  . ARG A 1 5  ? -8.949  12.618  4.792   1.00 2.63  ? 21 ARG A NH2  1 
ATOM 71   H H    . ARG A 1 5  ? -4.365  8.342   0.640   1.00 1.02  ? 21 ARG A H    1 
ATOM 72   H HA   . ARG A 1 5  ? -4.362  10.961  -0.796  1.00 1.26  ? 21 ARG A HA   1 
ATOM 73   H HB2  . ARG A 1 5  ? -3.837  10.694  2.172   1.00 1.22  ? 21 ARG A HB2  1 
ATOM 74   H HB3  . ARG A 1 5  ? -4.096  12.173  1.246   1.00 1.37  ? 21 ARG A HB3  1 
ATOM 75   H HG2  . ARG A 1 5  ? -6.392  10.882  0.658   1.00 1.70  ? 21 ARG A HG2  1 
ATOM 76   H HG3  . ARG A 1 5  ? -6.078  10.199  2.254   1.00 1.65  ? 21 ARG A HG3  1 
ATOM 77   H HD2  . ARG A 1 5  ? -5.583  12.760  2.835   1.00 2.10  ? 21 ARG A HD2  1 
ATOM 78   H HD3  . ARG A 1 5  ? -6.686  13.018  1.483   1.00 2.10  ? 21 ARG A HD3  1 
ATOM 79   H HE   . ARG A 1 5  ? -7.993  11.150  3.060   1.00 2.43  ? 21 ARG A HE   1 
ATOM 80   H HH11 . ARG A 1 5  ? -6.552  14.249  3.518   1.00 3.72  ? 21 ARG A HH11 1 
ATOM 81   H HH12 . ARG A 1 5  ? -7.636  14.713  4.788   1.00 4.04  ? 21 ARG A HH12 1 
ATOM 82   H HH21 . ARG A 1 5  ? -9.416  11.738  4.715   1.00 2.51  ? 21 ARG A HH21 1 
ATOM 83   H HH22 . ARG A 1 5  ? -9.257  13.290  5.465   1.00 3.22  ? 21 ARG A HH22 1 
ATOM 84   N N    . MET A 1 6  ? -2.061  8.966   -0.035  1.00 1.04  ? 22 MET A N    1 
ATOM 85   C CA   . MET A 1 6  ? -0.597  8.707   -0.118  1.00 1.01  ? 22 MET A CA   1 
ATOM 86   C C    . MET A 1 6  ? -0.232  8.328   -1.554  1.00 1.06  ? 22 MET A C    1 
ATOM 87   O O    . MET A 1 6  ? -0.993  7.684   -2.248  1.00 1.06  ? 22 MET A O    1 
ATOM 88   C CB   . MET A 1 6  ? -0.230  7.556   0.821   1.00 0.91  ? 22 MET A CB   1 
ATOM 89   C CG   . MET A 1 6  ? -0.562  7.946   2.263   1.00 0.94  ? 22 MET A CG   1 
ATOM 90   S SD   . MET A 1 6  ? 0.394   9.410   2.728   1.00 1.19  ? 22 MET A SD   1 
ATOM 91   C CE   . MET A 1 6  ? 1.855   8.540   3.346   1.00 1.54  ? 22 MET A CE   1 
ATOM 92   H H    . MET A 1 6  ? -2.689  8.216   0.014   1.00 1.00  ? 22 MET A H    1 
ATOM 93   H HA   . MET A 1 6  ? -0.056  9.597   0.170   1.00 1.07  ? 22 MET A HA   1 
ATOM 94   H HB2  . MET A 1 6  ? -0.791  6.676   0.547   1.00 0.86  ? 22 MET A HB2  1 
ATOM 95   H HB3  . MET A 1 6  ? 0.827   7.350   0.741   1.00 0.93  ? 22 MET A HB3  1 
ATOM 96   H HG2  . MET A 1 6  ? -1.616  8.164   2.343   1.00 1.02  ? 22 MET A HG2  1 
ATOM 97   H HG3  . MET A 1 6  ? -0.312  7.128   2.923   1.00 0.97  ? 22 MET A HG3  1 
ATOM 98   H HE1  . MET A 1 6  ? 2.484   9.232   3.889   1.00 2.12  ? 22 MET A HE1  1 
ATOM 99   H HE2  . MET A 1 6  ? 2.409   8.129   2.517   1.00 2.05  ? 22 MET A HE2  1 
ATOM 100  H HE3  . MET A 1 6  ? 1.545   7.737   4.002   1.00 1.97  ? 22 MET A HE3  1 
ATOM 101  N N    . GLU A 1 7  ? 0.925   8.724   -2.006  1.00 1.12  ? 23 GLU A N    1 
ATOM 102  C CA   . GLU A 1 7  ? 1.334   8.386   -3.398  1.00 1.20  ? 23 GLU A CA   1 
ATOM 103  C C    . GLU A 1 7  ? 1.647   6.893   -3.490  1.00 1.15  ? 23 GLU A C    1 
ATOM 104  O O    . GLU A 1 7  ? 1.329   6.242   -4.464  1.00 1.18  ? 23 GLU A O    1 
ATOM 105  C CB   . GLU A 1 7  ? 2.576   9.195   -3.777  1.00 1.31  ? 23 GLU A CB   1 
ATOM 106  C CG   . GLU A 1 7  ? 2.242   10.687  -3.750  1.00 1.39  ? 23 GLU A CG   1 
ATOM 107  C CD   . GLU A 1 7  ? 3.537   11.501  -3.706  1.00 1.66  ? 23 GLU A CD   1 
ATOM 108  O OE1  . GLU A 1 7  ? 4.149   11.658  -4.749  1.00 2.30  ? 23 GLU A OE1  1 
ATOM 109  O OE2  . GLU A 1 7  ? 3.895   11.951  -2.631  1.00 1.96  ? 23 GLU A OE2  1 
ATOM 110  H H    . GLU A 1 7  ? 1.525   9.245   -1.433  1.00 1.14  ? 23 GLU A H    1 
ATOM 111  H HA   . GLU A 1 7  ? 0.528   8.625   -4.077  1.00 1.24  ? 23 GLU A HA   1 
ATOM 112  H HB2  . GLU A 1 7  ? 3.368   8.988   -3.071  1.00 1.29  ? 23 GLU A HB2  1 
ATOM 113  H HB3  . GLU A 1 7  ? 2.897   8.918   -4.771  1.00 1.39  ? 23 GLU A HB3  1 
ATOM 114  H HG2  . GLU A 1 7  ? 1.683   10.947  -4.637  1.00 1.63  ? 23 GLU A HG2  1 
ATOM 115  H HG3  . GLU A 1 7  ? 1.651   10.909  -2.874  1.00 1.51  ? 23 GLU A HG3  1 
ATOM 116  N N    . LYS A 1 8  ? 2.269   6.343   -2.484  1.00 1.08  ? 24 LYS A N    1 
ATOM 117  C CA   . LYS A 1 8  ? 2.599   4.891   -2.519  1.00 1.05  ? 24 LYS A CA   1 
ATOM 118  C C    . LYS A 1 8  ? 1.310   4.083   -2.673  1.00 0.98  ? 24 LYS A C    1 
ATOM 119  O O    . LYS A 1 8  ? 1.222   3.178   -3.480  1.00 1.02  ? 24 LYS A O    1 
ATOM 120  C CB   . LYS A 1 8  ? 3.294   4.495   -1.216  1.00 1.00  ? 24 LYS A CB   1 
ATOM 121  C CG   . LYS A 1 8  ? 2.253   4.368   -0.102  1.00 0.94  ? 24 LYS A CG   1 
ATOM 122  C CD   . LYS A 1 8  ? 2.961   4.179   1.241   1.00 0.95  ? 24 LYS A CD   1 
ATOM 123  C CE   . LYS A 1 8  ? 3.364   5.544   1.803   1.00 1.49  ? 24 LYS A CE   1 
ATOM 124  N NZ   . LYS A 1 8  ? 4.593   5.396   2.632   1.00 2.08  ? 24 LYS A NZ   1 
ATOM 125  H H    . LYS A 1 8  ? 2.517   6.884   -1.705  1.00 1.05  ? 24 LYS A H    1 
ATOM 126  H HA   . LYS A 1 8  ? 3.251   4.689   -3.352  1.00 1.14  ? 24 LYS A HA   1 
ATOM 127  H HB2  . LYS A 1 8  ? 3.798   3.549   -1.349  1.00 1.07  ? 24 LYS A HB2  1 
ATOM 128  H HB3  . LYS A 1 8  ? 4.015   5.252   -0.947  1.00 1.07  ? 24 LYS A HB3  1 
ATOM 129  H HG2  . LYS A 1 8  ? 1.650   5.263   -0.070  1.00 1.02  ? 24 LYS A HG2  1 
ATOM 130  H HG3  . LYS A 1 8  ? 1.621   3.514   -0.296  1.00 1.00  ? 24 LYS A HG3  1 
ATOM 131  H HD2  . LYS A 1 8  ? 2.294   3.687   1.933   1.00 1.49  ? 24 LYS A HD2  1 
ATOM 132  H HD3  . LYS A 1 8  ? 3.845   3.575   1.101   1.00 1.38  ? 24 LYS A HD3  1 
ATOM 133  H HE2  . LYS A 1 8  ? 3.560   6.225   0.988   1.00 2.16  ? 24 LYS A HE2  1 
ATOM 134  H HE3  . LYS A 1 8  ? 2.562   5.933   2.413   1.00 1.95  ? 24 LYS A HE3  1 
ATOM 135  H HZ1  . LYS A 1 8  ? 4.904   6.330   2.962   1.00 2.60  ? 24 LYS A HZ1  1 
ATOM 136  H HZ2  . LYS A 1 8  ? 5.346   4.960   2.060   1.00 2.39  ? 24 LYS A HZ2  1 
ATOM 137  H HZ3  . LYS A 1 8  ? 4.387   4.792   3.453   1.00 2.48  ? 24 LYS A HZ3  1 
ATOM 138  N N    . LEU A 1 9  ? 0.310   4.405   -1.903  1.00 0.88  ? 25 LEU A N    1 
ATOM 139  C CA   . LEU A 1 9  ? -0.977  3.662   -1.997  1.00 0.83  ? 25 LEU A CA   1 
ATOM 140  C C    . LEU A 1 9  ? -1.639  3.959   -3.343  1.00 0.91  ? 25 LEU A C    1 
ATOM 141  O O    . LEU A 1 9  ? -2.006  3.064   -4.078  1.00 0.91  ? 25 LEU A O    1 
ATOM 142  C CB   . LEU A 1 9  ? -1.906  4.106   -0.864  1.00 0.75  ? 25 LEU A CB   1 
ATOM 143  C CG   . LEU A 1 9  ? -1.552  3.349   0.417   1.00 0.66  ? 25 LEU A CG   1 
ATOM 144  C CD1  . LEU A 1 9  ? -1.434  4.338   1.578   1.00 0.68  ? 25 LEU A CD1  1 
ATOM 145  C CD2  . LEU A 1 9  ? -2.651  2.330   0.727   1.00 0.63  ? 25 LEU A CD2  1 
ATOM 146  H H    . LEU A 1 9  ? 0.407   5.138   -1.262  1.00 0.86  ? 25 LEU A H    1 
ATOM 147  H HA   . LEU A 1 9  ? -0.789  2.601   -1.914  1.00 0.80  ? 25 LEU A HA   1 
ATOM 148  H HB2  . LEU A 1 9  ? -1.791  5.167   -0.702  1.00 0.81  ? 25 LEU A HB2  1 
ATOM 149  H HB3  . LEU A 1 9  ? -2.929  3.892   -1.134  1.00 0.75  ? 25 LEU A HB3  1 
ATOM 150  H HG   . LEU A 1 9  ? -0.609  2.838   0.284   1.00 0.68  ? 25 LEU A HG   1 
ATOM 151  H HD11 . LEU A 1 9  ? -1.606  3.820   2.510   1.00 1.20  ? 25 LEU A HD11 1 
ATOM 152  H HD12 . LEU A 1 9  ? -2.169  5.121   1.462   1.00 1.26  ? 25 LEU A HD12 1 
ATOM 153  H HD13 . LEU A 1 9  ? -0.444  4.770   1.585   1.00 1.20  ? 25 LEU A HD13 1 
ATOM 154  H HD21 . LEU A 1 9  ? -2.505  1.935   1.721   1.00 1.17  ? 25 LEU A HD21 1 
ATOM 155  H HD22 . LEU A 1 9  ? -2.607  1.525   0.009   1.00 1.20  ? 25 LEU A HD22 1 
ATOM 156  H HD23 . LEU A 1 9  ? -3.615  2.812   0.668   1.00 1.24  ? 25 LEU A HD23 1 
ATOM 157  N N    . ASN A 1 10 ? -1.795  5.213   -3.672  1.00 1.02  ? 26 ASN A N    1 
ATOM 158  C CA   . ASN A 1 10 ? -2.435  5.567   -4.970  1.00 1.12  ? 26 ASN A CA   1 
ATOM 159  C C    . ASN A 1 10 ? -1.643  4.939   -6.121  1.00 1.18  ? 26 ASN A C    1 
ATOM 160  O O    . ASN A 1 10 ? -2.190  4.603   -7.153  1.00 1.20  ? 26 ASN A O    1 
ATOM 161  C CB   . ASN A 1 10 ? -2.449  7.089   -5.132  1.00 1.22  ? 26 ASN A CB   1 
ATOM 162  C CG   . ASN A 1 10 ? -2.905  7.737   -3.824  1.00 1.18  ? 26 ASN A CG   1 
ATOM 163  O OD1  . ASN A 1 10 ? -3.175  7.053   -2.856  1.00 1.08  ? 26 ASN A OD1  1 
ATOM 164  N ND2  . ASN A 1 10 ? -3.006  9.036   -3.753  1.00 1.28  ? 26 ASN A ND2  1 
ATOM 165  H H    . ASN A 1 10 ? -1.492  5.922   -3.064  1.00 1.05  ? 26 ASN A H    1 
ATOM 166  H HA   . ASN A 1 10 ? -3.448  5.195   -4.985  1.00 1.08  ? 26 ASN A HA   1 
ATOM 167  H HB2  . ASN A 1 10 ? -1.455  7.434   -5.378  1.00 1.28  ? 26 ASN A HB2  1 
ATOM 168  H HB3  . ASN A 1 10 ? -3.131  7.361   -5.923  1.00 1.30  ? 26 ASN A HB3  1 
ATOM 169  H HD21 . ASN A 1 10 ? -2.789  9.588   -4.534  1.00 1.38  ? 26 ASN A HD21 1 
ATOM 170  H HD22 . ASN A 1 10 ? -3.297  9.461   -2.919  1.00 1.28  ? 26 ASN A HD22 1 
ATOM 171  N N    . GLN A 1 11 ? -0.360  4.779   -5.951  1.00 1.24  ? 27 GLN A N    1 
ATOM 172  C CA   . GLN A 1 11 ? 0.466   4.175   -7.036  1.00 1.34  ? 27 GLN A CA   1 
ATOM 173  C C    . GLN A 1 11 ? 0.177   2.675   -7.127  1.00 1.27  ? 27 GLN A C    1 
ATOM 174  O O    . GLN A 1 11 ? -0.106  2.153   -8.186  1.00 1.34  ? 27 GLN A O    1 
ATOM 175  C CB   . GLN A 1 11 ? 1.950   4.391   -6.727  1.00 1.39  ? 27 GLN A CB   1 
ATOM 176  C CG   . GLN A 1 11 ? 2.338   5.836   -7.056  1.00 1.48  ? 27 GLN A CG   1 
ATOM 177  C CD   . GLN A 1 11 ? 3.407   5.845   -8.151  1.00 1.89  ? 27 GLN A CD   1 
ATOM 178  O OE1  . GLN A 1 11 ? 4.129   4.882   -8.321  1.00 2.42  ? 27 GLN A OE1  1 
ATOM 179  N NE2  . GLN A 1 11 ? 3.540   6.900   -8.907  1.00 2.42  ? 27 GLN A NE2  1 
ATOM 180  H H    . GLN A 1 11 ? 0.062   5.058   -5.112  1.00 1.23  ? 27 GLN A H    1 
ATOM 181  H HA   . GLN A 1 11 ? 0.223   4.646   -7.976  1.00 1.42  ? 27 GLN A HA   1 
ATOM 182  H HB2  . GLN A 1 11 ? 2.130   4.200   -5.679  1.00 1.33  ? 27 GLN A HB2  1 
ATOM 183  H HB3  . GLN A 1 11 ? 2.543   3.715   -7.323  1.00 1.45  ? 27 GLN A HB3  1 
ATOM 184  H HG2  . GLN A 1 11 ? 1.466   6.374   -7.400  1.00 1.64  ? 27 GLN A HG2  1 
ATOM 185  H HG3  . GLN A 1 11 ? 2.730   6.313   -6.171  1.00 1.72  ? 27 GLN A HG3  1 
ATOM 186  H HE21 . GLN A 1 11 ? 2.958   7.678   -8.770  1.00 2.66  ? 27 GLN A HE21 1 
ATOM 187  H HE22 . GLN A 1 11 ? 4.221   6.916   -9.611  1.00 2.93  ? 27 GLN A HE22 1 
ATOM 188  N N    . LEU A 1 12 ? 0.237   1.979   -6.024  1.00 1.16  ? 28 LEU A N    1 
ATOM 189  C CA   . LEU A 1 12 ? -0.045  0.517   -6.058  1.00 1.11  ? 28 LEU A CA   1 
ATOM 190  C C    . LEU A 1 12 ? -1.486  0.305   -6.509  1.00 1.05  ? 28 LEU A C    1 
ATOM 191  O O    . LEU A 1 12 ? -1.782  -0.563  -7.309  1.00 1.10  ? 28 LEU A O    1 
ATOM 192  C CB   . LEU A 1 12 ? 0.148   -0.076  -4.660  1.00 1.02  ? 28 LEU A CB   1 
ATOM 193  C CG   . LEU A 1 12 ? 1.635   -0.078  -4.306  1.00 1.11  ? 28 LEU A CG   1 
ATOM 194  C CD1  . LEU A 1 12 ? 1.799   -0.086  -2.786  1.00 1.26  ? 28 LEU A CD1  1 
ATOM 195  C CD2  . LEU A 1 12 ? 2.298   -1.326  -4.895  1.00 1.24  ? 28 LEU A CD2  1 
ATOM 196  H H    . LEU A 1 12 ? 0.459   2.417   -5.177  1.00 1.11  ? 28 LEU A H    1 
ATOM 197  H HA   . LEU A 1 12 ? 0.628   0.034   -6.753  1.00 1.21  ? 28 LEU A HA   1 
ATOM 198  H HB2  . LEU A 1 12 ? -0.394  0.519   -3.939  1.00 0.97  ? 28 LEU A HB2  1 
ATOM 199  H HB3  . LEU A 1 12 ? -0.225  -1.089  -4.644  1.00 1.03  ? 28 LEU A HB3  1 
ATOM 200  H HG   . LEU A 1 12 ? 2.104   0.807   -4.713  1.00 1.37  ? 28 LEU A HG   1 
ATOM 201  H HD11 . LEU A 1 12 ? 1.387   0.824   -2.374  1.00 1.64  ? 28 LEU A HD11 1 
ATOM 202  H HD12 . LEU A 1 12 ? 2.847   -0.151  -2.535  1.00 1.68  ? 28 LEU A HD12 1 
ATOM 203  H HD13 . LEU A 1 12 ? 1.277   -0.935  -2.372  1.00 1.73  ? 28 LEU A HD13 1 
ATOM 204  H HD21 . LEU A 1 12 ? 1.718   -2.198  -4.634  1.00 1.75  ? 28 LEU A HD21 1 
ATOM 205  H HD22 . LEU A 1 12 ? 3.297   -1.425  -4.496  1.00 1.66  ? 28 LEU A HD22 1 
ATOM 206  H HD23 . LEU A 1 12 ? 2.346   -1.234  -5.970  1.00 1.58  ? 28 LEU A HD23 1 
ATOM 207  N N    . TRP A 1 13 ? -2.387  1.104   -6.008  1.00 0.99  ? 29 TRP A N    1 
ATOM 208  C CA   . TRP A 1 13 ? -3.812  0.968   -6.407  1.00 0.95  ? 29 TRP A CA   1 
ATOM 209  C C    . TRP A 1 13 ? -3.920  1.147   -7.916  1.00 1.09  ? 29 TRP A C    1 
ATOM 210  O O    . TRP A 1 13 ? -4.332  0.257   -8.634  1.00 1.10  ? 29 TRP A O    1 
ATOM 211  C CB   . TRP A 1 13 ? -4.629  2.054   -5.709  1.00 0.93  ? 29 TRP A CB   1 
ATOM 212  C CG   . TRP A 1 13 ? -6.068  1.949   -6.082  1.00 0.93  ? 29 TRP A CG   1 
ATOM 213  C CD1  . TRP A 1 13 ? -6.789  2.975   -6.558  1.00 1.01  ? 29 TRP A CD1  1 
ATOM 214  C CD2  . TRP A 1 13 ? -6.975  0.803   -6.011  1.00 0.86  ? 29 TRP A CD2  1 
ATOM 215  N NE1  . TRP A 1 13 ? -8.079  2.551   -6.794  1.00 1.01  ? 29 TRP A NE1  1 
ATOM 216  C CE2  . TRP A 1 13 ? -8.245  1.218   -6.478  1.00 0.92  ? 29 TRP A CE2  1 
ATOM 217  C CE3  . TRP A 1 13 ? -6.829  -0.538  -5.602  1.00 0.80  ? 29 TRP A CE3  1 
ATOM 218  C CZ2  . TRP A 1 13 ? -9.327  0.341   -6.536  1.00 0.89  ? 29 TRP A CZ2  1 
ATOM 219  C CZ3  . TRP A 1 13 ? -7.919  -1.423  -5.660  1.00 0.77  ? 29 TRP A CZ3  1 
ATOM 220  C CH2  . TRP A 1 13 ? -9.164  -0.983  -6.127  1.00 0.82  ? 29 TRP A CH2  1 
ATOM 221  H H    . TRP A 1 13 ? -2.121  1.800   -5.371  1.00 1.01  ? 29 TRP A H    1 
ATOM 222  H HA   . TRP A 1 13 ? -4.175  -0.002  -6.130  1.00 0.88  ? 29 TRP A HA   1 
ATOM 223  H HB2  . TRP A 1 13 ? -4.532  1.955   -4.648  1.00 0.86  ? 29 TRP A HB2  1 
ATOM 224  H HB3  . TRP A 1 13 ? -4.256  3.023   -6.007  1.00 1.03  ? 29 TRP A HB3  1 
ATOM 225  H HD1  . TRP A 1 13 ? -6.416  3.970   -6.724  1.00 1.09  ? 29 TRP A HD1  1 
ATOM 226  H HE1  . TRP A 1 13 ? -8.798  3.110   -7.143  1.00 1.07  ? 29 TRP A HE1  1 
ATOM 227  H HE3  . TRP A 1 13 ? -5.878  -0.891  -5.235  1.00 0.78  ? 29 TRP A HE3  1 
ATOM 228  H HZ2  . TRP A 1 13 ? -10.285 0.684   -6.895  1.00 0.95  ? 29 TRP A HZ2  1 
ATOM 229  H HZ3  . TRP A 1 13 ? -7.795  -2.448  -5.345  1.00 0.75  ? 29 TRP A HZ3  1 
ATOM 230  H HH2  . TRP A 1 13 ? -9.997  -1.668  -6.173  1.00 0.82  ? 29 TRP A HH2  1 
ATOM 231  N N    . GLU A 1 14 ? -3.541  2.291   -8.401  1.00 1.20  ? 30 GLU A N    1 
ATOM 232  C CA   . GLU A 1 14 ? -3.606  2.533   -9.868  1.00 1.35  ? 30 GLU A CA   1 
ATOM 233  C C    . GLU A 1 14 ? -2.939  1.361   -10.589 1.00 1.39  ? 30 GLU A C    1 
ATOM 234  O O    . GLU A 1 14 ? -3.369  0.941   -11.645 1.00 1.45  ? 30 GLU A O    1 
ATOM 235  C CB   . GLU A 1 14 ? -2.871  3.832   -10.207 1.00 1.47  ? 30 GLU A CB   1 
ATOM 236  C CG   . GLU A 1 14 ? -3.828  5.016   -10.053 1.00 1.50  ? 30 GLU A CG   1 
ATOM 237  C CD   . GLU A 1 14 ? -3.039  6.324   -10.130 1.00 1.79  ? 30 GLU A CD   1 
ATOM 238  O OE1  . GLU A 1 14 ? -2.424  6.682   -9.139  1.00 2.27  ? 30 GLU A OE1  1 
ATOM 239  O OE2  . GLU A 1 14 ? -3.063  6.947   -11.179 1.00 2.13  ? 30 GLU A OE2  1 
ATOM 240  H H    . GLU A 1 14 ? -3.207  2.988   -7.798  1.00 1.22  ? 30 GLU A H    1 
ATOM 241  H HA   . GLU A 1 14 ? -4.638  2.609   -10.176 1.00 1.35  ? 30 GLU A HA   1 
ATOM 242  H HB2  . GLU A 1 14 ? -2.032  3.956   -9.537  1.00 1.44  ? 30 GLU A HB2  1 
ATOM 243  H HB3  . GLU A 1 14 ? -2.516  3.789   -11.225 1.00 1.57  ? 30 GLU A HB3  1 
ATOM 244  H HG2  . GLU A 1 14 ? -4.563  4.990   -10.845 1.00 1.65  ? 30 GLU A HG2  1 
ATOM 245  H HG3  . GLU A 1 14 ? -4.326  4.955   -9.097  1.00 1.50  ? 30 GLU A HG3  1 
ATOM 246  N N    . LYS A 1 15 ? -1.892  0.826   -10.020 1.00 1.38  ? 31 LYS A N    1 
ATOM 247  C CA   . LYS A 1 15 ? -1.198  -0.322  -10.665 1.00 1.45  ? 31 LYS A CA   1 
ATOM 248  C C    . LYS A 1 15 ? -2.186  -1.478  -10.828 1.00 1.38  ? 31 LYS A C    1 
ATOM 249  O O    . LYS A 1 15 ? -2.392  -1.981  -11.915 1.00 1.47  ? 31 LYS A O    1 
ATOM 250  C CB   . LYS A 1 15 ? -0.025  -0.769  -9.789  1.00 1.44  ? 31 LYS A CB   1 
ATOM 251  C CG   . LYS A 1 15 ? 1.280   -0.649  -10.577 1.00 1.65  ? 31 LYS A CG   1 
ATOM 252  C CD   . LYS A 1 15 ? 2.405   -1.347  -9.810  1.00 1.72  ? 31 LYS A CD   1 
ATOM 253  C CE   . LYS A 1 15 ? 2.943   -0.410  -8.727  1.00 1.50  ? 31 LYS A CE   1 
ATOM 254  N NZ   . LYS A 1 15 ? 4.003   0.462   -9.308  1.00 1.93  ? 31 LYS A NZ   1 
ATOM 255  H H    . LYS A 1 15 ? -1.565  1.178   -9.165  1.00 1.34  ? 31 LYS A H    1 
ATOM 256  H HA   . LYS A 1 15 ? -0.833  -0.024  -11.636 1.00 1.57  ? 31 LYS A HA   1 
ATOM 257  H HB2  . LYS A 1 15 ? 0.024   -0.142  -8.910  1.00 1.45  ? 31 LYS A HB2  1 
ATOM 258  H HB3  . LYS A 1 15 ? -0.169  -1.796  -9.489  1.00 1.43  ? 31 LYS A HB3  1 
ATOM 259  H HG2  . LYS A 1 15 ? 1.160   -1.114  -11.544 1.00 1.82  ? 31 LYS A HG2  1 
ATOM 260  H HG3  . LYS A 1 15 ? 1.528   0.393   -10.707 1.00 1.80  ? 31 LYS A HG3  1 
ATOM 261  H HD2  . LYS A 1 15 ? 2.022   -2.247  -9.351  1.00 1.97  ? 31 LYS A HD2  1 
ATOM 262  H HD3  . LYS A 1 15 ? 3.202   -1.600  -10.492 1.00 2.20  ? 31 LYS A HD3  1 
ATOM 263  H HE2  . LYS A 1 15 ? 2.138   0.204   -8.350  1.00 1.68  ? 31 LYS A HE2  1 
ATOM 264  H HE3  . LYS A 1 15 ? 3.359   -0.993  -7.920  1.00 1.72  ? 31 LYS A HE3  1 
ATOM 265  H HZ1  . LYS A 1 15 ? 4.370   0.031   -10.178 1.00 2.28  ? 31 LYS A HZ1  1 
ATOM 266  H HZ2  . LYS A 1 15 ? 4.778   0.569   -8.619  1.00 2.36  ? 31 LYS A HZ2  1 
ATOM 267  H HZ3  . LYS A 1 15 ? 3.603   1.396   -9.527  1.00 2.31  ? 31 LYS A HZ3  1 
ATOM 268  N N    . ALA A 1 16 ? -2.809  -1.899  -9.761  1.00 1.24  ? 32 ALA A N    1 
ATOM 269  C CA   . ALA A 1 16 ? -3.790  -3.013  -9.874  1.00 1.19  ? 32 ALA A CA   1 
ATOM 270  C C    . ALA A 1 16 ? -4.878  -2.602  -10.864 1.00 1.24  ? 32 ALA A C    1 
ATOM 271  O O    . ALA A 1 16 ? -5.103  -3.255  -11.866 1.00 1.31  ? 32 ALA A O    1 
ATOM 272  C CB   . ALA A 1 16 ? -4.417  -3.293  -8.506  1.00 1.03  ? 32 ALA A CB   1 
ATOM 273  H H    . ALA A 1 16 ? -2.638  -1.477  -8.892  1.00 1.18  ? 32 ALA A H    1 
ATOM 274  H HA   . ALA A 1 16 ? -3.289  -3.900  -10.233 1.00 1.25  ? 32 ALA A HA   1 
ATOM 275  H HB1  . ALA A 1 16 ? -4.014  -4.212  -8.107  1.00 1.58  ? 32 ALA A HB1  1 
ATOM 276  H HB2  . ALA A 1 16 ? -5.488  -3.387  -8.615  1.00 1.17  ? 32 ALA A HB2  1 
ATOM 277  H HB3  . ALA A 1 16 ? -4.194  -2.478  -7.834  1.00 1.48  ? 32 ALA A HB3  1 
ATOM 278  N N    . GLN A 1 17 ? -5.542  -1.509  -10.603 1.00 1.21  ? 33 GLN A N    1 
ATOM 279  C CA   . GLN A 1 17 ? -6.598  -1.049  -11.542 1.00 1.28  ? 33 GLN A CA   1 
ATOM 280  C C    . GLN A 1 17 ? -6.055  -1.162  -12.964 1.00 1.43  ? 33 GLN A C    1 
ATOM 281  O O    . GLN A 1 17 ? -6.782  -1.437  -13.899 1.00 1.48  ? 33 GLN A O    1 
ATOM 282  C CB   . GLN A 1 17 ? -6.958  0.407   -11.239 1.00 1.29  ? 33 GLN A CB   1 
ATOM 283  C CG   . GLN A 1 17 ? -7.870  0.464   -10.011 1.00 1.16  ? 33 GLN A CG   1 
ATOM 284  C CD   . GLN A 1 17 ? -8.420  1.883   -9.849  1.00 1.21  ? 33 GLN A CD   1 
ATOM 285  O OE1  . GLN A 1 17 ? -9.585  2.065   -9.557  1.00 1.53  ? 33 GLN A OE1  1 
ATOM 286  N NE2  . GLN A 1 17 ? -7.624  2.901   -10.026 1.00 1.38  ? 33 GLN A NE2  1 
ATOM 287  H H    . GLN A 1 17 ? -5.338  -0.988  -9.799  1.00 1.16  ? 33 GLN A H    1 
ATOM 288  H HA   . GLN A 1 17 ? -7.474  -1.671  -11.437 1.00 1.23  ? 33 GLN A HA   1 
ATOM 289  H HB2  . GLN A 1 17 ? -6.055  0.968   -11.043 1.00 1.34  ? 33 GLN A HB2  1 
ATOM 290  H HB3  . GLN A 1 17 ? -7.471  0.835   -12.087 1.00 1.35  ? 33 GLN A HB3  1 
ATOM 291  H HG2  . GLN A 1 17 ? -8.691  -0.228  -10.140 1.00 1.13  ? 33 GLN A HG2  1 
ATOM 292  H HG3  . GLN A 1 17 ? -7.307  0.195   -9.130  1.00 1.09  ? 33 GLN A HG3  1 
ATOM 293  H HE21 . GLN A 1 17 ? -6.684  2.754   -10.260 1.00 1.73  ? 33 GLN A HE21 1 
ATOM 294  H HE22 . GLN A 1 17 ? -7.966  3.814   -9.923  1.00 1.42  ? 33 GLN A HE22 1 
ATOM 295  N N    . ARG A 1 18 ? -4.775  -0.966  -13.130 1.00 1.51  ? 34 ARG A N    1 
ATOM 296  C CA   . ARG A 1 18 ? -4.177  -1.078  -14.487 1.00 1.67  ? 34 ARG A CA   1 
ATOM 297  C C    . ARG A 1 18 ? -4.180  -2.545  -14.904 1.00 1.69  ? 34 ARG A C    1 
ATOM 298  O O    . ARG A 1 18 ? -4.577  -2.891  -15.998 1.00 1.78  ? 34 ARG A O    1 
ATOM 299  C CB   . ARG A 1 18 ? -2.741  -0.551  -14.462 1.00 1.74  ? 34 ARG A CB   1 
ATOM 300  C CG   . ARG A 1 18 ? -2.607  0.618   -15.440 1.00 1.91  ? 34 ARG A CG   1 
ATOM 301  C CD   . ARG A 1 18 ? -2.624  0.087   -16.876 1.00 2.46  ? 34 ARG A CD   1 
ATOM 302  N NE   . ARG A 1 18 ? -1.487  0.679   -17.645 1.00 2.89  ? 34 ARG A NE   1 
ATOM 303  C CZ   . ARG A 1 18 ? -1.191  1.946   -17.530 1.00 3.51  ? 34 ARG A CZ   1 
ATOM 304  N NH1  . ARG A 1 18 ? -1.939  2.734   -16.807 1.00 4.05  ? 34 ARG A NH1  1 
ATOM 305  N NH2  . ARG A 1 18 ? -0.158  2.431   -18.161 1.00 4.00  ? 34 ARG A NH2  1 
ATOM 306  H H    . ARG A 1 18 ? -4.206  -0.755  -12.360 1.00 1.48  ? 34 ARG A H    1 
ATOM 307  H HA   . ARG A 1 18 ? -4.763  -0.507  -15.186 1.00 1.73  ? 34 ARG A HA   1 
ATOM 308  H HB2  . ARG A 1 18 ? -2.501  -0.215  -13.463 1.00 1.64  ? 34 ARG A HB2  1 
ATOM 309  H HB3  . ARG A 1 18 ? -2.062  -1.339  -14.749 1.00 1.81  ? 34 ARG A HB3  1 
ATOM 310  H HG2  . ARG A 1 18 ? -3.434  1.299   -15.297 1.00 2.18  ? 34 ARG A HG2  1 
ATOM 311  H HG3  . ARG A 1 18 ? -1.678  1.135   -15.258 1.00 2.15  ? 34 ARG A HG3  1 
ATOM 312  H HD2  . ARG A 1 18 ? -2.512  -0.984  -16.862 1.00 3.00  ? 34 ARG A HD2  1 
ATOM 313  H HD3  . ARG A 1 18 ? -3.566  0.343   -17.343 1.00 2.81  ? 34 ARG A HD3  1 
ATOM 314  H HE   . ARG A 1 18 ? -0.942  0.104   -18.223 1.00 3.16  ? 34 ARG A HE   1 
ATOM 315  H HH11 . ARG A 1 18 ? -2.742  2.372   -16.339 1.00 4.08  ? 34 ARG A HH11 1 
ATOM 316  H HH12 . ARG A 1 18 ? -1.707  3.703   -16.723 1.00 4.68  ? 34 ARG A HH12 1 
ATOM 317  H HH21 . ARG A 1 18 ? 0.406   1.835   -18.730 1.00 3.87  ? 34 ARG A HH21 1 
ATOM 318  H HH22 . ARG A 1 18 ? 0.070   3.402   -18.073 1.00 4.73  ? 34 ARG A HH22 1 
ATOM 319  N N    . LEU A 1 19 ? -3.761  -3.413  -14.028 1.00 1.61  ? 35 LEU A N    1 
ATOM 320  C CA   . LEU A 1 19 ? -3.763  -4.861  -14.364 1.00 1.63  ? 35 LEU A CA   1 
ATOM 321  C C    . LEU A 1 19 ? -5.217  -5.316  -14.454 1.00 1.57  ? 35 LEU A C    1 
ATOM 322  O O    . LEU A 1 19 ? -5.516  -6.420  -14.864 1.00 1.60  ? 35 LEU A O    1 
ATOM 323  C CB   . LEU A 1 19 ? -3.042  -5.648  -13.268 1.00 1.59  ? 35 LEU A CB   1 
ATOM 324  C CG   . LEU A 1 19 ? -1.531  -5.472  -13.422 1.00 1.70  ? 35 LEU A CG   1 
ATOM 325  C CD1  . LEU A 1 19 ? -1.099  -4.161  -12.764 1.00 1.92  ? 35 LEU A CD1  1 
ATOM 326  C CD2  . LEU A 1 19 ? -0.811  -6.642  -12.745 1.00 2.08  ? 35 LEU A CD2  1 
ATOM 327  H H    . LEU A 1 19 ? -3.461  -3.112  -13.146 1.00 1.53  ? 35 LEU A H    1 
ATOM 328  H HA   . LEU A 1 19 ? -3.272  -5.017  -15.314 1.00 1.74  ? 35 LEU A HA   1 
ATOM 329  H HB2  . LEU A 1 19 ? -3.352  -5.280  -12.299 1.00 1.52  ? 35 LEU A HB2  1 
ATOM 330  H HB3  . LEU A 1 19 ? -3.292  -6.694  -13.352 1.00 1.60  ? 35 LEU A HB3  1 
ATOM 331  H HG   . LEU A 1 19 ? -1.277  -5.449  -14.472 1.00 2.08  ? 35 LEU A HG   1 
ATOM 332  H HD11 . LEU A 1 19 ? -1.413  -3.330  -13.378 1.00 2.31  ? 35 LEU A HD11 1 
ATOM 333  H HD12 . LEU A 1 19 ? -0.024  -4.147  -12.661 1.00 2.18  ? 35 LEU A HD12 1 
ATOM 334  H HD13 . LEU A 1 19 ? -1.555  -4.081  -11.788 1.00 2.38  ? 35 LEU A HD13 1 
ATOM 335  H HD21 . LEU A 1 19 ? 0.249   -6.573  -12.940 1.00 2.57  ? 35 LEU A HD21 1 
ATOM 336  H HD22 . LEU A 1 19 ? -1.189  -7.574  -13.139 1.00 2.49  ? 35 LEU A HD22 1 
ATOM 337  H HD23 . LEU A 1 19 ? -0.984  -6.603  -11.680 1.00 2.34  ? 35 LEU A HD23 1 
ATOM 338  N N    . HIS A 1 20 ? -6.123  -4.455  -14.076 1.00 1.50  ? 36 HIS A N    1 
ATOM 339  C CA   . HIS A 1 20 ? -7.570  -4.808  -14.137 1.00 1.45  ? 36 HIS A CA   1 
ATOM 340  C C    . HIS A 1 20 ? -7.808  -6.157  -13.456 1.00 1.37  ? 36 HIS A C    1 
ATOM 341  O O    . HIS A 1 20 ? -7.877  -7.184  -14.100 1.00 1.49  ? 36 HIS A O    1 
ATOM 342  C CB   . HIS A 1 20 ? -8.009  -4.896  -15.600 1.00 1.59  ? 36 HIS A CB   1 
ATOM 343  C CG   . HIS A 1 20 ? -8.419  -3.533  -16.084 1.00 1.67  ? 36 HIS A CG   1 
ATOM 344  N ND1  . HIS A 1 20 ? -9.708  -3.257  -16.515 1.00 1.74  ? 36 HIS A ND1  1 
ATOM 345  C CD2  . HIS A 1 20 ? -7.722  -2.357  -16.214 1.00 1.73  ? 36 HIS A CD2  1 
ATOM 346  C CE1  . HIS A 1 20 ? -9.746  -1.962  -16.880 1.00 1.85  ? 36 HIS A CE1  1 
ATOM 347  N NE2  . HIS A 1 20 ? -8.561  -1.367  -16.717 1.00 1.84  ? 36 HIS A NE2  1 
ATOM 348  H H    . HIS A 1 20 ? -5.848  -3.565  -13.754 1.00 1.49  ? 36 HIS A H    1 
ATOM 349  H HA   . HIS A 1 20 ? -8.147  -4.045  -13.635 1.00 1.41  ? 36 HIS A HA   1 
ATOM 350  H HB2  . HIS A 1 20 ? -7.189  -5.260  -16.201 1.00 1.68  ? 36 HIS A HB2  1 
ATOM 351  H HB3  . HIS A 1 20 ? -8.846  -5.574  -15.684 1.00 1.56  ? 36 HIS A HB3  1 
ATOM 352  H HD1  . HIS A 1 20 ? -10.455 -3.890  -16.548 1.00 1.73  ? 36 HIS A HD1  1 
ATOM 353  H HD2  . HIS A 1 20 ? -6.681  -2.222  -15.964 1.00 1.73  ? 36 HIS A HD2  1 
ATOM 354  H HE1  . HIS A 1 20 ? -10.626 -1.465  -17.258 1.00 1.95  ? 36 HIS A HE1  1 
ATOM 355  N N    . LEU A 1 21 ? -7.953  -6.160  -12.159 1.00 1.23  ? 37 LEU A N    1 
ATOM 356  C CA   . LEU A 1 21 ? -8.206  -7.442  -11.443 1.00 1.18  ? 37 LEU A CA   1 
ATOM 357  C C    . LEU A 1 21 ? -9.718  -7.609  -11.255 1.00 1.13  ? 37 LEU A C    1 
ATOM 358  O O    . LEU A 1 21 ? -10.434 -6.637  -11.116 1.00 1.09  ? 37 LEU A O    1 
ATOM 359  C CB   . LEU A 1 21 ? -7.527  -7.411  -10.070 1.00 1.11  ? 37 LEU A CB   1 
ATOM 360  C CG   . LEU A 1 21 ? -6.031  -7.136  -10.235 1.00 1.16  ? 37 LEU A CG   1 
ATOM 361  C CD1  . LEU A 1 21 ? -5.819  -5.678  -10.647 1.00 1.18  ? 37 LEU A CD1  1 
ATOM 362  C CD2  . LEU A 1 21 ? -5.317  -7.393  -8.905  1.00 1.15  ? 37 LEU A CD2  1 
ATOM 363  H H    . LEU A 1 21 ? -7.908  -5.320  -11.658 1.00 1.22  ? 37 LEU A H    1 
ATOM 364  H HA   . LEU A 1 21 ? -7.814  -8.262  -12.024 1.00 1.27  ? 37 LEU A HA   1 
ATOM 365  H HB2  . LEU A 1 21 ? -7.970  -6.633  -9.468  1.00 1.03  ? 37 LEU A HB2  1 
ATOM 366  H HB3  . LEU A 1 21 ? -7.662  -8.363  -9.581  1.00 1.13  ? 37 LEU A HB3  1 
ATOM 367  H HG   . LEU A 1 21 ? -5.626  -7.788  -10.996 1.00 1.32  ? 37 LEU A HG   1 
ATOM 368  H HD11 . LEU A 1 21 ? -6.725  -5.118  -10.468 1.00 1.52  ? 37 LEU A HD11 1 
ATOM 369  H HD12 . LEU A 1 21 ? -5.570  -5.633  -11.697 1.00 1.62  ? 37 LEU A HD12 1 
ATOM 370  H HD13 . LEU A 1 21 ? -5.014  -5.254  -10.067 1.00 1.59  ? 37 LEU A HD13 1 
ATOM 371  H HD21 . LEU A 1 21 ? -4.423  -7.972  -9.081  1.00 1.52  ? 37 LEU A HD21 1 
ATOM 372  H HD22 . LEU A 1 21 ? -5.974  -7.939  -8.243  1.00 1.63  ? 37 LEU A HD22 1 
ATOM 373  H HD23 . LEU A 1 21 ? -5.052  -6.450  -8.449  1.00 1.46  ? 37 LEU A HD23 1 
ATOM 374  N N    . PRO A 1 22 ? -10.206 -8.823  -11.244 1.00 1.17  ? 38 PRO A N    1 
ATOM 375  C CA   . PRO A 1 22 ? -11.662 -9.060  -11.061 1.00 1.16  ? 38 PRO A CA   1 
ATOM 376  C C    . PRO A 1 22 ? -12.199 -8.341  -9.822  1.00 1.05  ? 38 PRO A C    1 
ATOM 377  O O    . PRO A 1 22 ? -11.452 -7.994  -8.936  1.00 0.99  ? 38 PRO A O    1 
ATOM 378  C CB   . PRO A 1 22 ? -11.731 -10.578 -10.878 1.00 1.23  ? 38 PRO A CB   1 
ATOM 379  C CG   . PRO A 1 22 ? -10.339 -11.172 -11.141 1.00 1.30  ? 38 PRO A CG   1 
ATOM 380  C CD   . PRO A 1 22 ? -9.354  -10.028 -11.408 1.00 1.26  ? 38 PRO A CD   1 
ATOM 381  H HA   . PRO A 1 22 ? -12.209 -8.773  -11.941 1.00 1.22  ? 38 PRO A HA   1 
ATOM 382  H HB2  . PRO A 1 22 ? -12.040 -10.807 -9.866  1.00 1.17  ? 38 PRO A HB2  1 
ATOM 383  H HB3  . PRO A 1 22 ? -12.440 -10.997 -11.576 1.00 1.31  ? 38 PRO A HB3  1 
ATOM 384  H HG2  . PRO A 1 22 ? -10.018 -11.736 -10.277 1.00 1.31  ? 38 PRO A HG2  1 
ATOM 385  H HG3  . PRO A 1 22 ? -10.379 -11.821 -12.002 1.00 1.41  ? 38 PRO A HG3  1 
ATOM 386  H HD2  . PRO A 1 22 ? -8.551  -10.039 -10.682 1.00 1.25  ? 38 PRO A HD2  1 
ATOM 387  H HD3  . PRO A 1 22 ? -8.968  -10.081 -12.413 1.00 1.34  ? 38 PRO A HD3  1 
ATOM 388  N N    . PRO A 1 23 ? -13.482 -8.119  -9.757  1.00 1.04  ? 39 PRO A N    1 
ATOM 389  C CA   . PRO A 1 23 ? -14.081 -7.433  -8.582  1.00 0.97  ? 39 PRO A CA   1 
ATOM 390  C C    . PRO A 1 23 ? -13.806 -8.188  -7.277  1.00 0.91  ? 39 PRO A C    1 
ATOM 391  O O    . PRO A 1 23 ? -13.816 -7.620  -6.203  1.00 0.85  ? 39 PRO A O    1 
ATOM 392  C CB   . PRO A 1 23 ? -15.575 -7.447  -8.911  1.00 1.03  ? 39 PRO A CB   1 
ATOM 393  C CG   . PRO A 1 23 ? -15.783 -8.162  -10.253 1.00 1.12  ? 39 PRO A CG   1 
ATOM 394  C CD   . PRO A 1 23 ? -14.415 -8.531  -10.835 1.00 1.13  ? 39 PRO A CD   1 
ATOM 395  H HA   . PRO A 1 23 ? -13.732 -6.416  -8.516  1.00 0.96  ? 39 PRO A HA   1 
ATOM 396  H HB2  . PRO A 1 23 ? -16.112 -7.971  -8.133  1.00 1.02  ? 39 PRO A HB2  1 
ATOM 397  H HB3  . PRO A 1 23 ? -15.939 -6.433  -8.984  1.00 1.05  ? 39 PRO A HB3  1 
ATOM 398  H HG2  . PRO A 1 23 ? -16.367 -9.059  -10.099 1.00 1.14  ? 39 PRO A HG2  1 
ATOM 399  H HG3  . PRO A 1 23 ? -16.299 -7.506  -10.938 1.00 1.17  ? 39 PRO A HG3  1 
ATOM 400  H HD2  . PRO A 1 23 ? -14.353 -9.596  -11.018 1.00 1.16  ? 39 PRO A HD2  1 
ATOM 401  H HD3  . PRO A 1 23 ? -14.219 -7.971  -11.735 1.00 1.18  ? 39 PRO A HD3  1 
ATOM 402  N N    . VAL A 1 24 ? -13.560 -9.467  -7.367  1.00 0.95  ? 40 VAL A N    1 
ATOM 403  C CA   . VAL A 1 24 ? -13.291 -10.264 -6.138  1.00 0.93  ? 40 VAL A CA   1 
ATOM 404  C C    . VAL A 1 24 ? -11.827 -10.100 -5.734  1.00 0.89  ? 40 VAL A C    1 
ATOM 405  O O    . VAL A 1 24 ? -11.516 -9.777  -4.604  1.00 0.84  ? 40 VAL A O    1 
ATOM 406  C CB   . VAL A 1 24 ? -13.599 -11.740 -6.412  1.00 1.01  ? 40 VAL A CB   1 
ATOM 407  C CG1  . VAL A 1 24 ? -12.393 -12.423 -7.062  1.00 1.05  ? 40 VAL A CG1  1 
ATOM 408  C CG2  . VAL A 1 24 ? -13.934 -12.442 -5.094  1.00 1.03  ? 40 VAL A CG2  1 
ATOM 409  H H    . VAL A 1 24 ? -13.554 -9.903  -8.244  1.00 0.99  ? 40 VAL A H    1 
ATOM 410  H HA   . VAL A 1 24 ? -13.921 -9.910  -5.340  1.00 0.92  ? 40 VAL A HA   1 
ATOM 411  H HB   . VAL A 1 24 ? -14.445 -11.808 -7.082  1.00 1.04  ? 40 VAL A HB   1 
ATOM 412  H HG11 . VAL A 1 24 ? -12.104 -11.880 -7.946  1.00 1.46  ? 40 VAL A HG11 1 
ATOM 413  H HG12 . VAL A 1 24 ? -12.657 -13.435 -7.333  1.00 1.48  ? 40 VAL A HG12 1 
ATOM 414  H HG13 . VAL A 1 24 ? -11.569 -12.444 -6.363  1.00 1.44  ? 40 VAL A HG13 1 
ATOM 415  H HG21 . VAL A 1 24 ? -13.553 -11.859 -4.269  1.00 1.48  ? 40 VAL A HG21 1 
ATOM 416  H HG22 . VAL A 1 24 ? -13.479 -13.422 -5.082  1.00 1.61  ? 40 VAL A HG22 1 
ATOM 417  H HG23 . VAL A 1 24 ? -15.005 -12.542 -5.001  1.00 1.25  ? 40 VAL A HG23 1 
ATOM 418  N N    . ARG A 1 25 ? -10.927 -10.308 -6.650  1.00 0.92  ? 41 ARG A N    1 
ATOM 419  C CA   . ARG A 1 25 ? -9.485  -10.152 -6.320  1.00 0.91  ? 41 ARG A CA   1 
ATOM 420  C C    . ARG A 1 25 ? -9.195  -8.671  -6.100  1.00 0.84  ? 41 ARG A C    1 
ATOM 421  O O    . ARG A 1 25 ? -8.355  -8.298  -5.303  1.00 0.80  ? 41 ARG A O    1 
ATOM 422  C CB   . ARG A 1 25 ? -8.631  -10.678 -7.476  1.00 1.01  ? 41 ARG A CB   1 
ATOM 423  C CG   . ARG A 1 25 ? -7.233  -11.027 -6.961  1.00 1.37  ? 41 ARG A CG   1 
ATOM 424  C CD   . ARG A 1 25 ? -6.465  -11.788 -8.042  1.00 1.45  ? 41 ARG A CD   1 
ATOM 425  N NE   . ARG A 1 25 ? -7.023  -13.164 -8.172  1.00 1.95  ? 41 ARG A NE   1 
ATOM 426  C CZ   . ARG A 1 25 ? -6.728  -13.892 -9.214  1.00 2.45  ? 41 ARG A CZ   1 
ATOM 427  N NH1  . ARG A 1 25 ? -5.940  -13.417 -10.140 1.00 3.06  ? 41 ARG A NH1  1 
ATOM 428  N NH2  . ARG A 1 25 ? -7.220  -15.095 -9.330  1.00 2.81  ? 41 ARG A NH2  1 
ATOM 429  H H    . ARG A 1 25 ? -11.199 -10.556 -7.554  1.00 0.97  ? 41 ARG A H    1 
ATOM 430  H HA   . ARG A 1 25 ? -9.257  -10.704 -5.419  1.00 0.91  ? 41 ARG A HA   1 
ATOM 431  H HB2  . ARG A 1 25 ? -9.094  -11.560 -7.893  1.00 1.27  ? 41 ARG A HB2  1 
ATOM 432  H HB3  . ARG A 1 25 ? -8.552  -9.918  -8.240  1.00 1.08  ? 41 ARG A HB3  1 
ATOM 433  H HG2  . ARG A 1 25 ? -6.703  -10.118 -6.713  1.00 1.69  ? 41 ARG A HG2  1 
ATOM 434  H HG3  . ARG A 1 25 ? -7.318  -11.645 -6.080  1.00 1.72  ? 41 ARG A HG3  1 
ATOM 435  H HD2  . ARG A 1 25 ? -6.560  -11.270 -8.985  1.00 1.53  ? 41 ARG A HD2  1 
ATOM 436  H HD3  . ARG A 1 25 ? -5.421  -11.846 -7.768  1.00 1.66  ? 41 ARG A HD3  1 
ATOM 437  H HE   . ARG A 1 25 ? -7.612  -13.521 -7.476  1.00 2.36  ? 41 ARG A HE   1 
ATOM 438  H HH11 . ARG A 1 25 ? -5.563  -12.495 -10.051 1.00 3.03  ? 41 ARG A HH11 1 
ATOM 439  H HH12 . ARG A 1 25 ? -5.714  -13.975 -10.939 1.00 3.76  ? 41 ARG A HH12 1 
ATOM 440  H HH21 . ARG A 1 25 ? -7.823  -15.459 -8.621  1.00 2.78  ? 41 ARG A HH21 1 
ATOM 441  H HH22 . ARG A 1 25 ? -6.994  -15.652 -10.129 1.00 3.38  ? 41 ARG A HH22 1 
ATOM 442  N N    . LEU A 1 26 ? -9.900  -7.821  -6.794  1.00 0.83  ? 42 LEU A N    1 
ATOM 443  C CA   . LEU A 1 26 ? -9.682  -6.362  -6.622  1.00 0.79  ? 42 LEU A CA   1 
ATOM 444  C C    . LEU A 1 26 ? -10.402 -5.903  -5.361  1.00 0.73  ? 42 LEU A C    1 
ATOM 445  O O    . LEU A 1 26 ? -9.941  -5.028  -4.661  1.00 0.69  ? 42 LEU A O    1 
ATOM 446  C CB   . LEU A 1 26 ? -10.231 -5.600  -7.827  1.00 0.85  ? 42 LEU A CB   1 
ATOM 447  C CG   . LEU A 1 26 ? -9.618  -4.199  -7.847  1.00 0.85  ? 42 LEU A CG   1 
ATOM 448  C CD1  . LEU A 1 26 ? -8.436  -4.171  -8.817  1.00 0.94  ? 42 LEU A CD1  1 
ATOM 449  C CD2  . LEU A 1 26 ? -10.672 -3.188  -8.300  1.00 0.91  ? 42 LEU A CD2  1 
ATOM 450  H H    . LEU A 1 26 ? -10.580 -8.146  -7.421  1.00 0.87  ? 42 LEU A H    1 
ATOM 451  H HA   . LEU A 1 26 ? -8.624  -6.167  -6.524  1.00 0.80  ? 42 LEU A HA   1 
ATOM 452  H HB2  . LEU A 1 26 ? -9.972  -6.124  -8.736  1.00 0.92  ? 42 LEU A HB2  1 
ATOM 453  H HB3  . LEU A 1 26 ? -11.304 -5.520  -7.747  1.00 0.85  ? 42 LEU A HB3  1 
ATOM 454  H HG   . LEU A 1 26 ? -9.272  -3.946  -6.852  1.00 0.79  ? 42 LEU A HG   1 
ATOM 455  H HD11 . LEU A 1 26 ? -7.620  -4.745  -8.406  1.00 1.36  ? 42 LEU A HD11 1 
ATOM 456  H HD12 . LEU A 1 26 ? -8.118  -3.150  -8.967  1.00 1.43  ? 42 LEU A HD12 1 
ATOM 457  H HD13 . LEU A 1 26 ? -8.738  -4.596  -9.762  1.00 1.39  ? 42 LEU A HD13 1 
ATOM 458  H HD21 . LEU A 1 26 ? -11.090 -3.503  -9.244  1.00 1.42  ? 42 LEU A HD21 1 
ATOM 459  H HD22 . LEU A 1 26 ? -10.213 -2.216  -8.416  1.00 1.38  ? 42 LEU A HD22 1 
ATOM 460  H HD23 . LEU A 1 26 ? -11.457 -3.129  -7.559  1.00 1.32  ? 42 LEU A HD23 1 
ATOM 461  N N    . ALA A 1 27 ? -11.524 -6.490  -5.053  1.00 0.74  ? 43 ALA A N    1 
ATOM 462  C CA   . ALA A 1 27 ? -12.244 -6.083  -3.819  1.00 0.72  ? 43 ALA A CA   1 
ATOM 463  C C    . ALA A 1 27 ? -11.429 -6.556  -2.618  1.00 0.68  ? 43 ALA A C    1 
ATOM 464  O O    . ALA A 1 27 ? -11.379 -5.910  -1.590  1.00 0.66  ? 43 ALA A O    1 
ATOM 465  C CB   . ALA A 1 27 ? -13.633 -6.725  -3.790  1.00 0.79  ? 43 ALA A CB   1 
ATOM 466  H H    . ALA A 1 27 ? -11.886 -7.202  -5.624  1.00 0.77  ? 43 ALA A H    1 
ATOM 467  H HA   . ALA A 1 27 ? -12.335 -5.006  -3.792  1.00 0.72  ? 43 ALA A HA   1 
ATOM 468  H HB1  . ALA A 1 27 ? -13.546 -7.779  -4.012  1.00 1.21  ? 43 ALA A HB1  1 
ATOM 469  H HB2  . ALA A 1 27 ? -14.263 -6.253  -4.528  1.00 1.29  ? 43 ALA A HB2  1 
ATOM 470  H HB3  . ALA A 1 27 ? -14.068 -6.598  -2.810  1.00 1.37  ? 43 ALA A HB3  1 
ATOM 471  N N    . GLU A 1 28 ? -10.771 -7.676  -2.753  1.00 0.71  ? 44 GLU A N    1 
ATOM 472  C CA   . GLU A 1 28 ? -9.937  -8.189  -1.633  1.00 0.72  ? 44 GLU A CA   1 
ATOM 473  C C    . GLU A 1 28 ? -8.660  -7.356  -1.556  1.00 0.66  ? 44 GLU A C    1 
ATOM 474  O O    . GLU A 1 28 ? -8.189  -7.013  -0.490  1.00 0.62  ? 44 GLU A O    1 
ATOM 475  C CB   . GLU A 1 28 ? -9.580  -9.655  -1.889  1.00 0.81  ? 44 GLU A CB   1 
ATOM 476  C CG   . GLU A 1 28 ? -9.131  -10.308 -0.579  1.00 1.31  ? 44 GLU A CG   1 
ATOM 477  C CD   . GLU A 1 28 ? -10.358 -10.786 0.200   1.00 1.53  ? 44 GLU A CD   1 
ATOM 478  O OE1  . GLU A 1 28 ? -11.131 -11.545 -0.360  1.00 2.03  ? 44 GLU A OE1  1 
ATOM 479  O OE2  . GLU A 1 28 ? -10.502 -10.386 1.343   1.00 2.03  ? 44 GLU A OE2  1 
ATOM 480  H H    . GLU A 1 28 ? -10.815 -8.172  -3.598  1.00 0.75  ? 44 GLU A H    1 
ATOM 481  H HA   . GLU A 1 28 ? -10.482 -8.104  -0.707  1.00 0.74  ? 44 GLU A HA   1 
ATOM 482  H HB2  . GLU A 1 28 ? -10.446 -10.176 -2.272  1.00 1.15  ? 44 GLU A HB2  1 
ATOM 483  H HB3  . GLU A 1 28 ? -8.778  -9.711  -2.609  1.00 1.08  ? 44 GLU A HB3  1 
ATOM 484  H HG2  . GLU A 1 28 ? -8.491  -11.151 -0.798  1.00 1.82  ? 44 GLU A HG2  1 
ATOM 485  H HG3  . GLU A 1 28 ? -8.589  -9.588  0.014   1.00 1.92  ? 44 GLU A HG3  1 
ATOM 486  N N    . LEU A 1 29 ? -8.102  -7.018  -2.686  1.00 0.67  ? 45 LEU A N    1 
ATOM 487  C CA   . LEU A 1 29 ? -6.862  -6.194  -2.689  1.00 0.65  ? 45 LEU A CA   1 
ATOM 488  C C    . LEU A 1 29 ? -7.206  -4.778  -2.226  1.00 0.57  ? 45 LEU A C    1 
ATOM 489  O O    . LEU A 1 29 ? -6.519  -4.197  -1.410  1.00 0.56  ? 45 LEU A O    1 
ATOM 490  C CB   . LEU A 1 29 ? -6.282  -6.144  -4.104  1.00 0.74  ? 45 LEU A CB   1 
ATOM 491  C CG   . LEU A 1 29 ? -4.974  -5.351  -4.091  1.00 0.75  ? 45 LEU A CG   1 
ATOM 492  C CD1  . LEU A 1 29 ? -3.809  -6.293  -3.782  1.00 0.97  ? 45 LEU A CD1  1 
ATOM 493  C CD2  . LEU A 1 29 ? -4.756  -4.707  -5.463  1.00 0.86  ? 45 LEU A CD2  1 
ATOM 494  H H    . LEU A 1 29 ? -8.506  -7.300  -3.534  1.00 0.72  ? 45 LEU A H    1 
ATOM 495  H HA   . LEU A 1 29 ? -6.138  -6.628  -2.015  1.00 0.66  ? 45 LEU A HA   1 
ATOM 496  H HB2  . LEU A 1 29 ? -6.092  -7.149  -4.451  1.00 0.83  ? 45 LEU A HB2  1 
ATOM 497  H HB3  . LEU A 1 29 ? -6.986  -5.662  -4.765  1.00 0.76  ? 45 LEU A HB3  1 
ATOM 498  H HG   . LEU A 1 29 ? -5.026  -4.583  -3.334  1.00 0.77  ? 45 LEU A HG   1 
ATOM 499  H HD11 . LEU A 1 29 ? -3.875  -7.166  -4.414  1.00 1.49  ? 45 LEU A HD11 1 
ATOM 500  H HD12 . LEU A 1 29 ? -3.856  -6.594  -2.746  1.00 1.45  ? 45 LEU A HD12 1 
ATOM 501  H HD13 . LEU A 1 29 ? -2.875  -5.783  -3.968  1.00 1.37  ? 45 LEU A HD13 1 
ATOM 502  H HD21 . LEU A 1 29 ? -3.698  -4.633  -5.662  1.00 1.38  ? 45 LEU A HD21 1 
ATOM 503  H HD22 . LEU A 1 29 ? -5.193  -3.719  -5.470  1.00 1.25  ? 45 LEU A HD22 1 
ATOM 504  H HD23 . LEU A 1 29 ? -5.225  -5.313  -6.224  1.00 1.43  ? 45 LEU A HD23 1 
ATOM 505  N N    . HIS A 1 30 ? -8.269  -4.218  -2.739  1.00 0.59  ? 46 HIS A N    1 
ATOM 506  C CA   . HIS A 1 30 ? -8.663  -2.843  -2.327  1.00 0.57  ? 46 HIS A CA   1 
ATOM 507  C C    . HIS A 1 30 ? -9.009  -2.842  -0.837  1.00 0.53  ? 46 HIS A C    1 
ATOM 508  O O    . HIS A 1 30 ? -8.626  -1.954  -0.102  1.00 0.51  ? 46 HIS A O    1 
ATOM 509  C CB   . HIS A 1 30 ? -9.885  -2.402  -3.135  1.00 0.63  ? 46 HIS A CB   1 
ATOM 510  C CG   . HIS A 1 30 ? -10.155 -0.942  -2.890  1.00 0.66  ? 46 HIS A CG   1 
ATOM 511  N ND1  . HIS A 1 30 ? -11.186 -0.508  -2.072  1.00 0.71  ? 46 HIS A ND1  1 
ATOM 512  C CD2  . HIS A 1 30 ? -9.539  0.196   -3.352  1.00 0.69  ? 46 HIS A CD2  1 
ATOM 513  C CE1  . HIS A 1 30 ? -11.162 0.837   -2.067  1.00 0.76  ? 46 HIS A CE1  1 
ATOM 514  N NE2  . HIS A 1 30 ? -10.177 1.318   -2.830  1.00 0.74  ? 46 HIS A NE2  1 
ATOM 515  H H    . HIS A 1 30 ? -8.811  -4.705  -3.395  1.00 0.68  ? 46 HIS A H    1 
ATOM 516  H HA   . HIS A 1 30 ? -7.845  -2.163  -2.508  1.00 0.57  ? 46 HIS A HA   1 
ATOM 517  H HB2  . HIS A 1 30 ? -9.697  -2.560  -4.187  1.00 0.67  ? 46 HIS A HB2  1 
ATOM 518  H HB3  . HIS A 1 30 ? -10.745 -2.980  -2.833  1.00 0.64  ? 46 HIS A HB3  1 
ATOM 519  H HD1  . HIS A 1 30 ? -11.818 -1.079  -1.586  1.00 0.74  ? 46 HIS A HD1  1 
ATOM 520  H HD2  . HIS A 1 30 ? -8.691  0.219   -4.018  1.00 0.71  ? 46 HIS A HD2  1 
ATOM 521  H HE1  . HIS A 1 30 ? -11.856 1.453   -1.514  1.00 0.83  ? 46 HIS A HE1  1 
ATOM 522  N N    . ALA A 1 31 ? -9.730  -3.833  -0.382  1.00 0.56  ? 47 ALA A N    1 
ATOM 523  C CA   . ALA A 1 31 ? -10.093 -3.885  1.062   1.00 0.59  ? 47 ALA A CA   1 
ATOM 524  C C    . ALA A 1 31 ? -8.821  -4.032  1.895   1.00 0.54  ? 47 ALA A C    1 
ATOM 525  O O    . ALA A 1 31 ? -8.512  -3.206  2.732   1.00 0.53  ? 47 ALA A O    1 
ATOM 526  C CB   . ALA A 1 31 ? -11.011 -5.081  1.315   1.00 0.67  ? 47 ALA A CB   1 
ATOM 527  H H    . ALA A 1 31 ? -10.028 -4.542  -0.990  1.00 0.58  ? 47 ALA A H    1 
ATOM 528  H HA   . ALA A 1 31 ? -10.599 -2.977  1.339   1.00 0.62  ? 47 ALA A HA   1 
ATOM 529  H HB1  . ALA A 1 31 ? -11.219 -5.159  2.372   1.00 1.24  ? 47 ALA A HB1  1 
ATOM 530  H HB2  . ALA A 1 31 ? -10.527 -5.986  0.976   1.00 1.12  ? 47 ALA A HB2  1 
ATOM 531  H HB3  . ALA A 1 31 ? -11.937 -4.946  0.775   1.00 1.32  ? 47 ALA A HB3  1 
ATOM 532  N N    . ASP A 1 32 ? -8.073  -5.071  1.663   1.00 0.53  ? 48 ASP A N    1 
ATOM 533  C CA   . ASP A 1 32 ? -6.815  -5.258  2.436   1.00 0.52  ? 48 ASP A CA   1 
ATOM 534  C C    . ASP A 1 32 ? -5.965  -3.997  2.295   1.00 0.43  ? 48 ASP A C    1 
ATOM 535  O O    . ASP A 1 32 ? -5.419  -3.490  3.255   1.00 0.42  ? 48 ASP A O    1 
ATOM 536  C CB   . ASP A 1 32 ? -6.047  -6.462  1.886   1.00 0.60  ? 48 ASP A CB   1 
ATOM 537  C CG   . ASP A 1 32 ? -6.811  -7.748  2.208   1.00 0.75  ? 48 ASP A CG   1 
ATOM 538  O OD1  . ASP A 1 32 ? -7.396  -7.813  3.276   1.00 1.32  ? 48 ASP A OD1  1 
ATOM 539  O OD2  . ASP A 1 32 ? -6.797  -8.645  1.382   1.00 1.31  ? 48 ASP A OD2  1 
ATOM 540  H H    . ASP A 1 32 ? -8.334  -5.718  0.978   1.00 0.56  ? 48 ASP A H    1 
ATOM 541  H HA   . ASP A 1 32 ? -7.052  -5.422  3.478   1.00 0.56  ? 48 ASP A HA   1 
ATOM 542  H HB2  . ASP A 1 32 ? -5.943  -6.363  0.814   1.00 0.62  ? 48 ASP A HB2  1 
ATOM 543  H HB3  . ASP A 1 32 ? -5.068  -6.504  2.341   1.00 0.60  ? 48 ASP A HB3  1 
ATOM 544  N N    . LEU A 1 33 ? -5.864  -3.476  1.102   1.00 0.42  ? 49 LEU A N    1 
ATOM 545  C CA   . LEU A 1 33 ? -5.064  -2.239  0.900   1.00 0.40  ? 49 LEU A CA   1 
ATOM 546  C C    . LEU A 1 33 ? -5.678  -1.121  1.739   1.00 0.38  ? 49 LEU A C    1 
ATOM 547  O O    . LEU A 1 33 ? -4.984  -0.271  2.257   1.00 0.38  ? 49 LEU A O    1 
ATOM 548  C CB   . LEU A 1 33 ? -5.081  -1.844  -0.578  1.00 0.47  ? 49 LEU A CB   1 
ATOM 549  C CG   . LEU A 1 33 ? -3.985  -2.608  -1.323  1.00 0.55  ? 49 LEU A CG   1 
ATOM 550  C CD1  . LEU A 1 33 ? -4.034  -2.253  -2.810  1.00 0.74  ? 49 LEU A CD1  1 
ATOM 551  C CD2  . LEU A 1 33 ? -2.617  -2.223  -0.755  1.00 0.75  ? 49 LEU A CD2  1 
ATOM 552  H H    . LEU A 1 33 ? -6.322  -3.894  0.343   1.00 0.45  ? 49 LEU A H    1 
ATOM 553  H HA   . LEU A 1 33 ? -4.047  -2.412  1.219   1.00 0.43  ? 49 LEU A HA   1 
ATOM 554  H HB2  . LEU A 1 33 ? -6.044  -2.084  -1.004  1.00 0.49  ? 49 LEU A HB2  1 
ATOM 555  H HB3  . LEU A 1 33 ? -4.902  -0.783  -0.668  1.00 0.52  ? 49 LEU A HB3  1 
ATOM 556  H HG   . LEU A 1 33 ? -4.141  -3.671  -1.202  1.00 0.67  ? 49 LEU A HG   1 
ATOM 557  H HD11 . LEU A 1 33 ? -3.730  -1.225  -2.945  1.00 1.24  ? 49 LEU A HD11 1 
ATOM 558  H HD12 . LEU A 1 33 ? -5.040  -2.383  -3.178  1.00 1.34  ? 49 LEU A HD12 1 
ATOM 559  H HD13 . LEU A 1 33 ? -3.364  -2.900  -3.357  1.00 1.29  ? 49 LEU A HD13 1 
ATOM 560  H HD21 . LEU A 1 33 ? -1.910  -2.108  -1.563  1.00 1.27  ? 49 LEU A HD21 1 
ATOM 561  H HD22 . LEU A 1 33 ? -2.275  -2.996  -0.083  1.00 1.41  ? 49 LEU A HD22 1 
ATOM 562  H HD23 . LEU A 1 33 ? -2.701  -1.290  -0.216  1.00 1.19  ? 49 LEU A HD23 1 
ATOM 563  N N    . LYS A 1 34 ? -6.976  -1.123  1.894   1.00 0.42  ? 50 LYS A N    1 
ATOM 564  C CA   . LYS A 1 34 ? -7.620  -0.066  2.719   1.00 0.49  ? 50 LYS A CA   1 
ATOM 565  C C    . LYS A 1 34 ? -7.117  -0.208  4.152   1.00 0.50  ? 50 LYS A C    1 
ATOM 566  O O    . LYS A 1 34 ? -6.554  0.709   4.712   1.00 0.52  ? 50 LYS A O    1 
ATOM 567  C CB   . LYS A 1 34 ? -9.143  -0.222  2.685   1.00 0.59  ? 50 LYS A CB   1 
ATOM 568  C CG   . LYS A 1 34 ? -9.655  0.052   1.267   1.00 0.63  ? 50 LYS A CG   1 
ATOM 569  C CD   . LYS A 1 34 ? -10.535 1.304   1.271   1.00 1.05  ? 50 LYS A CD   1 
ATOM 570  C CE   . LYS A 1 34 ? -11.937 0.941   1.761   1.00 0.93  ? 50 LYS A CE   1 
ATOM 571  N NZ   . LYS A 1 34 ? -12.388 1.946   2.767   1.00 1.61  ? 50 LYS A NZ   1 
ATOM 572  H H    . LYS A 1 34 ? -7.521  -1.825  1.478   1.00 0.43  ? 50 LYS A H    1 
ATOM 573  H HA   . LYS A 1 34 ? -7.345  0.907   2.337   1.00 0.52  ? 50 LYS A HA   1 
ATOM 574  H HB2  . LYS A 1 34 ? -9.409  -1.228  2.976   1.00 0.61  ? 50 LYS A HB2  1 
ATOM 575  H HB3  . LYS A 1 34 ? -9.592  0.480   3.370   1.00 0.69  ? 50 LYS A HB3  1 
ATOM 576  H HG2  . LYS A 1 34 ? -8.815  0.202   0.604   1.00 1.01  ? 50 LYS A HG2  1 
ATOM 577  H HG3  . LYS A 1 34 ? -10.236 -0.791  0.926   1.00 0.92  ? 50 LYS A HG3  1 
ATOM 578  H HD2  . LYS A 1 34 ? -10.103 2.048   1.926   1.00 1.70  ? 50 LYS A HD2  1 
ATOM 579  H HD3  . LYS A 1 34 ? -10.597 1.702   0.269   1.00 1.68  ? 50 LYS A HD3  1 
ATOM 580  H HE2  . LYS A 1 34 ? -12.622 0.938   0.925   1.00 1.49  ? 50 LYS A HE2  1 
ATOM 581  H HE3  . LYS A 1 34 ? -11.917 -0.038  2.214   1.00 1.40  ? 50 LYS A HE3  1 
ATOM 582  H HZ1  . LYS A 1 34 ? -13.291 2.359   2.464   1.00 2.06  ? 50 LYS A HZ1  1 
ATOM 583  H HZ2  . LYS A 1 34 ? -11.671 2.696   2.851   1.00 2.19  ? 50 LYS A HZ2  1 
ATOM 584  H HZ3  . LYS A 1 34 ? -12.514 1.482   3.688   1.00 2.07  ? 50 LYS A HZ3  1 
ATOM 585  N N    . ILE A 1 35 ? -7.284  -1.358  4.746   1.00 0.52  ? 51 ILE A N    1 
ATOM 586  C CA   . ILE A 1 35 ? -6.773  -1.533  6.132   1.00 0.58  ? 51 ILE A CA   1 
ATOM 587  C C    . ILE A 1 35 ? -5.345  -0.999  6.158   1.00 0.52  ? 51 ILE A C    1 
ATOM 588  O O    . ILE A 1 35 ? -4.956  -0.251  7.039   1.00 0.56  ? 51 ILE A O    1 
ATOM 589  C CB   . ILE A 1 35 ? -6.778  -3.015  6.507   1.00 0.63  ? 51 ILE A CB   1 
ATOM 590  C CG1  . ILE A 1 35 ? -8.195  -3.431  6.903   1.00 0.74  ? 51 ILE A CG1  1 
ATOM 591  C CG2  . ILE A 1 35 ? -5.832  -3.247  7.686   1.00 0.68  ? 51 ILE A CG2  1 
ATOM 592  C CD1  . ILE A 1 35 ? -9.127  -3.256  5.705   1.00 0.71  ? 51 ILE A CD1  1 
ATOM 593  H H    . ILE A 1 35 ? -7.722  -2.102  4.277   1.00 0.52  ? 51 ILE A H    1 
ATOM 594  H HA   . ILE A 1 35 ? -7.387  -0.973  6.822   1.00 0.67  ? 51 ILE A HA   1 
ATOM 595  H HB   . ILE A 1 35 ? -6.450  -3.603  5.662   1.00 0.58  ? 51 ILE A HB   1 
ATOM 596  H HG12 . ILE A 1 35 ? -8.193  -4.467  7.212   1.00 0.79  ? 51 ILE A HG12 1 
ATOM 597  H HG13 . ILE A 1 35 ? -8.539  -2.813  7.718   1.00 0.82  ? 51 ILE A HG13 1 
ATOM 598  H HG21 . ILE A 1 35 ? -5.954  -4.256  8.052   1.00 1.31  ? 51 ILE A HG21 1 
ATOM 599  H HG22 . ILE A 1 35 ? -6.063  -2.548  8.477   1.00 1.12  ? 51 ILE A HG22 1 
ATOM 600  H HG23 . ILE A 1 35 ? -4.811  -3.102  7.364   1.00 1.21  ? 51 ILE A HG23 1 
ATOM 601  H HD11 . ILE A 1 35 ? -8.705  -3.759  4.847   1.00 1.25  ? 51 ILE A HD11 1 
ATOM 602  H HD12 . ILE A 1 35 ? -9.238  -2.204  5.486   1.00 1.17  ? 51 ILE A HD12 1 
ATOM 603  H HD13 . ILE A 1 35 ? -10.091 -3.681  5.933   1.00 1.28  ? 51 ILE A HD13 1 
ATOM 604  N N    . GLN A 1 36 ? -4.568  -1.361  5.173   1.00 0.45  ? 52 GLN A N    1 
ATOM 605  C CA   . GLN A 1 36 ? -3.172  -0.860  5.105   1.00 0.43  ? 52 GLN A CA   1 
ATOM 606  C C    . GLN A 1 36 ? -3.214  0.659   4.967   1.00 0.42  ? 52 GLN A C    1 
ATOM 607  O O    . GLN A 1 36 ? -2.321  1.359   5.399   1.00 0.45  ? 52 GLN A O    1 
ATOM 608  C CB   . GLN A 1 36 ? -2.467  -1.471  3.892   1.00 0.44  ? 52 GLN A CB   1 
ATOM 609  C CG   . GLN A 1 36 ? -0.956  -1.470  4.123   1.00 0.56  ? 52 GLN A CG   1 
ATOM 610  C CD   . GLN A 1 36 ? -0.620  -2.377  5.308   1.00 0.74  ? 52 GLN A CD   1 
ATOM 611  O OE1  . GLN A 1 36 ? -0.585  -3.584  5.173   1.00 1.27  ? 52 GLN A OE1  1 
ATOM 612  N NE2  . GLN A 1 36 ? -0.370  -1.844  6.473   1.00 0.80  ? 52 GLN A NE2  1 
ATOM 613  H H    . GLN A 1 36 ? -4.913  -1.946  4.466   1.00 0.45  ? 52 GLN A H    1 
ATOM 614  H HA   . GLN A 1 36 ? -2.644  -1.130  6.009   1.00 0.48  ? 52 GLN A HA   1 
ATOM 615  H HB2  . GLN A 1 36 ? -2.811  -2.484  3.749   1.00 0.50  ? 52 GLN A HB2  1 
ATOM 616  H HB3  . GLN A 1 36 ? -2.694  -0.886  3.012   1.00 0.43  ? 52 GLN A HB3  1 
ATOM 617  H HG2  . GLN A 1 36 ? -0.458  -1.835  3.238   1.00 0.67  ? 52 GLN A HG2  1 
ATOM 618  H HG3  . GLN A 1 36 ? -0.624  -0.465  4.336   1.00 0.62  ? 52 GLN A HG3  1 
ATOM 619  H HE21 . GLN A 1 36 ? -0.399  -0.870  6.582   1.00 1.09  ? 52 GLN A HE21 1 
ATOM 620  H HE22 . GLN A 1 36 ? -0.154  -2.415  7.238   1.00 0.92  ? 52 GLN A HE22 1 
ATOM 621  N N    . GLU A 1 37 ? -4.261  1.179   4.377   1.00 0.43  ? 53 GLU A N    1 
ATOM 622  C CA   . GLU A 1 37 ? -4.369  2.654   4.230   1.00 0.49  ? 53 GLU A CA   1 
ATOM 623  C C    . GLU A 1 37 ? -4.708  3.251   5.592   1.00 0.57  ? 53 GLU A C    1 
ATOM 624  O O    . GLU A 1 37 ? -4.206  4.289   5.968   1.00 0.65  ? 53 GLU A O    1 
ATOM 625  C CB   . GLU A 1 37 ? -5.469  3.007   3.227   1.00 0.55  ? 53 GLU A CB   1 
ATOM 626  C CG   . GLU A 1 37 ? -5.649  4.528   3.188   1.00 0.66  ? 53 GLU A CG   1 
ATOM 627  C CD   . GLU A 1 37 ? -7.092  4.885   3.550   1.00 0.87  ? 53 GLU A CD   1 
ATOM 628  O OE1  . GLU A 1 37 ? -7.680  4.161   4.337   1.00 1.36  ? 53 GLU A OE1  1 
ATOM 629  O OE2  . GLU A 1 37 ? -7.585  5.875   3.036   1.00 1.40  ? 53 GLU A OE2  1 
ATOM 630  H H    . GLU A 1 37 ? -4.978  0.599   4.044   1.00 0.42  ? 53 GLU A H    1 
ATOM 631  H HA   . GLU A 1 37 ? -3.427  3.051   3.886   1.00 0.49  ? 53 GLU A HA   1 
ATOM 632  H HB2  . GLU A 1 37 ? -5.191  2.651   2.246   1.00 0.54  ? 53 GLU A HB2  1 
ATOM 633  H HB3  . GLU A 1 37 ? -6.396  2.546   3.529   1.00 0.58  ? 53 GLU A HB3  1 
ATOM 634  H HG2  . GLU A 1 37 ? -4.974  4.989   3.898   1.00 0.75  ? 53 GLU A HG2  1 
ATOM 635  H HG3  . GLU A 1 37 ? -5.427  4.891   2.197   1.00 0.75  ? 53 GLU A HG3  1 
ATOM 636  N N    . ARG A 1 38 ? -5.548  2.594   6.346   1.00 0.61  ? 54 ARG A N    1 
ATOM 637  C CA   . ARG A 1 38 ? -5.897  3.121   7.691   1.00 0.73  ? 54 ARG A CA   1 
ATOM 638  C C    . ARG A 1 38 ? -4.618  3.194   8.523   1.00 0.71  ? 54 ARG A C    1 
ATOM 639  O O    . ARG A 1 38 ? -4.323  4.193   9.150   1.00 0.78  ? 54 ARG A O    1 
ATOM 640  C CB   . ARG A 1 38 ? -6.896  2.182   8.371   1.00 0.81  ? 54 ARG A CB   1 
ATOM 641  C CG   . ARG A 1 38 ? -8.285  2.383   7.760   1.00 0.87  ? 54 ARG A CG   1 
ATOM 642  C CD   . ARG A 1 38 ? -9.244  2.907   8.831   1.00 1.10  ? 54 ARG A CD   1 
ATOM 643  N NE   . ARG A 1 38 ? -10.647 2.775   8.349   1.00 1.74  ? 54 ARG A NE   1 
ATOM 644  C CZ   . ARG A 1 38 ? -11.638 2.875   9.191   1.00 2.23  ? 54 ARG A CZ   1 
ATOM 645  N NH1  . ARG A 1 38 ? -11.400 3.089   10.457  1.00 2.47  ? 54 ARG A NH1  1 
ATOM 646  N NH2  . ARG A 1 38 ? -12.867 2.760   8.769   1.00 2.97  ? 54 ARG A NH2  1 
ATOM 647  H H    . ARG A 1 38 ? -5.936  1.748   6.032   1.00 0.61  ? 54 ARG A H    1 
ATOM 648  H HA   . ARG A 1 38 ? -6.326  4.107   7.597   1.00 0.79  ? 54 ARG A HA   1 
ATOM 649  H HB2  . ARG A 1 38 ? -6.582  1.158   8.225   1.00 0.76  ? 54 ARG A HB2  1 
ATOM 650  H HB3  . ARG A 1 38 ? -6.933  2.400   9.427   1.00 0.89  ? 54 ARG A HB3  1 
ATOM 651  H HG2  . ARG A 1 38 ? -8.223  3.096   6.951   1.00 1.00  ? 54 ARG A HG2  1 
ATOM 652  H HG3  . ARG A 1 38 ? -8.651  1.440   7.383   1.00 0.98  ? 54 ARG A HG3  1 
ATOM 653  H HD2  . ARG A 1 38 ? -9.119  2.334   9.737   1.00 1.56  ? 54 ARG A HD2  1 
ATOM 654  H HD3  . ARG A 1 38 ? -9.028  3.946   9.030   1.00 1.62  ? 54 ARG A HD3  1 
ATOM 655  H HE   . ARG A 1 38 ? -10.826 2.613   7.399   1.00 2.35  ? 54 ARG A HE   1 
ATOM 656  H HH11 . ARG A 1 38 ? -10.458 3.177   10.781  1.00 2.39  ? 54 ARG A HH11 1 
ATOM 657  H HH12 . ARG A 1 38 ? -12.160 3.165   11.102  1.00 3.04  ? 54 ARG A HH12 1 
ATOM 658  H HH21 . ARG A 1 38 ? -13.050 2.596   7.799   1.00 3.18  ? 54 ARG A HH21 1 
ATOM 659  H HH22 . ARG A 1 38 ? -13.627 2.837   9.415   1.00 3.53  ? 54 ARG A HH22 1 
ATOM 660  N N    . ASP A 1 39 ? -3.847  2.139   8.520   1.00 0.62  ? 55 ASP A N    1 
ATOM 661  C CA   . ASP A 1 39 ? -2.579  2.142   9.299   1.00 0.62  ? 55 ASP A CA   1 
ATOM 662  C C    . ASP A 1 39 ? -1.582  3.097   8.636   1.00 0.57  ? 55 ASP A C    1 
ATOM 663  O O    . ASP A 1 39 ? -0.964  3.916   9.289   1.00 0.61  ? 55 ASP A O    1 
ATOM 664  C CB   . ASP A 1 39 ? -1.992  0.730   9.325   1.00 0.60  ? 55 ASP A CB   1 
ATOM 665  C CG   . ASP A 1 39 ? -3.010  -0.235  9.935   1.00 0.71  ? 55 ASP A CG   1 
ATOM 666  O OD1  . ASP A 1 39 ? -3.567  0.097   10.968  1.00 1.36  ? 55 ASP A OD1  1 
ATOM 667  O OD2  . ASP A 1 39 ? -3.217  -1.290  9.358   1.00 1.19  ? 55 ASP A OD2  1 
ATOM 668  H H    . ASP A 1 39 ? -4.102  1.347   7.997   1.00 0.57  ? 55 ASP A H    1 
ATOM 669  H HA   . ASP A 1 39 ? -2.776  2.471   10.308  1.00 0.71  ? 55 ASP A HA   1 
ATOM 670  H HB2  . ASP A 1 39 ? -1.758  0.418   8.317   1.00 0.54  ? 55 ASP A HB2  1 
ATOM 671  H HB3  . ASP A 1 39 ? -1.093  0.725   9.922   1.00 0.62  ? 55 ASP A HB3  1 
ATOM 672  N N    . GLU A 1 40 ? -1.422  3.003   7.343   1.00 0.51  ? 56 GLU A N    1 
ATOM 673  C CA   . GLU A 1 40 ? -0.467  3.909   6.645   1.00 0.51  ? 56 GLU A CA   1 
ATOM 674  C C    . GLU A 1 40 ? -0.867  5.358   6.911   1.00 0.59  ? 56 GLU A C    1 
ATOM 675  O O    . GLU A 1 40 ? -0.134  6.116   7.508   1.00 0.63  ? 56 GLU A O    1 
ATOM 676  C CB   . GLU A 1 40 ? -0.494  3.633   5.141   1.00 0.49  ? 56 GLU A CB   1 
ATOM 677  C CG   . GLU A 1 40 ? 0.308   2.363   4.841   1.00 0.56  ? 56 GLU A CG   1 
ATOM 678  C CD   . GLU A 1 40 ? 1.804   2.686   4.853   1.00 1.07  ? 56 GLU A CD   1 
ATOM 679  O OE1  . GLU A 1 40 ? 2.299   3.071   5.898   1.00 1.77  ? 56 GLU A OE1  1 
ATOM 680  O OE2  . GLU A 1 40 ? 2.429   2.541   3.816   1.00 1.51  ? 56 GLU A OE2  1 
ATOM 681  H H    . GLU A 1 40 ? -1.930  2.338   6.833   1.00 0.49  ? 56 GLU A H    1 
ATOM 682  H HA   . GLU A 1 40 ? 0.526   3.742   7.024   1.00 0.52  ? 56 GLU A HA   1 
ATOM 683  H HB2  . GLU A 1 40 ? -1.514  3.499   4.820   1.00 0.53  ? 56 GLU A HB2  1 
ATOM 684  H HB3  . GLU A 1 40 ? -0.056  4.466   4.613   1.00 0.56  ? 56 GLU A HB3  1 
ATOM 685  H HG2  . GLU A 1 40 ? 0.094   1.617   5.592   1.00 0.75  ? 56 GLU A HG2  1 
ATOM 686  H HG3  . GLU A 1 40 ? 0.031   1.986   3.869   1.00 0.82  ? 56 GLU A HG3  1 
ATOM 687  N N    . LEU A 1 41 ? -2.032  5.752   6.494   1.00 0.63  ? 57 LEU A N    1 
ATOM 688  C CA   . LEU A 1 41 ? -2.453  7.150   6.761   1.00 0.74  ? 57 LEU A CA   1 
ATOM 689  C C    . LEU A 1 41 ? -2.164  7.438   8.230   1.00 0.79  ? 57 LEU A C    1 
ATOM 690  O O    . LEU A 1 41 ? -1.436  8.350   8.572   1.00 0.84  ? 57 LEU A O    1 
ATOM 691  C CB   . LEU A 1 41 ? -3.951  7.308   6.488   1.00 0.81  ? 57 LEU A CB   1 
ATOM 692  C CG   . LEU A 1 41 ? -4.190  7.443   4.983   1.00 0.82  ? 57 LEU A CG   1 
ATOM 693  C CD1  . LEU A 1 41 ? -5.669  7.206   4.679   1.00 1.36  ? 57 LEU A CD1  1 
ATOM 694  C CD2  . LEU A 1 41 ? -3.803  8.852   4.528   1.00 1.31  ? 57 LEU A CD2  1 
ATOM 695  H H    . LEU A 1 41 ? -2.629  5.132   6.028   1.00 0.60  ? 57 LEU A H    1 
ATOM 696  H HA   . LEU A 1 41 ? -1.886  7.826   6.138   1.00 0.76  ? 57 LEU A HA   1 
ATOM 697  H HB2  . LEU A 1 41 ? -4.477  6.442   6.860   1.00 0.81  ? 57 LEU A HB2  1 
ATOM 698  H HB3  . LEU A 1 41 ? -4.316  8.192   6.990   1.00 0.91  ? 57 LEU A HB3  1 
ATOM 699  H HG   . LEU A 1 41 ? -3.592  6.715   4.456   1.00 1.13  ? 57 LEU A HG   1 
ATOM 700  H HD11 . LEU A 1 41 ? -5.792  7.008   3.625   1.00 1.88  ? 57 LEU A HD11 1 
ATOM 701  H HD12 . LEU A 1 41 ? -6.237  8.085   4.948   1.00 1.97  ? 57 LEU A HD12 1 
ATOM 702  H HD13 . LEU A 1 41 ? -6.024  6.361   5.250   1.00 1.73  ? 57 LEU A HD13 1 
ATOM 703  H HD21 . LEU A 1 41 ? -4.265  9.060   3.576   1.00 1.76  ? 57 LEU A HD21 1 
ATOM 704  H HD22 . LEU A 1 41 ? -2.730  8.917   4.430   1.00 1.84  ? 57 LEU A HD22 1 
ATOM 705  H HD23 . LEU A 1 41 ? -4.143  9.572   5.258   1.00 1.81  ? 57 LEU A HD23 1 
ATOM 706  N N    . ALA A 1 42 ? -2.705  6.644   9.107   1.00 0.79  ? 58 ALA A N    1 
ATOM 707  C CA   . ALA A 1 42 ? -2.432  6.862   10.548  1.00 0.86  ? 58 ALA A CA   1 
ATOM 708  C C    . ALA A 1 42 ? -0.934  7.111   10.715  1.00 0.82  ? 58 ALA A C    1 
ATOM 709  O O    . ALA A 1 42 ? -0.505  7.870   11.564  1.00 0.89  ? 58 ALA A O    1 
ATOM 710  C CB   . ALA A 1 42 ? -2.841  5.622   11.344  1.00 0.87  ? 58 ALA A CB   1 
ATOM 711  H H    . ALA A 1 42 ? -3.271  5.896   8.815   1.00 0.75  ? 58 ALA A H    1 
ATOM 712  H HA   . ALA A 1 42 ? -2.986  7.721   10.899  1.00 0.95  ? 58 ALA A HA   1 
ATOM 713  H HB1  . ALA A 1 42 ? -2.739  4.745   10.721  1.00 1.35  ? 58 ALA A HB1  1 
ATOM 714  H HB2  . ALA A 1 42 ? -3.869  5.719   11.661  1.00 1.29  ? 58 ALA A HB2  1 
ATOM 715  H HB3  . ALA A 1 42 ? -2.205  5.523   12.211  1.00 1.38  ? 58 ALA A HB3  1 
ATOM 716  N N    . TRP A 1 43 ? -0.127  6.480   9.901   1.00 0.73  ? 59 TRP A N    1 
ATOM 717  C CA   . TRP A 1 43 ? 1.337   6.693   10.023  1.00 0.71  ? 59 TRP A CA   1 
ATOM 718  C C    . TRP A 1 43 ? 1.698   8.099   9.539   1.00 0.76  ? 59 TRP A C    1 
ATOM 719  O O    . TRP A 1 43 ? 2.470   8.797   10.174  1.00 0.83  ? 59 TRP A O    1 
ATOM 720  C CB   . TRP A 1 43 ? 2.117   5.659   9.211   1.00 0.64  ? 59 TRP A CB   1 
ATOM 721  C CG   . TRP A 1 43 ? 3.571   5.917   9.415   1.00 0.67  ? 59 TRP A CG   1 
ATOM 722  C CD1  . TRP A 1 43 ? 4.324   5.398   10.411  1.00 0.71  ? 59 TRP A CD1  1 
ATOM 723  C CD2  . TRP A 1 43 ? 4.454   6.763   8.629   1.00 0.71  ? 59 TRP A CD2  1 
ATOM 724  N NE1  . TRP A 1 43 ? 5.611   5.885   10.298  1.00 0.75  ? 59 TRP A NE1  1 
ATOM 725  C CE2  . TRP A 1 43 ? 5.743   6.727   9.207   1.00 0.75  ? 59 TRP A CE2  1 
ATOM 726  C CE3  . TRP A 1 43 ? 4.260   7.550   7.481   1.00 0.73  ? 59 TRP A CE3  1 
ATOM 727  C CZ2  . TRP A 1 43 ? 6.805   7.453   8.664   1.00 0.81  ? 59 TRP A CZ2  1 
ATOM 728  C CZ3  . TRP A 1 43 ? 5.325   8.279   6.931   1.00 0.81  ? 59 TRP A CZ3  1 
ATOM 729  C CH2  . TRP A 1 43 ? 6.594   8.231   7.521   1.00 0.84  ? 59 TRP A CH2  1 
ATOM 730  H H    . TRP A 1 43 ? -0.484  5.875   9.218   1.00 0.68  ? 59 TRP A H    1 
ATOM 731  H HA   . TRP A 1 43 ? 1.611   6.601   11.059  1.00 0.76  ? 59 TRP A HA   1 
ATOM 732  H HB2  . TRP A 1 43 ? 1.870   4.665   9.554   1.00 0.63  ? 59 TRP A HB2  1 
ATOM 733  H HB3  . TRP A 1 43 ? 1.879   5.754   8.164   1.00 0.62  ? 59 TRP A HB3  1 
ATOM 734  H HD1  . TRP A 1 43 ? 3.977   4.720   11.177  1.00 0.72  ? 59 TRP A HD1  1 
ATOM 735  H HE1  . TRP A 1 43 ? 6.349   5.667   10.903  1.00 0.79  ? 59 TRP A HE1  1 
ATOM 736  H HE3  . TRP A 1 43 ? 3.285   7.594   7.018   1.00 0.72  ? 59 TRP A HE3  1 
ATOM 737  H HZ2  . TRP A 1 43 ? 7.780   7.415   9.122   1.00 0.86  ? 59 TRP A HZ2  1 
ATOM 738  H HZ3  . TRP A 1 43 ? 5.167   8.878   6.047   1.00 0.85  ? 59 TRP A HZ3  1 
ATOM 739  H HH2  . TRP A 1 43 ? 7.409   8.794   7.094   1.00 0.91  ? 59 TRP A HH2  1 
ATOM 740  N N    . LYS A 1 44 ? 1.152   8.544   8.432   1.00 0.76  ? 60 LYS A N    1 
ATOM 741  C CA   . LYS A 1 44 ? 1.503   9.919   7.980   1.00 0.85  ? 60 LYS A CA   1 
ATOM 742  C C    . LYS A 1 44 ? 1.207   10.848  9.151   1.00 0.93  ? 60 LYS A C    1 
ATOM 743  O O    . LYS A 1 44 ? 1.899   11.819  9.390   1.00 0.99  ? 60 LYS A O    1 
ATOM 744  C CB   . LYS A 1 44 ? 0.663   10.331  6.763   1.00 0.89  ? 60 LYS A CB   1 
ATOM 745  C CG   . LYS A 1 44 ? -0.658  10.958  7.225   1.00 0.95  ? 60 LYS A CG   1 
ATOM 746  C CD   . LYS A 1 44 ? -1.650  11.000  6.059   1.00 1.37  ? 60 LYS A CD   1 
ATOM 747  C CE   . LYS A 1 44 ? -1.777  12.436  5.549   1.00 1.47  ? 60 LYS A CE   1 
ATOM 748  N NZ   . LYS A 1 44 ? -2.266  12.420  4.140   1.00 2.03  ? 60 LYS A NZ   1 
ATOM 749  H H    . LYS A 1 44 ? 0.521   7.989   7.919   1.00 0.73  ? 60 LYS A H    1 
ATOM 750  H HA   . LYS A 1 44 ? 2.556   9.963   7.735   1.00 0.85  ? 60 LYS A HA   1 
ATOM 751  H HB2  . LYS A 1 44 ? 1.215   11.048  6.174   1.00 0.95  ? 60 LYS A HB2  1 
ATOM 752  H HB3  . LYS A 1 44 ? 0.455   9.458   6.163   1.00 0.84  ? 60 LYS A HB3  1 
ATOM 753  H HG2  . LYS A 1 44 ? -1.072  10.380  8.031   1.00 1.06  ? 60 LYS A HG2  1 
ATOM 754  H HG3  . LYS A 1 44 ? -0.472  11.965  7.568   1.00 1.22  ? 60 LYS A HG3  1 
ATOM 755  H HD2  . LYS A 1 44 ? -1.299  10.363  5.261   1.00 1.99  ? 60 LYS A HD2  1 
ATOM 756  H HD3  . LYS A 1 44 ? -2.615  10.655  6.398   1.00 1.94  ? 60 LYS A HD3  1 
ATOM 757  H HE2  . LYS A 1 44 ? -2.478  12.977  6.166   1.00 1.91  ? 60 LYS A HE2  1 
ATOM 758  H HE3  . LYS A 1 44 ? -0.812  12.920  5.589   1.00 1.93  ? 60 LYS A HE3  1 
ATOM 759  H HZ1  . LYS A 1 44 ? -3.243  12.770  4.108   1.00 2.50  ? 60 LYS A HZ1  1 
ATOM 760  H HZ2  . LYS A 1 44 ? -2.233  11.447  3.773   1.00 2.41  ? 60 LYS A HZ2  1 
ATOM 761  H HZ3  . LYS A 1 44 ? -1.662  13.032  3.557   1.00 2.48  ? 60 LYS A HZ3  1 
ATOM 762  N N    . LYS A 1 45 ? 0.183   10.530  9.902   1.00 0.94  ? 61 LYS A N    1 
ATOM 763  C CA   . LYS A 1 45 ? -0.159  11.366  11.084  1.00 1.05  ? 61 LYS A CA   1 
ATOM 764  C C    . LYS A 1 45 ? 0.915   11.154  12.155  1.00 1.04  ? 61 LYS A C    1 
ATOM 765  O O    . LYS A 1 45 ? 1.302   12.071  12.852  1.00 1.13  ? 61 LYS A O    1 
ATOM 766  C CB   . LYS A 1 45 ? -1.521  10.950  11.638  1.00 1.10  ? 61 LYS A CB   1 
ATOM 767  C CG   . LYS A 1 45 ? -2.522  10.820  10.488  1.00 1.11  ? 61 LYS A CG   1 
ATOM 768  C CD   . LYS A 1 45 ? -3.887  11.344  10.936  1.00 1.37  ? 61 LYS A CD   1 
ATOM 769  C CE   . LYS A 1 45 ? -4.835  11.393  9.736   1.00 1.77  ? 61 LYS A CE   1 
ATOM 770  N NZ   . LYS A 1 45 ? -6.068  12.142  10.105  1.00 2.30  ? 61 LYS A NZ   1 
ATOM 771  H H    . LYS A 1 45 ? -0.348  9.728   9.696   1.00 0.90  ? 61 LYS A H    1 
ATOM 772  H HA   . LYS A 1 45 ? -0.191  12.405  10.795  1.00 1.11  ? 61 LYS A HA   1 
ATOM 773  H HB2  . LYS A 1 45 ? -1.429  10.003  12.149  1.00 1.06  ? 61 LYS A HB2  1 
ATOM 774  H HB3  . LYS A 1 45 ? -1.866  11.703  12.329  1.00 1.19  ? 61 LYS A HB3  1 
ATOM 775  H HG2  . LYS A 1 45 ? -2.175  11.395  9.642   1.00 1.21  ? 61 LYS A HG2  1 
ATOM 776  H HG3  . LYS A 1 45 ? -2.613  9.781   10.206  1.00 1.08  ? 61 LYS A HG3  1 
ATOM 777  H HD2  . LYS A 1 45 ? -4.295  10.687  11.692  1.00 1.82  ? 61 LYS A HD2  1 
ATOM 778  H HD3  . LYS A 1 45 ? -3.776  12.338  11.344  1.00 1.80  ? 61 LYS A HD3  1 
ATOM 779  H HE2  . LYS A 1 45 ? -4.345  11.889  8.911   1.00 2.25  ? 61 LYS A HE2  1 
ATOM 780  H HE3  . LYS A 1 45 ? -5.098  10.387  9.445   1.00 2.26  ? 61 LYS A HE3  1 
ATOM 781  H HZ1  . LYS A 1 45 ? -6.905  11.592  9.825   1.00 2.70  ? 61 LYS A HZ1  1 
ATOM 782  H HZ2  . LYS A 1 45 ? -6.076  13.060  9.615   1.00 2.83  ? 61 LYS A HZ2  1 
ATOM 783  H HZ3  . LYS A 1 45 ? -6.087  12.296  11.133  1.00 2.54  ? 61 LYS A HZ3  1 
ATOM 784  N N    . LEU A 1 46 ? 1.406   9.945   12.284  1.00 0.97  ? 62 LEU A N    1 
ATOM 785  C CA   . LEU A 1 46 ? 2.462   9.670   13.302  1.00 0.97  ? 62 LEU A CA   1 
ATOM 786  C C    . LEU A 1 46 ? 3.652   10.592  13.058  1.00 0.98  ? 62 LEU A C    1 
ATOM 787  O O    . LEU A 1 46 ? 4.032   11.373  13.907  1.00 1.05  ? 62 LEU A O    1 
ATOM 788  C CB   . LEU A 1 46 ? 2.943   8.222   13.174  1.00 0.90  ? 62 LEU A CB   1 
ATOM 789  C CG   . LEU A 1 46 ? 2.057   7.296   14.015  1.00 0.94  ? 62 LEU A CG   1 
ATOM 790  C CD1  . LEU A 1 46 ? 2.081   5.885   13.423  1.00 0.88  ? 62 LEU A CD1  1 
ATOM 791  C CD2  . LEU A 1 46 ? 2.580   7.245   15.454  1.00 1.02  ? 62 LEU A CD2  1 
ATOM 792  H H    . LEU A 1 46 ? 1.081   9.220   11.706  1.00 0.95  ? 62 LEU A H    1 
ATOM 793  H HA   . LEU A 1 46 ? 2.067   9.836   14.293  1.00 1.04  ? 62 LEU A HA   1 
ATOM 794  H HB2  . LEU A 1 46 ? 2.898   7.926   12.141  1.00 0.84  ? 62 LEU A HB2  1 
ATOM 795  H HB3  . LEU A 1 46 ? 3.963   8.154   13.518  1.00 0.90  ? 62 LEU A HB3  1 
ATOM 796  H HG   . LEU A 1 46 ? 1.043   7.669   14.012  1.00 1.00  ? 62 LEU A HG   1 
ATOM 797  H HD11 . LEU A 1 46 ? 1.131   5.671   12.962  1.00 1.32  ? 62 LEU A HD11 1 
ATOM 798  H HD12 . LEU A 1 46 ? 2.268   5.169   14.209  1.00 1.36  ? 62 LEU A HD12 1 
ATOM 799  H HD13 . LEU A 1 46 ? 2.865   5.817   12.686  1.00 1.32  ? 62 LEU A HD13 1 
ATOM 800  H HD21 . LEU A 1 46 ? 3.660   7.280   15.452  1.00 1.44  ? 62 LEU A HD21 1 
ATOM 801  H HD22 . LEU A 1 46 ? 2.254   6.328   15.921  1.00 1.45  ? 62 LEU A HD22 1 
ATOM 802  H HD23 . LEU A 1 46 ? 2.193   8.086   16.006  1.00 1.50  ? 62 LEU A HD23 1 
ATOM 803  N N    . LYS A 1 47 ? 4.251   10.501  11.901  1.00 0.93  ? 63 LYS A N    1 
ATOM 804  C CA   . LYS A 1 47 ? 5.426   11.371  11.609  1.00 0.97  ? 63 LYS A CA   1 
ATOM 805  C C    . LYS A 1 47 ? 4.994   12.835  11.672  1.00 1.06  ? 63 LYS A C    1 
ATOM 806  O O    . LYS A 1 47 ? 5.685   13.675  12.214  1.00 1.11  ? 63 LYS A O    1 
ATOM 807  C CB   . LYS A 1 47 ? 5.983   11.050  10.220  1.00 0.94  ? 63 LYS A CB   1 
ATOM 808  C CG   . LYS A 1 47 ? 4.839   10.947  9.212   1.00 1.04  ? 63 LYS A CG   1 
ATOM 809  C CD   . LYS A 1 47 ? 5.389   11.152  7.800   1.00 0.97  ? 63 LYS A CD   1 
ATOM 810  C CE   . LYS A 1 47 ? 5.572   12.647  7.535   1.00 1.16  ? 63 LYS A CE   1 
ATOM 811  N NZ   . LYS A 1 47 ? 6.812   12.861  6.736   1.00 1.99  ? 63 LYS A NZ   1 
ATOM 812  H H    . LYS A 1 47 ? 3.928   9.857   11.229  1.00 0.88  ? 63 LYS A H    1 
ATOM 813  H HA   . LYS A 1 47 ? 6.192   11.193  12.352  1.00 0.98  ? 63 LYS A HA   1 
ATOM 814  H HB2  . LYS A 1 47 ? 6.660   11.835  9.916   1.00 1.00  ? 63 LYS A HB2  1 
ATOM 815  H HB3  . LYS A 1 47 ? 6.515   10.112  10.254  1.00 0.94  ? 63 LYS A HB3  1 
ATOM 816  H HG2  . LYS A 1 47 ? 4.381   9.970   9.284   1.00 1.20  ? 63 LYS A HG2  1 
ATOM 817  H HG3  . LYS A 1 47 ? 4.103   11.706  9.422   1.00 1.28  ? 63 LYS A HG3  1 
ATOM 818  H HD2  . LYS A 1 47 ? 6.342   10.650  7.710   1.00 0.96  ? 63 LYS A HD2  1 
ATOM 819  H HD3  . LYS A 1 47 ? 4.696   10.742  7.081   1.00 0.95  ? 63 LYS A HD3  1 
ATOM 820  H HE2  . LYS A 1 47 ? 4.721   13.022  6.985   1.00 1.54  ? 63 LYS A HE2  1 
ATOM 821  H HE3  . LYS A 1 47 ? 5.654   13.172  8.474   1.00 1.48  ? 63 LYS A HE3  1 
ATOM 822  H HZ1  . LYS A 1 47 ? 7.643   12.629  7.317   1.00 2.40  ? 63 LYS A HZ1  1 
ATOM 823  H HZ2  . LYS A 1 47 ? 6.863   13.856  6.437   1.00 2.49  ? 63 LYS A HZ2  1 
ATOM 824  H HZ3  . LYS A 1 47 ? 6.796   12.246  5.898   1.00 2.47  ? 63 LYS A HZ3  1 
ATOM 825  N N    . LEU A 1 48 ? 3.849   13.145  11.133  1.00 1.09  ? 64 LEU A N    1 
ATOM 826  C CA   . LEU A 1 48 ? 3.358   14.549  11.173  1.00 1.20  ? 64 LEU A CA   1 
ATOM 827  C C    . LEU A 1 48 ? 3.367   15.045  12.618  1.00 1.26  ? 64 LEU A C    1 
ATOM 828  O O    . LEU A 1 48 ? 3.847   16.122  12.915  1.00 1.33  ? 64 LEU A O    1 
ATOM 829  C CB   . LEU A 1 48 ? 1.935   14.588  10.619  1.00 1.22  ? 64 LEU A CB   1 
ATOM 830  C CG   . LEU A 1 48 ? 1.976   14.785  9.103   1.00 1.23  ? 64 LEU A CG   1 
ATOM 831  C CD1  . LEU A 1 48 ? 0.549   14.772  8.547   1.00 1.49  ? 64 LEU A CD1  1 
ATOM 832  C CD2  . LEU A 1 48 ? 2.638   16.126  8.781   1.00 1.50  ? 64 LEU A CD2  1 
ATOM 833  H H    . LEU A 1 48 ? 3.302   12.448  10.710  1.00 1.04  ? 64 LEU A H    1 
ATOM 834  H HA   . LEU A 1 48 ? 3.999   15.173  10.574  1.00 1.23  ? 64 LEU A HA   1 
ATOM 835  H HB2  . LEU A 1 48 ? 1.457   13.654  10.843  1.00 1.17  ? 64 LEU A HB2  1 
ATOM 836  H HB3  . LEU A 1 48 ? 1.380   15.389  11.077  1.00 1.31  ? 64 LEU A HB3  1 
ATOM 837  H HG   . LEU A 1 48 ? 2.544   13.983  8.652   1.00 1.32  ? 64 LEU A HG   1 
ATOM 838  H HD11 . LEU A 1 48 ? -0.154  14.659  9.357   1.00 1.83  ? 64 LEU A HD11 1 
ATOM 839  H HD12 . LEU A 1 48 ? 0.439   13.947  7.858   1.00 1.86  ? 64 LEU A HD12 1 
ATOM 840  H HD13 . LEU A 1 48 ? 0.355   15.701  8.029   1.00 2.00  ? 64 LEU A HD13 1 
ATOM 841  H HD21 . LEU A 1 48 ? 3.672   15.963  8.516   1.00 1.99  ? 64 LEU A HD21 1 
ATOM 842  H HD22 . LEU A 1 48 ? 2.586   16.771  9.646   1.00 1.80  ? 64 LEU A HD22 1 
ATOM 843  H HD23 . LEU A 1 48 ? 2.123   16.593  7.954   1.00 1.93  ? 64 LEU A HD23 1 
ATOM 844  N N    . ASP A 1 49 ? 2.846   14.262  13.518  1.00 1.25  ? 65 ASP A N    1 
ATOM 845  C CA   . ASP A 1 49 ? 2.829   14.678  14.947  1.00 1.33  ? 65 ASP A CA   1 
ATOM 846  C C    . ASP A 1 49 ? 4.212   14.431  15.553  1.00 1.30  ? 65 ASP A C    1 
ATOM 847  O O    . ASP A 1 49 ? 4.547   14.951  16.598  1.00 1.37  ? 65 ASP A O    1 
ATOM 848  C CB   . ASP A 1 49 ? 1.784   13.858  15.707  1.00 1.36  ? 65 ASP A CB   1 
ATOM 849  C CG   . ASP A 1 49 ? 0.388   14.195  15.180  1.00 1.39  ? 65 ASP A CG   1 
ATOM 850  O OD1  . ASP A 1 49 ? 0.125   15.368  14.966  1.00 1.77  ? 65 ASP A OD1  1 
ATOM 851  O OD2  . ASP A 1 49 ? -0.394  13.276  14.999  1.00 1.81  ? 65 ASP A OD2  1 
ATOM 852  H H    . ASP A 1 49 ? 2.471   13.398  13.253  1.00 1.20  ? 65 ASP A H    1 
ATOM 853  H HA   . ASP A 1 49 ? 2.587   15.728  15.017  1.00 1.42  ? 65 ASP A HA   1 
ATOM 854  H HB2  . ASP A 1 49 ? 1.979   12.805  15.565  1.00 1.29  ? 65 ASP A HB2  1 
ATOM 855  H HB3  . ASP A 1 49 ? 1.836   14.095  16.759  1.00 1.41  ? 65 ASP A HB3  1 
ATOM 856  N N    . GLY A 1 50 ? 5.020   13.642  14.896  1.00 1.22  ? 66 GLY A N    1 
ATOM 857  C CA   . GLY A 1 50 ? 6.384   13.359  15.424  1.00 1.21  ? 66 GLY A CA   1 
ATOM 858  C C    . GLY A 1 50 ? 6.318   12.220  16.442  1.00 1.20  ? 66 GLY A C    1 
ATOM 859  O O    . GLY A 1 50 ? 6.755   12.357  17.567  1.00 1.27  ? 66 GLY A O    1 
ATOM 860  H H    . GLY A 1 50 ? 4.728   13.236  14.053  1.00 1.18  ? 66 GLY A H    1 
ATOM 861  H HA2  . GLY A 1 50 ? 7.033   13.077  14.607  1.00 1.17  ? 66 GLY A HA2  1 
ATOM 862  H HA3  . GLY A 1 50 ? 6.773   14.244  15.905  1.00 1.28  ? 66 GLY A HA3  1 
ATOM 863  N N    . LEU A 1 51 ? 5.776   11.095  16.060  1.00 1.13  ? 67 LEU A N    1 
ATOM 864  C CA   . LEU A 1 51 ? 5.688   9.957   17.014  1.00 1.15  ? 67 LEU A CA   1 
ATOM 865  C C    . LEU A 1 51 ? 6.702   8.881   16.620  1.00 1.09  ? 67 LEU A C    1 
ATOM 866  O O    . LEU A 1 51 ? 7.336   8.276   17.463  1.00 1.13  ? 67 LEU A O    1 
ATOM 867  C CB   . LEU A 1 51 ? 4.274   9.379   16.985  1.00 1.15  ? 67 LEU A CB   1 
ATOM 868  C CG   . LEU A 1 51 ? 3.395   10.148  17.976  1.00 1.27  ? 67 LEU A CG   1 
ATOM 869  C CD1  . LEU A 1 51 ? 1.930   10.076  17.540  1.00 1.59  ? 67 LEU A CD1  1 
ATOM 870  C CD2  . LEU A 1 51 ? 3.540   9.530   19.369  1.00 1.82  ? 67 LEU A CD2  1 
ATOM 871  H H    . LEU A 1 51 ? 5.426   10.999  15.148  1.00 1.08  ? 67 LEU A H    1 
ATOM 872  H HA   . LEU A 1 51 ? 5.912   10.307  18.008  1.00 1.22  ? 67 LEU A HA   1 
ATOM 873  H HB2  . LEU A 1 51 ? 3.869   9.475   15.989  1.00 1.09  ? 67 LEU A HB2  1 
ATOM 874  H HB3  . LEU A 1 51 ? 4.303   8.337   17.266  1.00 1.15  ? 67 LEU A HB3  1 
ATOM 875  H HG   . LEU A 1 51 ? 3.710   11.181  18.006  1.00 1.58  ? 67 LEU A HG   1 
ATOM 876  H HD11 . LEU A 1 51 ? 1.520   9.116   17.814  1.00 2.13  ? 67 LEU A HD11 1 
ATOM 877  H HD12 . LEU A 1 51 ? 1.864   10.205  16.470  1.00 1.92  ? 67 LEU A HD12 1 
ATOM 878  H HD13 . LEU A 1 51 ? 1.371   10.858  18.031  1.00 2.01  ? 67 LEU A HD13 1 
ATOM 879  H HD21 . LEU A 1 51 ? 3.342   8.470   19.315  1.00 2.21  ? 67 LEU A HD21 1 
ATOM 880  H HD22 . LEU A 1 51 ? 2.837   9.995   20.044  1.00 2.30  ? 67 LEU A HD22 1 
ATOM 881  H HD23 . LEU A 1 51 ? 4.545   9.690   19.731  1.00 2.28  ? 67 LEU A HD23 1 
ATOM 882  N N    . ASP A 1 52 ? 6.873   8.644   15.348  1.00 1.01  ? 68 ASP A N    1 
ATOM 883  C CA   . ASP A 1 52 ? 7.860   7.616   14.913  1.00 0.99  ? 68 ASP A CA   1 
ATOM 884  C C    . ASP A 1 52 ? 9.141   8.313   14.455  1.00 1.01  ? 68 ASP A C    1 
ATOM 885  O O    . ASP A 1 52 ? 9.208   8.868   13.376  1.00 1.00  ? 68 ASP A O    1 
ATOM 886  C CB   . ASP A 1 52 ? 7.277   6.796   13.756  1.00 0.93  ? 68 ASP A CB   1 
ATOM 887  C CG   . ASP A 1 52 ? 8.167   5.580   13.495  1.00 0.96  ? 68 ASP A CG   1 
ATOM 888  O OD1  . ASP A 1 52 ? 9.141   5.419   14.212  1.00 1.42  ? 68 ASP A OD1  1 
ATOM 889  O OD2  . ASP A 1 52 ? 7.859   4.829   12.585  1.00 1.45  ? 68 ASP A OD2  1 
ATOM 890  H H    . ASP A 1 52 ? 6.361   9.148   14.683  1.00 0.99  ? 68 ASP A H    1 
ATOM 891  H HA   . ASP A 1 52 ? 8.087   6.959   15.741  1.00 1.04  ? 68 ASP A HA   1 
ATOM 892  H HB2  . ASP A 1 52 ? 6.281   6.466   14.015  1.00 0.92  ? 68 ASP A HB2  1 
ATOM 893  H HB3  . ASP A 1 52 ? 7.234   7.404   12.864  1.00 0.93  ? 68 ASP A HB3  1 
ATOM 894  N N    . GLU A 1 53 ? 10.160  8.286   15.269  1.00 1.07  ? 69 GLU A N    1 
ATOM 895  C CA   . GLU A 1 53 ? 11.441  8.943   14.888  1.00 1.12  ? 69 GLU A CA   1 
ATOM 896  C C    . GLU A 1 53 ? 12.317  7.946   14.130  1.00 1.13  ? 69 GLU A C    1 
ATOM 897  O O    . GLU A 1 53 ? 13.117  8.316   13.293  1.00 1.26  ? 69 GLU A O    1 
ATOM 898  C CB   . GLU A 1 53 ? 12.172  9.408   16.149  1.00 1.21  ? 69 GLU A CB   1 
ATOM 899  C CG   . GLU A 1 53 ? 12.548  8.193   17.000  1.00 1.25  ? 69 GLU A CG   1 
ATOM 900  C CD   . GLU A 1 53 ? 12.858  8.646   18.428  1.00 1.56  ? 69 GLU A CD   1 
ATOM 901  O OE1  . GLU A 1 53 ? 13.507  9.669   18.576  1.00 1.99  ? 69 GLU A OE1  1 
ATOM 902  O OE2  . GLU A 1 53 ? 12.441  7.963   19.348  1.00 1.86  ? 69 GLU A OE2  1 
ATOM 903  H H    . GLU A 1 53 ? 10.083  7.830   16.133  1.00 1.11  ? 69 GLU A H    1 
ATOM 904  H HA   . GLU A 1 53 ? 11.235  9.794   14.257  1.00 1.14  ? 69 GLU A HA   1 
ATOM 905  H HB2  . GLU A 1 53 ? 13.066  9.944   15.869  1.00 1.28  ? 69 GLU A HB2  1 
ATOM 906  H HB3  . GLU A 1 53 ? 11.525  10.058  16.720  1.00 1.26  ? 69 GLU A HB3  1 
ATOM 907  H HG2  . GLU A 1 53 ? 11.724  7.494   17.013  1.00 1.41  ? 69 GLU A HG2  1 
ATOM 908  H HG3  . GLU A 1 53 ? 13.420  7.715   16.579  1.00 1.33  ? 69 GLU A HG3  1 
ATOM 909  N N    . ASP A 1 54 ? 12.174  6.682   14.419  1.00 1.13  ? 70 ASP A N    1 
ATOM 910  C CA   . ASP A 1 54 ? 13.002  5.660   13.719  1.00 1.24  ? 70 ASP A CA   1 
ATOM 911  C C    . ASP A 1 54 ? 12.195  5.054   12.572  1.00 1.15  ? 70 ASP A C    1 
ATOM 912  O O    . ASP A 1 54 ? 12.497  3.984   12.084  1.00 1.19  ? 70 ASP A O    1 
ATOM 913  C CB   . ASP A 1 54 ? 13.395  4.558   14.706  1.00 1.37  ? 70 ASP A CB   1 
ATOM 914  C CG   . ASP A 1 54 ? 14.236  5.161   15.833  1.00 1.44  ? 70 ASP A CG   1 
ATOM 915  O OD1  . ASP A 1 54 ? 15.040  6.032   15.546  1.00 1.74  ? 70 ASP A OD1  1 
ATOM 916  O OD2  . ASP A 1 54 ? 14.062  4.740   16.965  1.00 1.70  ? 70 ASP A OD2  1 
ATOM 917  H H    . ASP A 1 54 ? 11.523  6.406   15.100  1.00 1.16  ? 70 ASP A H    1 
ATOM 918  H HA   . ASP A 1 54 ? 13.893  6.126   13.326  1.00 1.36  ? 70 ASP A HA   1 
ATOM 919  H HB2  . ASP A 1 54 ? 12.504  4.110   15.120  1.00 1.34  ? 70 ASP A HB2  1 
ATOM 920  H HB3  . ASP A 1 54 ? 13.973  3.805   14.192  1.00 1.51  ? 70 ASP A HB3  1 
ATOM 921  N N    . GLY A 1 55 ? 11.170  5.732   12.137  1.00 1.05  ? 71 GLY A N    1 
ATOM 922  C CA   . GLY A 1 55 ? 10.340  5.198   11.021  1.00 0.97  ? 71 GLY A CA   1 
ATOM 923  C C    . GLY A 1 55 ? 10.072  3.710   11.248  1.00 0.95  ? 71 GLY A C    1 
ATOM 924  O O    . GLY A 1 55 ? 9.575   3.023   10.379  1.00 0.92  ? 71 GLY A O    1 
ATOM 925  H H    . GLY A 1 55 ? 10.944  6.594   12.546  1.00 1.04  ? 71 GLY A H    1 
ATOM 926  H HA2  . GLY A 1 55 ? 9.402   5.733   10.984  1.00 0.91  ? 71 GLY A HA2  1 
ATOM 927  H HA3  . GLY A 1 55 ? 10.866  5.328   10.088  1.00 1.02  ? 71 GLY A HA3  1 
ATOM 928  N N    . GLU A 1 56 ? 10.394  3.204   12.409  1.00 1.01  ? 72 GLU A N    1 
ATOM 929  C CA   . GLU A 1 56 ? 10.148  1.759   12.677  1.00 1.03  ? 72 GLU A CA   1 
ATOM 930  C C    . GLU A 1 56 ? 8.701   1.429   12.311  1.00 0.93  ? 72 GLU A C    1 
ATOM 931  O O    . GLU A 1 56 ? 8.428   0.485   11.592  1.00 0.91  ? 72 GLU A O    1 
ATOM 932  C CB   . GLU A 1 56 ? 10.382  1.465   14.161  1.00 1.12  ? 72 GLU A CB   1 
ATOM 933  C CG   . GLU A 1 56 ? 10.798  0.003   14.332  1.00 1.71  ? 72 GLU A CG   1 
ATOM 934  C CD   . GLU A 1 56 ? 10.545  -0.435  15.776  1.00 2.13  ? 72 GLU A CD   1 
ATOM 935  O OE1  . GLU A 1 56 ? 11.334  -0.070  16.632  1.00 2.48  ? 72 GLU A OE1  1 
ATOM 936  O OE2  . GLU A 1 56 ? 9.566   -1.129  16.001  1.00 2.69  ? 72 GLU A OE2  1 
ATOM 937  H H    . GLU A 1 56 ? 10.792  3.773   13.100  1.00 1.07  ? 72 GLU A H    1 
ATOM 938  H HA   . GLU A 1 56 ? 10.819  1.161   12.078  1.00 1.08  ? 72 GLU A HA   1 
ATOM 939  H HB2  . GLU A 1 56 ? 11.165  2.110   14.536  1.00 1.44  ? 72 GLU A HB2  1 
ATOM 940  H HB3  . GLU A 1 56 ? 9.471   1.646   14.713  1.00 1.36  ? 72 GLU A HB3  1 
ATOM 941  H HG2  . GLU A 1 56 ? 10.219  -0.615  13.661  1.00 2.16  ? 72 GLU A HG2  1 
ATOM 942  H HG3  . GLU A 1 56 ? 11.847  -0.102  14.104  1.00 2.10  ? 72 GLU A HG3  1 
ATOM 943  N N    . LYS A 1 57 ? 7.772   2.212   12.785  1.00 0.90  ? 73 LYS A N    1 
ATOM 944  C CA   . LYS A 1 57 ? 6.346   1.956   12.448  1.00 0.84  ? 73 LYS A CA   1 
ATOM 945  C C    . LYS A 1 57 ? 6.205   1.955   10.929  1.00 0.75  ? 73 LYS A C    1 
ATOM 946  O O    . LYS A 1 57 ? 5.570   1.094   10.350  1.00 0.70  ? 73 LYS A O    1 
ATOM 947  C CB   . LYS A 1 57 ? 5.474   3.059   13.052  1.00 0.86  ? 73 LYS A CB   1 
ATOM 948  C CG   . LYS A 1 57 ? 5.865   3.268   14.518  1.00 0.98  ? 73 LYS A CG   1 
ATOM 949  C CD   . LYS A 1 57 ? 4.675   3.842   15.289  1.00 1.22  ? 73 LYS A CD   1 
ATOM 950  C CE   . LYS A 1 57 ? 3.544   2.814   15.322  1.00 1.41  ? 73 LYS A CE   1 
ATOM 951  N NZ   . LYS A 1 57 ? 2.908   2.817   16.670  1.00 2.17  ? 73 LYS A NZ   1 
ATOM 952  H H    . LYS A 1 57 ? 8.014   2.975   13.350  1.00 0.93  ? 73 LYS A H    1 
ATOM 953  H HA   . LYS A 1 57 ? 6.047   0.999   12.841  1.00 0.88  ? 73 LYS A HA   1 
ATOM 954  H HB2  . LYS A 1 57 ? 5.624   3.978   12.503  1.00 1.11  ? 73 LYS A HB2  1 
ATOM 955  H HB3  . LYS A 1 57 ? 4.436   2.770   12.995  1.00 1.07  ? 73 LYS A HB3  1 
ATOM 956  H HG2  . LYS A 1 57 ? 6.153   2.322   14.950  1.00 1.61  ? 73 LYS A HG2  1 
ATOM 957  H HG3  . LYS A 1 57 ? 6.693   3.957   14.574  1.00 1.40  ? 73 LYS A HG3  1 
ATOM 958  H HD2  . LYS A 1 57 ? 4.981   4.075   16.298  1.00 1.63  ? 73 LYS A HD2  1 
ATOM 959  H HD3  . LYS A 1 57 ? 4.330   4.739   14.800  1.00 1.63  ? 73 LYS A HD3  1 
ATOM 960  H HE2  . LYS A 1 57 ? 2.804   3.067   14.576  1.00 1.58  ? 73 LYS A HE2  1 
ATOM 961  H HE3  . LYS A 1 57 ? 3.943   1.832   15.115  1.00 1.81  ? 73 LYS A HE3  1 
ATOM 962  H HZ1  . LYS A 1 57 ? 2.165   3.542   16.703  1.00 2.53  ? 73 LYS A HZ1  1 
ATOM 963  H HZ2  . LYS A 1 57 ? 3.630   3.027   17.392  1.00 2.57  ? 73 LYS A HZ2  1 
ATOM 964  H HZ3  . LYS A 1 57 ? 2.490   1.885   16.860  1.00 2.70  ? 73 LYS A HZ3  1 
ATOM 965  N N    . GLU A 1 58 ? 6.806   2.912   10.279  1.00 0.76  ? 74 GLU A N    1 
ATOM 966  C CA   . GLU A 1 58 ? 6.727   2.971   8.797   1.00 0.73  ? 74 GLU A CA   1 
ATOM 967  C C    . GLU A 1 58 ? 7.338   1.699   8.209   1.00 0.79  ? 74 GLU A C    1 
ATOM 968  O O    . GLU A 1 58 ? 6.881   1.188   7.209   1.00 0.79  ? 74 GLU A O    1 
ATOM 969  C CB   . GLU A 1 58 ? 7.510   4.182   8.293   1.00 0.78  ? 74 GLU A CB   1 
ATOM 970  C CG   . GLU A 1 58 ? 6.952   4.613   6.939   1.00 0.78  ? 74 GLU A CG   1 
ATOM 971  C CD   . GLU A 1 58 ? 7.975   5.494   6.219   1.00 0.93  ? 74 GLU A CD   1 
ATOM 972  O OE1  . GLU A 1 58 ? 8.702   6.201   6.899   1.00 1.37  ? 74 GLU A OE1  1 
ATOM 973  O OE2  . GLU A 1 58 ? 8.014   5.448   5.001   1.00 1.52  ? 74 GLU A OE2  1 
ATOM 974  H H    . GLU A 1 58 ? 7.316   3.588   10.769  1.00 0.81  ? 74 GLU A H    1 
ATOM 975  H HA   . GLU A 1 58 ? 5.695   3.054   8.490   1.00 0.67  ? 74 GLU A HA   1 
ATOM 976  H HB2  . GLU A 1 58 ? 7.419   4.991   9.001   1.00 0.78  ? 74 GLU A HB2  1 
ATOM 977  H HB3  . GLU A 1 58 ? 8.551   3.916   8.183   1.00 0.85  ? 74 GLU A HB3  1 
ATOM 978  H HG2  . GLU A 1 58 ? 6.747   3.736   6.342   1.00 0.74  ? 74 GLU A HG2  1 
ATOM 979  H HG3  . GLU A 1 58 ? 6.040   5.169   7.088   1.00 0.77  ? 74 GLU A HG3  1 
ATOM 980  N N    . ALA A 1 59 ? 8.369   1.186   8.823   1.00 0.88  ? 75 ALA A N    1 
ATOM 981  C CA   . ALA A 1 59 ? 9.008   -0.054  8.299   1.00 0.98  ? 75 ALA A CA   1 
ATOM 982  C C    . ALA A 1 59 ? 8.015   -1.207  8.394   1.00 0.95  ? 75 ALA A C    1 
ATOM 983  O O    . ALA A 1 59 ? 7.873   -1.987  7.476   1.00 0.96  ? 75 ALA A O    1 
ATOM 984  C CB   . ALA A 1 59 ? 10.256  -0.379  9.122   1.00 1.08  ? 75 ALA A CB   1 
ATOM 985  H H    . ALA A 1 59 ? 8.723   1.616   9.629   1.00 0.88  ? 75 ALA A H    1 
ATOM 986  H HA   . ALA A 1 59 ? 9.282   0.089   7.263   1.00 1.01  ? 75 ALA A HA   1 
ATOM 987  H HB1  . ALA A 1 59 ? 10.780  -1.207  8.668   1.00 1.52  ? 75 ALA A HB1  1 
ATOM 988  H HB2  . ALA A 1 59 ? 9.964   -0.645  10.127  1.00 1.47  ? 75 ALA A HB2  1 
ATOM 989  H HB3  . ALA A 1 59 ? 10.903  0.485   9.150   1.00 1.52  ? 75 ALA A HB3  1 
ATOM 990  N N    . ARG A 1 60 ? 7.319   -1.324  9.488   1.00 0.95  ? 76 ARG A N    1 
ATOM 991  C CA   . ARG A 1 60 ? 6.335   -2.433  9.604   1.00 0.95  ? 76 ARG A CA   1 
ATOM 992  C C    . ARG A 1 60 ? 5.254   -2.234  8.547   1.00 0.86  ? 76 ARG A C    1 
ATOM 993  O O    . ARG A 1 60 ? 4.883   -3.152  7.842   1.00 0.91  ? 76 ARG A O    1 
ATOM 994  C CB   . ARG A 1 60 ? 5.706   -2.433  10.999  1.00 0.96  ? 76 ARG A CB   1 
ATOM 995  C CG   . ARG A 1 60 ? 5.155   -3.826  11.308  1.00 1.61  ? 76 ARG A CG   1 
ATOM 996  C CD   . ARG A 1 60 ? 4.274   -3.763  12.558  1.00 1.74  ? 76 ARG A CD   1 
ATOM 997  N NE   . ARG A 1 60 ? 4.508   -2.474  13.266  1.00 2.47  ? 76 ARG A NE   1 
ATOM 998  C CZ   . ARG A 1 60 ? 3.668   -2.069  14.178  1.00 2.98  ? 76 ARG A CZ   1 
ATOM 999  N NH1  . ARG A 1 60 ? 2.621   -2.792  14.469  1.00 3.55  ? 76 ARG A NH1  1 
ATOM 1000 N NH2  . ARG A 1 60 ? 3.873   -0.940  14.799  1.00 3.23  ? 76 ARG A NH2  1 
ATOM 1001 H H    . ARG A 1 60 ? 7.438   -0.684  10.225  1.00 0.96  ? 76 ARG A H    1 
ATOM 1002 H HA   . ARG A 1 60 ? 6.834   -3.371  9.426   1.00 1.03  ? 76 ARG A HA   1 
ATOM 1003 H HB2  . ARG A 1 60 ? 6.456   -2.169  11.731  1.00 1.39  ? 76 ARG A HB2  1 
ATOM 1004 H HB3  . ARG A 1 60 ? 4.901   -1.714  11.031  1.00 1.30  ? 76 ARG A HB3  1 
ATOM 1005 H HG2  . ARG A 1 60 ? 4.569   -4.175  10.471  1.00 2.22  ? 76 ARG A HG2  1 
ATOM 1006 H HG3  . ARG A 1 60 ? 5.975   -4.507  11.482  1.00 2.24  ? 76 ARG A HG3  1 
ATOM 1007 H HD2  . ARG A 1 60 ? 3.236   -3.832  12.269  1.00 2.08  ? 76 ARG A HD2  1 
ATOM 1008 H HD3  . ARG A 1 60 ? 4.520   -4.584  13.214  1.00 2.00  ? 76 ARG A HD3  1 
ATOM 1009 H HE   . ARG A 1 60 ? 5.293   -1.930  13.047  1.00 2.95  ? 76 ARG A HE   1 
ATOM 1010 H HH11 . ARG A 1 60 ? 2.463   -3.658  13.993  1.00 3.61  ? 76 ARG A HH11 1 
ATOM 1011 H HH12 . ARG A 1 60 ? 1.977   -2.482  15.169  1.00 4.08  ? 76 ARG A HH12 1 
ATOM 1012 H HH21 . ARG A 1 60 ? 4.675   -0.385  14.576  1.00 3.07  ? 76 ARG A HH21 1 
ATOM 1013 H HH22 . ARG A 1 60 ? 3.230   -0.629  15.499  1.00 3.76  ? 76 ARG A HH22 1 
ATOM 1014 N N    . LEU A 1 61 ? 4.759   -1.036  8.415   1.00 0.74  ? 77 LEU A N    1 
ATOM 1015 C CA   . LEU A 1 61 ? 3.720   -0.776  7.383   1.00 0.65  ? 77 LEU A CA   1 
ATOM 1016 C C    . LEU A 1 61 ? 4.314   -1.097  6.015   1.00 0.71  ? 77 LEU A C    1 
ATOM 1017 O O    . LEU A 1 61 ? 3.726   -1.797  5.215   1.00 0.72  ? 77 LEU A O    1 
ATOM 1018 C CB   . LEU A 1 61 ? 3.298   0.693   7.435   1.00 0.58  ? 77 LEU A CB   1 
ATOM 1019 C CG   . LEU A 1 61 ? 2.204   0.869   8.488   1.00 0.59  ? 77 LEU A CG   1 
ATOM 1020 C CD1  . LEU A 1 61 ? 2.175   2.324   8.954   1.00 1.02  ? 77 LEU A CD1  1 
ATOM 1021 C CD2  . LEU A 1 61 ? 0.847   0.498   7.884   1.00 1.09  ? 77 LEU A CD2  1 
ATOM 1022 H H    . LEU A 1 61 ? 5.085   -0.307  8.983   1.00 0.72  ? 77 LEU A H    1 
ATOM 1023 H HA   . LEU A 1 61 ? 2.864   -1.407  7.564   1.00 0.64  ? 77 LEU A HA   1 
ATOM 1024 H HB2  . LEU A 1 61 ? 4.152   1.303   7.695   1.00 0.61  ? 77 LEU A HB2  1 
ATOM 1025 H HB3  . LEU A 1 61 ? 2.920   0.995   6.471   1.00 0.57  ? 77 LEU A HB3  1 
ATOM 1026 H HG   . LEU A 1 61 ? 2.412   0.227   9.332   1.00 1.12  ? 77 LEU A HG   1 
ATOM 1027 H HD11 . LEU A 1 61 ? 2.288   2.977   8.102   1.00 1.57  ? 77 LEU A HD11 1 
ATOM 1028 H HD12 . LEU A 1 61 ? 2.983   2.497   9.649   1.00 1.60  ? 77 LEU A HD12 1 
ATOM 1029 H HD13 . LEU A 1 61 ? 1.232   2.528   9.440   1.00 1.58  ? 77 LEU A HD13 1 
ATOM 1030 H HD21 . LEU A 1 61 ? 0.245   1.388   7.776   1.00 1.68  ? 77 LEU A HD21 1 
ATOM 1031 H HD22 . LEU A 1 61 ? 0.342   -0.200  8.536   1.00 1.65  ? 77 LEU A HD22 1 
ATOM 1032 H HD23 . LEU A 1 61 ? 0.994   0.044   6.916   1.00 1.61  ? 77 LEU A HD23 1 
ATOM 1033 N N    . ILE A 1 62 ? 5.491   -0.606  5.754   1.00 0.77  ? 78 ILE A N    1 
ATOM 1034 C CA   . ILE A 1 62 ? 6.147   -0.899  4.453   1.00 0.87  ? 78 ILE A CA   1 
ATOM 1035 C C    . ILE A 1 62 ? 6.213   -2.410  4.279   1.00 0.95  ? 78 ILE A C    1 
ATOM 1036 O O    . ILE A 1 62 ? 5.676   -2.967  3.342   1.00 0.99  ? 78 ILE A O    1 
ATOM 1037 C CB   . ILE A 1 62 ? 7.564   -0.329  4.459   1.00 0.97  ? 78 ILE A CB   1 
ATOM 1038 C CG1  . ILE A 1 62 ? 7.505   1.143   4.072   1.00 0.92  ? 78 ILE A CG1  1 
ATOM 1039 C CG2  . ILE A 1 62 ? 8.428   -1.089  3.452   1.00 1.10  ? 78 ILE A CG2  1 
ATOM 1040 C CD1  . ILE A 1 62 ? 8.614   1.904   4.796   1.00 0.98  ? 78 ILE A CD1  1 
ATOM 1041 H H    . ILE A 1 62 ? 5.950   -0.060  6.422   1.00 0.76  ? 78 ILE A H    1 
ATOM 1042 H HA   . ILE A 1 62 ? 5.580   -0.457  3.648   1.00 0.85  ? 78 ILE A HA   1 
ATOM 1043 H HB   . ILE A 1 62 ? 7.987   -0.428  5.448   1.00 0.99  ? 78 ILE A HB   1 
ATOM 1044 H HG12 . ILE A 1 62 ? 7.638   1.238   3.004   1.00 0.98  ? 78 ILE A HG12 1 
ATOM 1045 H HG13 . ILE A 1 62 ? 6.547   1.549   4.356   1.00 0.84  ? 78 ILE A HG13 1 
ATOM 1046 H HG21 . ILE A 1 62 ? 9.162   -0.419  3.029   1.00 1.54  ? 78 ILE A HG21 1 
ATOM 1047 H HG22 . ILE A 1 62 ? 7.804   -1.482  2.664   1.00 1.47  ? 78 ILE A HG22 1 
ATOM 1048 H HG23 . ILE A 1 62 ? 8.931   -1.904  3.952   1.00 1.52  ? 78 ILE A HG23 1 
ATOM 1049 H HD11 . ILE A 1 62 ? 8.550   1.708   5.856   1.00 1.28  ? 78 ILE A HD11 1 
ATOM 1050 H HD12 . ILE A 1 62 ? 8.499   2.962   4.617   1.00 1.47  ? 78 ILE A HD12 1 
ATOM 1051 H HD13 . ILE A 1 62 ? 9.574   1.577   4.427   1.00 1.47  ? 78 ILE A HD13 1 
ATOM 1052 N N    . ARG A 1 63 ? 6.861   -3.079  5.189   1.00 0.99  ? 79 ARG A N    1 
ATOM 1053 C CA   . ARG A 1 63 ? 6.955   -4.564  5.095   1.00 1.09  ? 79 ARG A CA   1 
ATOM 1054 C C    . ARG A 1 63 ? 5.556   -5.133  4.847   1.00 1.02  ? 79 ARG A C    1 
ATOM 1055 O O    . ARG A 1 63 ? 5.392   -6.116  4.153   1.00 1.08  ? 79 ARG A O    1 
ATOM 1056 C CB   . ARG A 1 63 ? 7.515   -5.125  6.405   1.00 1.16  ? 79 ARG A CB   1 
ATOM 1057 C CG   . ARG A 1 63 ? 7.024   -6.561  6.601   1.00 1.60  ? 79 ARG A CG   1 
ATOM 1058 C CD   . ARG A 1 63 ? 7.760   -7.196  7.783   1.00 1.67  ? 79 ARG A CD   1 
ATOM 1059 N NE   . ARG A 1 63 ? 8.946   -7.946  7.283   1.00 2.43  ? 79 ARG A NE   1 
ATOM 1060 C CZ   . ARG A 1 63 ? 9.880   -8.322  8.116   1.00 2.95  ? 79 ARG A CZ   1 
ATOM 1061 N NH1  . ARG A 1 63 ? 9.772   -8.043  9.386   1.00 3.52  ? 79 ARG A NH1  1 
ATOM 1062 N NH2  . ARG A 1 63 ? 10.919  -8.977  7.678   1.00 3.32  ? 79 ARG A NH2  1 
ATOM 1063 H H    . ARG A 1 63 ? 7.280   -2.602  5.944   1.00 0.97  ? 79 ARG A H    1 
ATOM 1064 H HA   . ARG A 1 63 ? 7.606   -4.838  4.274   1.00 1.17  ? 79 ARG A HA   1 
ATOM 1065 H HB2  . ARG A 1 63 ? 8.595   -5.115  6.367   1.00 1.56  ? 79 ARG A HB2  1 
ATOM 1066 H HB3  . ARG A 1 63 ? 7.179   -4.516  7.230   1.00 1.35  ? 79 ARG A HB3  1 
ATOM 1067 H HG2  . ARG A 1 63 ? 5.962   -6.554  6.799   1.00 1.95  ? 79 ARG A HG2  1 
ATOM 1068 H HG3  . ARG A 1 63 ? 7.221   -7.134  5.708   1.00 2.12  ? 79 ARG A HG3  1 
ATOM 1069 H HD2  . ARG A 1 63 ? 8.085   -6.422  8.463   1.00 1.84  ? 79 ARG A HD2  1 
ATOM 1070 H HD3  . ARG A 1 63 ? 7.096   -7.872  8.300   1.00 1.93  ? 79 ARG A HD3  1 
ATOM 1071 H HE   . ARG A 1 63 ? 9.027   -8.157  6.330   1.00 2.95  ? 79 ARG A HE   1 
ATOM 1072 H HH11 . ARG A 1 63 ? 8.974   -7.541  9.722   1.00 3.56  ? 79 ARG A HH11 1 
ATOM 1073 H HH12 . ARG A 1 63 ? 10.487  -8.331  10.023  1.00 4.11  ? 79 ARG A HH12 1 
ATOM 1074 H HH21 . ARG A 1 63 ? 11.002  -9.192  6.704   1.00 3.28  ? 79 ARG A HH21 1 
ATOM 1075 H HH22 . ARG A 1 63 ? 11.634  -9.266  8.314   1.00 3.87  ? 79 ARG A HH22 1 
ATOM 1076 N N    . ASN A 1 64 ? 4.543   -4.517  5.400   1.00 0.92  ? 80 ASN A N    1 
ATOM 1077 C CA   . ASN A 1 64 ? 3.158   -5.022  5.180   1.00 0.86  ? 80 ASN A CA   1 
ATOM 1078 C C    . ASN A 1 64 ? 2.779   -4.797  3.724   1.00 0.82  ? 80 ASN A C    1 
ATOM 1079 O O    . ASN A 1 64 ? 2.475   -5.725  3.010   1.00 0.82  ? 80 ASN A O    1 
ATOM 1080 C CB   . ASN A 1 64 ? 2.180   -4.280  6.093   1.00 0.77  ? 80 ASN A CB   1 
ATOM 1081 C CG   . ASN A 1 64 ? 2.614   -4.449  7.550   1.00 0.90  ? 80 ASN A CG   1 
ATOM 1082 O OD1  . ASN A 1 64 ? 2.695   -3.487  8.288   1.00 1.36  ? 80 ASN A OD1  1 
ATOM 1083 N ND2  . ASN A 1 64 ? 2.897   -5.641  7.999   1.00 1.56  ? 80 ASN A ND2  1 
ATOM 1084 H H    . ASN A 1 64 ? 4.693   -3.720  5.951   1.00 0.90  ? 80 ASN A H    1 
ATOM 1085 H HA   . ASN A 1 64 ? 3.118   -6.077  5.388   1.00 0.94  ? 80 ASN A HA   1 
ATOM 1086 H HB2  . ASN A 1 64 ? 2.175   -3.230  5.837   1.00 0.72  ? 80 ASN A HB2  1 
ATOM 1087 H HB3  . ASN A 1 64 ? 1.188   -4.686  5.966   1.00 0.78  ? 80 ASN A HB3  1 
ATOM 1088 H HD21 . ASN A 1 64 ? 2.830   -6.417  7.405   1.00 2.25  ? 80 ASN A HD21 1 
ATOM 1089 H HD22 . ASN A 1 64 ? 3.176   -5.760  8.930   1.00 1.66  ? 80 ASN A HD22 1 
ATOM 1090 N N    . LEU A 1 65 ? 2.818   -3.584  3.262   1.00 0.82  ? 81 LEU A N    1 
ATOM 1091 C CA   . LEU A 1 65 ? 2.482   -3.349  1.833   1.00 0.83  ? 81 LEU A CA   1 
ATOM 1092 C C    . LEU A 1 65 ? 3.298   -4.335  1.008   1.00 0.96  ? 81 LEU A C    1 
ATOM 1093 O O    . LEU A 1 65 ? 2.841   -4.880  0.023   1.00 0.99  ? 81 LEU A O    1 
ATOM 1094 C CB   . LEU A 1 65 ? 2.849   -1.916  1.435   1.00 0.82  ? 81 LEU A CB   1 
ATOM 1095 C CG   . LEU A 1 65 ? 1.906   -0.931  2.127   1.00 0.69  ? 81 LEU A CG   1 
ATOM 1096 C CD1  . LEU A 1 65 ? 2.589   0.435   2.238   1.00 1.38  ? 81 LEU A CD1  1 
ATOM 1097 C CD2  . LEU A 1 65 ? 0.622   -0.793  1.304   1.00 1.38  ? 81 LEU A CD2  1 
ATOM 1098 H H    . LEU A 1 65 ? 3.086   -2.842  3.842   1.00 0.84  ? 81 LEU A H    1 
ATOM 1099 H HA   . LEU A 1 65 ? 1.428   -3.522  1.672   1.00 0.76  ? 81 LEU A HA   1 
ATOM 1100 H HB2  . LEU A 1 65 ? 3.867   -1.710  1.733   1.00 0.87  ? 81 LEU A HB2  1 
ATOM 1101 H HB3  . LEU A 1 65 ? 2.759   -1.806  0.365   1.00 0.90  ? 81 LEU A HB3  1 
ATOM 1102 H HG   . LEU A 1 65 ? 1.668   -1.295  3.115   1.00 1.31  ? 81 LEU A HG   1 
ATOM 1103 H HD11 . LEU A 1 65 ? 3.076   0.517   3.198   1.00 2.03  ? 81 LEU A HD11 1 
ATOM 1104 H HD12 . LEU A 1 65 ? 1.850   1.217   2.141   1.00 1.78  ? 81 LEU A HD12 1 
ATOM 1105 H HD13 . LEU A 1 65 ? 3.324   0.535   1.453   1.00 1.98  ? 81 LEU A HD13 1 
ATOM 1106 H HD21 . LEU A 1 65 ? -0.085  -0.179  1.841   1.00 1.94  ? 81 LEU A HD21 1 
ATOM 1107 H HD22 . LEU A 1 65 ? 0.196   -1.772  1.138   1.00 1.97  ? 81 LEU A HD22 1 
ATOM 1108 H HD23 . LEU A 1 65 ? 0.850   -0.334  0.354   1.00 1.91  ? 81 LEU A HD23 1 
ATOM 1109 N N    . ASN A 1 66 ? 4.505   -4.580  1.431   1.00 1.05  ? 82 ASN A N    1 
ATOM 1110 C CA   . ASN A 1 66 ? 5.378   -5.544  0.714   1.00 1.20  ? 82 ASN A CA   1 
ATOM 1111 C C    . ASN A 1 66 ? 4.774   -6.941  0.823   1.00 1.21  ? 82 ASN A C    1 
ATOM 1112 O O    . ASN A 1 66 ? 4.680   -7.667  -0.147  1.00 1.26  ? 82 ASN A O    1 
ATOM 1113 C CB   . ASN A 1 66 ? 6.765   -5.515  1.361   1.00 1.28  ? 82 ASN A CB   1 
ATOM 1114 C CG   . ASN A 1 66 ? 7.618   -4.430  0.703   1.00 1.33  ? 82 ASN A CG   1 
ATOM 1115 O OD1  . ASN A 1 66 ? 8.327   -4.692  -0.249  1.00 1.68  ? 82 ASN A OD1  1 
ATOM 1116 N ND2  . ASN A 1 66 ? 7.580   -3.213  1.171   1.00 1.71  ? 82 ASN A ND2  1 
ATOM 1117 H H    . ASN A 1 66 ? 4.835   -4.135  2.239   1.00 1.03  ? 82 ASN A H    1 
ATOM 1118 H HA   . ASN A 1 66 ? 5.450   -5.264  -0.324  1.00 1.24  ? 82 ASN A HA   1 
ATOM 1119 H HB2  . ASN A 1 66 ? 6.655   -5.295  2.410   1.00 1.22  ? 82 ASN A HB2  1 
ATOM 1120 H HB3  . ASN A 1 66 ? 7.246   -6.471  1.250   1.00 1.37  ? 82 ASN A HB3  1 
ATOM 1121 H HD21 . ASN A 1 66 ? 7.008   -3.002  1.938   1.00 2.26  ? 82 ASN A HD21 1 
ATOM 1122 H HD22 . ASN A 1 66 ? 8.122   -2.510  0.756   1.00 1.76  ? 82 ASN A HD22 1 
ATOM 1123 N N    . VAL A 1 67 ? 4.346   -7.315  1.994   1.00 1.18  ? 83 VAL A N    1 
ATOM 1124 C CA   . VAL A 1 67 ? 3.727   -8.657  2.162   1.00 1.22  ? 83 VAL A CA   1 
ATOM 1125 C C    . VAL A 1 67 ? 2.446   -8.705  1.330   1.00 1.14  ? 83 VAL A C    1 
ATOM 1126 O O    . VAL A 1 67 ? 2.243   -9.598  0.531   1.00 1.20  ? 83 VAL A O    1 
ATOM 1127 C CB   . VAL A 1 67 ? 3.390   -8.887  3.637   1.00 1.19  ? 83 VAL A CB   1 
ATOM 1128 C CG1  . VAL A 1 67 ? 2.674   -10.230 3.793   1.00 1.28  ? 83 VAL A CG1  1 
ATOM 1129 C CG2  . VAL A 1 67 ? 4.682   -8.902  4.458   1.00 1.27  ? 83 VAL A CG2  1 
ATOM 1130 H H    . VAL A 1 67 ? 4.419   -6.707  2.758   1.00 1.15  ? 83 VAL A H    1 
ATOM 1131 H HA   . VAL A 1 67 ? 4.412   -9.419  1.820   1.00 1.32  ? 83 VAL A HA   1 
ATOM 1132 H HB   . VAL A 1 67 ? 2.747   -8.094  3.986   1.00 1.10  ? 83 VAL A HB   1 
ATOM 1133 H HG11 . VAL A 1 67 ? 2.532   -10.443 4.842   1.00 1.60  ? 83 VAL A HG11 1 
ATOM 1134 H HG12 . VAL A 1 67 ? 3.271   -11.010 3.345   1.00 1.70  ? 83 VAL A HG12 1 
ATOM 1135 H HG13 . VAL A 1 67 ? 1.713   -10.184 3.301   1.00 1.66  ? 83 VAL A HG13 1 
ATOM 1136 H HG21 . VAL A 1 67 ? 4.954   -9.923  4.683   1.00 1.80  ? 83 VAL A HG21 1 
ATOM 1137 H HG22 . VAL A 1 67 ? 4.529   -8.358  5.379   1.00 1.46  ? 83 VAL A HG22 1 
ATOM 1138 H HG23 . VAL A 1 67 ? 5.474   -8.434  3.891   1.00 1.63  ? 83 VAL A HG23 1 
ATOM 1139 N N    . ILE A 1 68 ? 1.585   -7.739  1.504   1.00 1.02  ? 84 ILE A N    1 
ATOM 1140 C CA   . ILE A 1 68 ? 0.324   -7.720  0.714   1.00 0.95  ? 84 ILE A CA   1 
ATOM 1141 C C    . ILE A 1 68 ? 0.656   -7.939  -0.761  1.00 1.04  ? 84 ILE A C    1 
ATOM 1142 O O    . ILE A 1 68 ? 0.029   -8.734  -1.436  1.00 1.07  ? 84 ILE A O    1 
ATOM 1143 C CB   . ILE A 1 68 ? -0.376  -6.375  0.888   1.00 0.82  ? 84 ILE A CB   1 
ATOM 1144 C CG1  . ILE A 1 68 ? -1.128  -6.371  2.218   1.00 0.73  ? 84 ILE A CG1  1 
ATOM 1145 C CG2  . ILE A 1 68 ? -1.370  -6.163  -0.256  1.00 0.80  ? 84 ILE A CG2  1 
ATOM 1146 C CD1  . ILE A 1 68 ? -1.193  -4.946  2.756   1.00 0.64  ? 84 ILE A CD1  1 
ATOM 1147 H H    . ILE A 1 68 ? 1.773   -7.023  2.149   1.00 0.97  ? 84 ILE A H    1 
ATOM 1148 H HA   . ILE A 1 68 ? -0.328  -8.507  1.061   1.00 0.94  ? 84 ILE A HA   1 
ATOM 1149 H HB   . ILE A 1 68 ? 0.358   -5.581  0.882   1.00 0.84  ? 84 ILE A HB   1 
ATOM 1150 H HG12 . ILE A 1 68 ? -2.130  -6.746  2.065   1.00 0.71  ? 84 ILE A HG12 1 
ATOM 1151 H HG13 . ILE A 1 68 ? -0.612  -6.998  2.927   1.00 0.79  ? 84 ILE A HG13 1 
ATOM 1152 H HG21 . ILE A 1 68 ? -2.018  -7.022  -0.331  1.00 1.39  ? 84 ILE A HG21 1 
ATOM 1153 H HG22 . ILE A 1 68 ? -0.832  -6.037  -1.183  1.00 1.17  ? 84 ILE A HG22 1 
ATOM 1154 H HG23 . ILE A 1 68 ? -1.961  -5.281  -0.060  1.00 1.29  ? 84 ILE A HG23 1 
ATOM 1155 H HD11 . ILE A 1 68 ? -0.197  -4.610  3.001   1.00 1.12  ? 84 ILE A HD11 1 
ATOM 1156 H HD12 . ILE A 1 68 ? -1.810  -4.924  3.641   1.00 1.14  ? 84 ILE A HD12 1 
ATOM 1157 H HD13 . ILE A 1 68 ? -1.617  -4.297  2.003   1.00 1.29  ? 84 ILE A HD13 1 
ATOM 1158 N N    . LEU A 1 69 ? 1.645   -7.253  -1.271  1.00 1.09  ? 85 LEU A N    1 
ATOM 1159 C CA   . LEU A 1 69 ? 2.010   -7.448  -2.703  1.00 1.19  ? 85 LEU A CA   1 
ATOM 1160 C C    . LEU A 1 69 ? 2.536   -8.869  -2.888  1.00 1.31  ? 85 LEU A C    1 
ATOM 1161 O O    . LEU A 1 69 ? 2.118   -9.584  -3.775  1.00 1.36  ? 85 LEU A O    1 
ATOM 1162 C CB   . LEU A 1 69 ? 3.088   -6.439  -3.118  1.00 1.26  ? 85 LEU A CB   1 
ATOM 1163 C CG   . LEU A 1 69 ? 2.440   -5.153  -3.648  1.00 1.20  ? 85 LEU A CG   1 
ATOM 1164 C CD1  . LEU A 1 69 ? 1.564   -5.484  -4.857  1.00 1.27  ? 85 LEU A CD1  1 
ATOM 1165 C CD2  . LEU A 1 69 ? 1.577   -4.507  -2.562  1.00 1.05  ? 85 LEU A CD2  1 
ATOM 1166 H H    . LEU A 1 69 ? 2.153   -6.621  -0.713  1.00 1.06  ? 85 LEU A H    1 
ATOM 1167 H HA   . LEU A 1 69 ? 1.132   -7.310  -3.315  1.00 1.16  ? 85 LEU A HA   1 
ATOM 1168 H HB2  . LEU A 1 69 ? 3.704   -6.203  -2.262  1.00 1.26  ? 85 LEU A HB2  1 
ATOM 1169 H HB3  . LEU A 1 69 ? 3.703   -6.874  -3.891  1.00 1.38  ? 85 LEU A HB3  1 
ATOM 1170 H HG   . LEU A 1 69 ? 3.215   -4.463  -3.950  1.00 1.25  ? 85 LEU A HG   1 
ATOM 1171 H HD11 . LEU A 1 69 ? 0.525   -5.464  -4.566  1.00 1.60  ? 85 LEU A HD11 1 
ATOM 1172 H HD12 . LEU A 1 69 ? 1.817   -6.468  -5.225  1.00 1.56  ? 85 LEU A HD12 1 
ATOM 1173 H HD13 . LEU A 1 69 ? 1.734   -4.755  -5.636  1.00 1.75  ? 85 LEU A HD13 1 
ATOM 1174 H HD21 . LEU A 1 69 ? 0.884   -3.816  -3.019  1.00 1.54  ? 85 LEU A HD21 1 
ATOM 1175 H HD22 . LEU A 1 69 ? 2.210   -3.973  -1.870  1.00 1.33  ? 85 LEU A HD22 1 
ATOM 1176 H HD23 . LEU A 1 69 ? 1.028   -5.269  -2.036  1.00 1.42  ? 85 LEU A HD23 1 
ATOM 1177 N N    . ALA A 1 70 ? 3.440   -9.289  -2.050  1.00 1.39  ? 86 ALA A N    1 
ATOM 1178 C CA   . ALA A 1 70 ? 3.977   -10.672 -2.173  1.00 1.51  ? 86 ALA A CA   1 
ATOM 1179 C C    . ALA A 1 70 ? 2.817   -11.661 -2.066  1.00 1.48  ? 86 ALA A C    1 
ATOM 1180 O O    . ALA A 1 70 ? 2.930   -12.813 -2.437  1.00 1.58  ? 86 ALA A O    1 
ATOM 1181 C CB   . ALA A 1 70 ? 4.978   -10.931 -1.046  1.00 1.57  ? 86 ALA A CB   1 
ATOM 1182 H H    . ALA A 1 70 ? 3.758   -8.701  -1.333  1.00 1.37  ? 86 ALA A H    1 
ATOM 1183 H HA   . ALA A 1 70 ? 4.467   -10.787 -3.128  1.00 1.60  ? 86 ALA A HA   1 
ATOM 1184 H HB1  . ALA A 1 70 ? 4.707   -10.343 -0.181  1.00 1.83  ? 86 ALA A HB1  1 
ATOM 1185 H HB2  . ALA A 1 70 ? 5.969   -10.654 -1.374  1.00 1.86  ? 86 ALA A HB2  1 
ATOM 1186 H HB3  . ALA A 1 70 ? 4.965   -11.979 -0.787  1.00 1.96  ? 86 ALA A HB3  1 
ATOM 1187 N N    . LYS A 1 71 ? 1.699   -11.216 -1.557  1.00 1.35  ? 87 LYS A N    1 
ATOM 1188 C CA   . LYS A 1 71 ? 0.524   -12.121 -1.418  1.00 1.33  ? 87 LYS A CA   1 
ATOM 1189 C C    . LYS A 1 71 ? -0.268  -12.139 -2.724  1.00 1.32  ? 87 LYS A C    1 
ATOM 1190 O O    . LYS A 1 71 ? -0.596  -13.185 -3.248  1.00 1.39  ? 87 LYS A O    1 
ATOM 1191 C CB   . LYS A 1 71 ? -0.371  -11.610 -0.291  1.00 1.21  ? 87 LYS A CB   1 
ATOM 1192 C CG   . LYS A 1 71 ? -1.200  -12.767 0.270   1.00 1.25  ? 87 LYS A CG   1 
ATOM 1193 C CD   . LYS A 1 71 ? -2.444  -12.212 0.968   1.00 1.18  ? 87 LYS A CD   1 
ATOM 1194 C CE   . LYS A 1 71 ? -2.653  -12.941 2.296   1.00 1.66  ? 87 LYS A CE   1 
ATOM 1195 N NZ   . LYS A 1 71 ? -3.095  -14.340 2.031   1.00 2.41  ? 87 LYS A NZ   1 
ATOM 1196 H H    . LYS A 1 71 ? 1.635   -10.283 -1.263  1.00 1.27  ? 87 LYS A H    1 
ATOM 1197 H HA   . LYS A 1 71 ? 0.861   -13.117 -1.188  1.00 1.42  ? 87 LYS A HA   1 
ATOM 1198 H HB2  . LYS A 1 71 ? 0.243   -11.191 0.490   1.00 1.20  ? 87 LYS A HB2  1 
ATOM 1199 H HB3  . LYS A 1 71 ? -1.034  -10.850 -0.676  1.00 1.13  ? 87 LYS A HB3  1 
ATOM 1200 H HG2  . LYS A 1 71 ? -1.501  -13.419 -0.537  1.00 1.31  ? 87 LYS A HG2  1 
ATOM 1201 H HG3  . LYS A 1 71 ? -0.609  -13.322 0.982   1.00 1.32  ? 87 LYS A HG3  1 
ATOM 1202 H HD2  . LYS A 1 71 ? -2.310  -11.155 1.154   1.00 1.29  ? 87 LYS A HD2  1 
ATOM 1203 H HD3  . LYS A 1 71 ? -3.308  -12.361 0.338   1.00 1.46  ? 87 LYS A HD3  1 
ATOM 1204 H HE2  . LYS A 1 71 ? -1.725  -12.955 2.849   1.00 2.06  ? 87 LYS A HE2  1 
ATOM 1205 H HE3  . LYS A 1 71 ? -3.408  -12.428 2.874   1.00 2.14  ? 87 LYS A HE3  1 
ATOM 1206 H HZ1  . LYS A 1 71 ? -3.097  -14.877 2.920   1.00 2.84  ? 87 LYS A HZ1  1 
ATOM 1207 H HZ2  . LYS A 1 71 ? -2.441  -14.787 1.356   1.00 2.84  ? 87 LYS A HZ2  1 
ATOM 1208 H HZ3  . LYS A 1 71 ? -4.054  -14.331 1.632   1.00 2.83  ? 87 LYS A HZ3  1 
ATOM 1209 N N    . TYR A 1 72 ? -0.577  -10.990 -3.254  1.00 1.25  ? 88 TYR A N    1 
ATOM 1210 C CA   . TYR A 1 72 ? -1.346  -10.946 -4.529  1.00 1.26  ? 88 TYR A CA   1 
ATOM 1211 C C    . TYR A 1 72 ? -0.380  -11.110 -5.700  1.00 1.39  ? 88 TYR A C    1 
ATOM 1212 O O    . TYR A 1 72 ? -0.773  -11.104 -6.850  1.00 1.45  ? 88 TYR A O    1 
ATOM 1213 C CB   . TYR A 1 72 ? -2.073  -9.604  -4.650  1.00 1.15  ? 88 TYR A CB   1 
ATOM 1214 C CG   . TYR A 1 72 ? -3.174  -9.531  -3.619  1.00 1.05  ? 88 TYR A CG   1 
ATOM 1215 C CD1  . TYR A 1 72 ? -4.409  -10.142 -3.869  1.00 1.05  ? 88 TYR A CD1  1 
ATOM 1216 C CD2  . TYR A 1 72 ? -2.960  -8.852  -2.413  1.00 0.98  ? 88 TYR A CD2  1 
ATOM 1217 C CE1  . TYR A 1 72 ? -5.429  -10.075 -2.914  1.00 0.98  ? 88 TYR A CE1  1 
ATOM 1218 C CE2  . TYR A 1 72 ? -3.982  -8.784  -1.458  1.00 0.92  ? 88 TYR A CE2  1 
ATOM 1219 C CZ   . TYR A 1 72 ? -5.217  -9.396  -1.709  1.00 0.92  ? 88 TYR A CZ   1 
ATOM 1220 O OH   . TYR A 1 72 ? -6.222  -9.329  -0.767  1.00 0.90  ? 88 TYR A OH   1 
ATOM 1221 H H    . TYR A 1 72 ? -0.300  -10.158 -2.815  1.00 1.21  ? 88 TYR A H    1 
ATOM 1222 H HA   . TYR A 1 72 ? -2.068  -11.750 -4.543  1.00 1.25  ? 88 TYR A HA   1 
ATOM 1223 H HB2  . TYR A 1 72 ? -1.373  -8.797  -4.490  1.00 1.15  ? 88 TYR A HB2  1 
ATOM 1224 H HB3  . TYR A 1 72 ? -2.503  -9.516  -5.638  1.00 1.19  ? 88 TYR A HB3  1 
ATOM 1225 H HD1  . TYR A 1 72 ? -4.573  -10.666 -4.799  1.00 1.13  ? 88 TYR A HD1  1 
ATOM 1226 H HD2  . TYR A 1 72 ? -2.008  -8.381  -2.220  1.00 1.02  ? 88 TYR A HD2  1 
ATOM 1227 H HE1  . TYR A 1 72 ? -6.381  -10.545 -3.107  1.00 1.02  ? 88 TYR A HE1  1 
ATOM 1228 H HE2  . TYR A 1 72 ? -3.818  -8.261  -0.527  1.00 0.90  ? 88 TYR A HE2  1 
ATOM 1229 H HH   . TYR A 1 72 ? -5.842  -8.995  0.050   1.00 1.23  ? 88 TYR A HH   1 
ATOM 1230 N N    . GLY A 1 73 ? 0.886   -11.249 -5.415  1.00 1.45  ? 89 GLY A N    1 
ATOM 1231 C CA   . GLY A 1 73 ? 1.882   -11.407 -6.511  1.00 1.59  ? 89 GLY A CA   1 
ATOM 1232 C C    . GLY A 1 73 ? 1.861   -10.157 -7.390  1.00 1.60  ? 89 GLY A C    1 
ATOM 1233 O O    . GLY A 1 73 ? 2.467   -10.113 -8.443  1.00 1.69  ? 89 GLY A O    1 
ATOM 1234 H H    . GLY A 1 73 ? 1.182   -11.244 -4.477  1.00 1.40  ? 89 GLY A H    1 
ATOM 1235 H HA2  . GLY A 1 73 ? 2.868   -11.537 -6.086  1.00 1.64  ? 89 GLY A HA2  1 
ATOM 1236 H HA3  . GLY A 1 73 ? 1.630   -12.269 -7.110  1.00 1.65  ? 89 GLY A HA3  1 
ATOM 1237 N N    . LEU A 1 74 ? 1.164   -9.138  -6.965  1.00 1.53  ? 90 LEU A N    1 
ATOM 1238 C CA   . LEU A 1 74 ? 1.097   -7.888  -7.771  1.00 1.57  ? 90 LEU A CA   1 
ATOM 1239 C C    . LEU A 1 74 ? 2.359   -7.058  -7.532  1.00 1.64  ? 90 LEU A C    1 
ATOM 1240 O O    . LEU A 1 74 ? 2.462   -5.929  -7.971  1.00 1.90  ? 90 LEU A O    1 
ATOM 1241 C CB   . LEU A 1 74 ? -0.132  -7.080  -7.354  1.00 1.50  ? 90 LEU A CB   1 
ATOM 1242 C CG   . LEU A 1 74 ? -0.808  -6.496  -8.595  1.00 1.49  ? 90 LEU A CG   1 
ATOM 1243 C CD1  . LEU A 1 74 ? -2.057  -5.719  -8.177  1.00 1.64  ? 90 LEU A CD1  1 
ATOM 1244 C CD2  . LEU A 1 74 ? 0.164   -5.553  -9.307  1.00 2.00  ? 90 LEU A CD2  1 
ATOM 1245 H H    . LEU A 1 74 ? 0.683   -9.198  -6.113  1.00 1.47  ? 90 LEU A H    1 
ATOM 1246 H HA   . LEU A 1 74 ? 1.024   -8.140  -8.819  1.00 1.65  ? 90 LEU A HA   1 
ATOM 1247 H HB2  . LEU A 1 74 ? -0.827  -7.724  -6.834  1.00 1.69  ? 90 LEU A HB2  1 
ATOM 1248 H HB3  . LEU A 1 74 ? 0.171   -6.277  -6.700  1.00 1.78  ? 90 LEU A HB3  1 
ATOM 1249 H HG   . LEU A 1 74 ? -1.089  -7.298  -9.261  1.00 2.02  ? 90 LEU A HG   1 
ATOM 1250 H HD11 . LEU A 1 74 ? -2.859  -5.927  -8.871  1.00 2.01  ? 90 LEU A HD11 1 
ATOM 1251 H HD12 . LEU A 1 74 ? -1.842  -4.661  -8.184  1.00 2.03  ? 90 LEU A HD12 1 
ATOM 1252 H HD13 . LEU A 1 74 ? -2.354  -6.021  -7.183  1.00 2.12  ? 90 LEU A HD13 1 
ATOM 1253 H HD21 . LEU A 1 74 ? 0.582   -4.859  -8.591  1.00 2.33  ? 90 LEU A HD21 1 
ATOM 1254 H HD22 . LEU A 1 74 ? -0.363  -5.005  -10.073 1.00 2.46  ? 90 LEU A HD22 1 
ATOM 1255 H HD23 . LEU A 1 74 ? 0.960   -6.128  -9.757  1.00 2.41  ? 90 LEU A HD23 1 
ATOM 1256 N N    . ASP A 1 75 ? 3.321   -7.605  -6.839  1.00 1.65  ? 91 ASP A N    1 
ATOM 1257 C CA   . ASP A 1 75 ? 4.574   -6.842  -6.575  1.00 1.70  ? 91 ASP A CA   1 
ATOM 1258 C C    . ASP A 1 75 ? 5.033   -6.160  -7.864  1.00 1.81  ? 91 ASP A C    1 
ATOM 1259 O O    . ASP A 1 75 ? 5.934   -5.345  -7.859  1.00 2.10  ? 91 ASP A O    1 
ATOM 1260 C CB   . ASP A 1 75 ? 5.664   -7.801  -6.088  1.00 1.82  ? 91 ASP A CB   1 
ATOM 1261 C CG   . ASP A 1 75 ? 5.110   -8.676  -4.962  1.00 1.80  ? 91 ASP A CG   1 
ATOM 1262 O OD1  . ASP A 1 75 ? 4.039   -9.229  -5.141  1.00 2.21  ? 91 ASP A OD1  1 
ATOM 1263 O OD2  . ASP A 1 75 ? 5.769   -8.780  -3.940  1.00 1.99  ? 91 ASP A OD2  1 
ATOM 1264 H H    . ASP A 1 75 ? 3.219   -8.515  -6.494  1.00 1.77  ? 91 ASP A H    1 
ATOM 1265 H HA   . ASP A 1 75 ? 4.388   -6.094  -5.819  1.00 1.75  ? 91 ASP A HA   1 
ATOM 1266 H HB2  . ASP A 1 75 ? 5.984   -8.427  -6.908  1.00 1.95  ? 91 ASP A HB2  1 
ATOM 1267 H HB3  . ASP A 1 75 ? 6.505   -7.232  -5.720  1.00 1.80  ? 91 ASP A HB3  1 
ATOM 1268 N N    . GLY A 1 76 ? 4.419   -6.486  -8.968  1.00 2.09  ? 92 GLY A N    1 
ATOM 1269 C CA   . GLY A 1 76 ? 4.816   -5.855  -10.256 1.00 2.42  ? 92 GLY A CA   1 
ATOM 1270 C C    . GLY A 1 76 ? 5.598   -6.863  -11.099 1.00 2.35  ? 92 GLY A C    1 
ATOM 1271 O O    . GLY A 1 76 ? 5.325   -8.046  -11.080 1.00 2.82  ? 92 GLY A O    1 
ATOM 1272 H H    . GLY A 1 76 ? 3.694   -7.145  -8.948  1.00 2.36  ? 92 GLY A H    1 
ATOM 1273 H HA2  . GLY A 1 76 ? 3.930   -5.546  -10.792 1.00 2.88  ? 92 GLY A HA2  1 
ATOM 1274 H HA3  . GLY A 1 76 ? 5.438   -4.996  -10.060 1.00 2.88  ? 92 GLY A HA3  1 
ATOM 1275 N N    . LYS A 1 77 ? 6.571   -6.404  -11.835 1.00 2.69  ? 93 LYS A N    1 
ATOM 1276 C CA   . LYS A 1 77 ? 7.372   -7.336  -12.676 1.00 3.43  ? 93 LYS A CA   1 
ATOM 1277 C C    . LYS A 1 77 ? 8.843   -6.913  -12.635 1.00 3.52  ? 93 LYS A C    1 
ATOM 1278 O O    . LYS A 1 77 ? 9.611   -7.383  -11.821 1.00 3.86  ? 93 LYS A O    1 
ATOM 1279 C CB   . LYS A 1 77 ? 6.875   -7.322  -14.133 1.00 4.42  ? 93 LYS A CB   1 
ATOM 1280 C CG   . LYS A 1 77 ? 5.690   -6.355  -14.312 1.00 5.09  ? 93 LYS A CG   1 
ATOM 1281 C CD   . LYS A 1 77 ? 6.195   -4.928  -14.598 1.00 6.04  ? 93 LYS A CD   1 
ATOM 1282 C CE   . LYS A 1 77 ? 6.360   -4.139  -13.293 1.00 6.93  ? 93 LYS A CE   1 
ATOM 1283 N NZ   . LYS A 1 77 ? 7.738   -4.338  -12.763 1.00 7.42  ? 93 LYS A NZ   1 
ATOM 1284 H H    . LYS A 1 77 ? 6.777   -5.447  -11.832 1.00 2.96  ? 93 LYS A H    1 
ATOM 1285 H HA   . LYS A 1 77 ? 7.281   -8.336  -12.278 1.00 3.80  ? 93 LYS A HA   1 
ATOM 1286 H HB2  . LYS A 1 77 ? 7.683   -7.026  -14.783 1.00 4.71  ? 93 LYS A HB2  1 
ATOM 1287 H HB3  . LYS A 1 77 ? 6.557   -8.320  -14.401 1.00 4.85  ? 93 LYS A HB3  1 
ATOM 1288 H HG2  . LYS A 1 77 ? 5.094   -6.689  -15.149 1.00 5.32  ? 93 LYS A HG2  1 
ATOM 1289 H HG3  . LYS A 1 77 ? 5.078   -6.355  -13.427 1.00 5.10  ? 93 LYS A HG3  1 
ATOM 1290 H HD2  . LYS A 1 77 ? 7.145   -4.975  -15.107 1.00 6.20  ? 93 LYS A HD2  1 
ATOM 1291 H HD3  . LYS A 1 77 ? 5.481   -4.421  -15.230 1.00 6.26  ? 93 LYS A HD3  1 
ATOM 1292 H HE2  . LYS A 1 77 ? 6.203   -3.088  -13.491 1.00 7.27  ? 93 LYS A HE2  1 
ATOM 1293 H HE3  . LYS A 1 77 ? 5.638   -4.477  -12.566 1.00 7.20  ? 93 LYS A HE3  1 
ATOM 1294 H HZ1  . LYS A 1 77 ? 8.426   -4.227  -13.534 1.00 7.76  ? 93 LYS A HZ1  1 
ATOM 1295 H HZ2  . LYS A 1 77 ? 7.820   -5.292  -12.360 1.00 7.54  ? 93 LYS A HZ2  1 
ATOM 1296 H HZ3  . LYS A 1 77 ? 7.932   -3.631  -12.026 1.00 7.59  ? 93 LYS A HZ3  1 
ATOM 1297 N N    . LYS A 1 78 ? 9.241   -6.026  -13.506 1.00 3.76  ? 94 LYS A N    1 
ATOM 1298 C CA   . LYS A 1 78 ? 10.660  -5.576  -13.512 1.00 4.40  ? 94 LYS A CA   1 
ATOM 1299 C C    . LYS A 1 78 ? 10.824  -4.409  -12.537 1.00 4.66  ? 94 LYS A C    1 
ATOM 1300 O O    . LYS A 1 78 ? 11.074  -4.599  -11.364 1.00 5.12  ? 94 LYS A O    1 
ATOM 1301 C CB   . LYS A 1 78 ? 11.048  -5.122  -14.922 1.00 5.07  ? 94 LYS A CB   1 
ATOM 1302 C CG   . LYS A 1 78 ? 11.002  -6.316  -15.881 1.00 5.63  ? 94 LYS A CG   1 
ATOM 1303 C CD   . LYS A 1 78 ? 11.977  -7.398  -15.406 1.00 6.37  ? 94 LYS A CD   1 
ATOM 1304 C CE   . LYS A 1 78 ? 11.217  -8.475  -14.626 1.00 7.26  ? 94 LYS A CE   1 
ATOM 1305 N NZ   . LYS A 1 78 ? 12.065  -8.969  -13.506 1.00 7.79  ? 94 LYS A NZ   1 
ATOM 1306 H H    . LYS A 1 78 ? 8.606   -5.656  -14.155 1.00 3.82  ? 94 LYS A H    1 
ATOM 1307 H HA   . LYS A 1 78 ? 11.298  -6.391  -13.206 1.00 4.75  ? 94 LYS A HA   1 
ATOM 1308 H HB2  . LYS A 1 78 ? 10.355  -4.364  -15.258 1.00 5.17  ? 94 LYS A HB2  1 
ATOM 1309 H HB3  . LYS A 1 78 ? 12.047  -4.715  -14.907 1.00 5.51  ? 94 LYS A HB3  1 
ATOM 1310 H HG2  . LYS A 1 78 ? 9.999   -6.716  -15.909 1.00 5.81  ? 94 LYS A HG2  1 
ATOM 1311 H HG3  . LYS A 1 78 ? 11.285  -5.991  -16.871 1.00 5.77  ? 94 LYS A HG3  1 
ATOM 1312 H HD2  . LYS A 1 78 ? 12.458  -7.846  -16.263 1.00 6.42  ? 94 LYS A HD2  1 
ATOM 1313 H HD3  . LYS A 1 78 ? 12.725  -6.953  -14.766 1.00 6.56  ? 94 LYS A HD3  1 
ATOM 1314 H HE2  . LYS A 1 78 ? 10.304  -8.059  -14.228 1.00 7.57  ? 94 LYS A HE2  1 
ATOM 1315 H HE3  . LYS A 1 78 ? 10.980  -9.296  -15.287 1.00 7.52  ? 94 LYS A HE3  1 
ATOM 1316 H HZ1  . LYS A 1 78 ? 11.551  -8.866  -12.608 1.00 8.07  ? 94 LYS A HZ1  1 
ATOM 1317 H HZ2  . LYS A 1 78 ? 12.946  -8.415  -13.468 1.00 8.02  ? 94 LYS A HZ2  1 
ATOM 1318 H HZ3  . LYS A 1 78 ? 12.293  -9.971  -13.658 1.00 7.93  ? 94 LYS A HZ3  1 
ATOM 1319 N N    . ASP A 1 79 ? 10.686  -3.202  -13.013 1.00 4.87  ? 95 ASP A N    1 
ATOM 1320 C CA   . ASP A 1 79 ? 10.835  -2.027  -12.110 1.00 5.65  ? 95 ASP A CA   1 
ATOM 1321 C C    . ASP A 1 79 ? 12.261  -1.988  -11.559 1.00 6.05  ? 95 ASP A C    1 
ATOM 1322 O O    . ASP A 1 79 ? 12.885  -0.947  -11.498 1.00 6.40  ? 95 ASP A O    1 
ATOM 1323 C CB   . ASP A 1 79 ? 9.843   -2.145  -10.951 1.00 6.36  ? 95 ASP A CB   1 
ATOM 1324 C CG   . ASP A 1 79 ? 8.685   -1.169  -11.169 1.00 6.36  ? 95 ASP A CG   1 
ATOM 1325 O OD1  . ASP A 1 79 ? 8.331   -0.947  -12.314 1.00 6.76  ? 95 ASP A OD1  1 
ATOM 1326 O OD2  . ASP A 1 79 ? 8.172   -0.661  -10.185 1.00 6.27  ? 95 ASP A OD2  1 
ATOM 1327 H H    . ASP A 1 79 ? 10.484  -3.068  -13.962 1.00 4.84  ? 95 ASP A H    1 
ATOM 1328 H HA   . ASP A 1 79 ? 10.637  -1.120  -12.663 1.00 5.86  ? 95 ASP A HA   1 
ATOM 1329 H HB2  . ASP A 1 79 ? 9.460   -3.155  -10.907 1.00 6.54  ? 95 ASP A HB2  1 
ATOM 1330 H HB3  . ASP A 1 79 ? 10.342  -1.907  -10.024 1.00 6.68  ? 95 ASP A HB3  1 
ATOM 1331 N N    . ALA A 1 80 ? 12.782  -3.115  -11.158 1.00 6.38  ? 96 ALA A N    1 
ATOM 1332 C CA   . ALA A 1 80 ? 14.167  -3.145  -10.612 1.00 7.12  ? 96 ALA A CA   1 
ATOM 1333 C C    . ALA A 1 80 ? 15.093  -3.842  -11.610 1.00 7.59  ? 96 ALA A C    1 
ATOM 1334 O O    . ALA A 1 80 ? 16.294  -3.889  -11.431 1.00 7.85  ? 96 ALA A O    1 
ATOM 1335 C CB   . ALA A 1 80 ? 14.177  -3.907  -9.286  1.00 7.54  ? 96 ALA A CB   1 
ATOM 1336 H H    . ALA A 1 80 ? 12.261  -3.943  -11.216 1.00 6.37  ? 96 ALA A H    1 
ATOM 1337 H HA   . ALA A 1 80 ? 14.512  -2.134  -10.448 1.00 7.38  ? 96 ALA A HA   1 
ATOM 1338 H HB1  . ALA A 1 80 ? 15.144  -3.801  -8.816  1.00 7.75  ? 96 ALA A HB1  1 
ATOM 1339 H HB2  . ALA A 1 80 ? 13.980  -4.954  -9.470  1.00 7.76  ? 96 ALA A HB2  1 
ATOM 1340 H HB3  . ALA A 1 80 ? 13.414  -3.508  -8.634  1.00 7.71  ? 96 ALA A HB3  1 
ATOM 1341 N N    . ARG A 1 81 ? 14.544  -4.386  -12.662 1.00 8.01  ? 97 ARG A N    1 
ATOM 1342 C CA   . ARG A 1 81 ? 15.393  -5.079  -13.671 1.00 8.75  ? 97 ARG A CA   1 
ATOM 1343 C C    . ARG A 1 81 ? 16.091  -6.275  -13.018 1.00 9.19  ? 97 ARG A C    1 
ATOM 1344 O O    . ARG A 1 81 ? 16.614  -6.180  -11.926 1.00 9.42  ? 97 ARG A O    1 
ATOM 1345 C CB   . ARG A 1 81 ? 16.444  -4.105  -14.206 1.00 9.02  ? 97 ARG A CB   1 
ATOM 1346 C CG   . ARG A 1 81 ? 17.101  -4.696  -15.456 1.00 9.45  ? 97 ARG A CG   1 
ATOM 1347 C CD   . ARG A 1 81 ? 18.551  -5.071  -15.145 1.00 9.78  ? 97 ARG A CD   1 
ATOM 1348 N NE   . ARG A 1 81 ? 18.633  -5.653  -13.776 1.00 10.08 ? 97 ARG A NE   1 
ATOM 1349 C CZ   . ARG A 1 81 ? 19.697  -6.314  -13.410 1.00 10.54 ? 97 ARG A CZ   1 
ATOM 1350 N NH1  . ARG A 1 81 ? 20.690  -6.465  -14.243 1.00 10.84 ? 97 ARG A NH1  1 
ATOM 1351 N NH2  . ARG A 1 81 ? 19.768  -6.823  -12.209 1.00 10.89 ? 97 ARG A NH2  1 
ATOM 1352 H H    . ARG A 1 81 ? 13.574  -4.338  -12.789 1.00 8.01  ? 97 ARG A H    1 
ATOM 1353 H HA   . ARG A 1 81 ? 14.774  -5.424  -14.486 1.00 9.08  ? 97 ARG A HA   1 
ATOM 1354 H HB2  . ARG A 1 81 ? 15.971  -3.166  -14.455 1.00 8.89  ? 97 ARG A HB2  1 
ATOM 1355 H HB3  . ARG A 1 81 ? 17.198  -3.938  -13.451 1.00 9.32  ? 97 ARG A HB3  1 
ATOM 1356 H HG2  . ARG A 1 81 ? 16.559  -5.577  -15.764 1.00 9.77  ? 97 ARG A HG2  1 
ATOM 1357 H HG3  . ARG A 1 81 ? 17.083  -3.965  -16.250 1.00 9.47  ? 97 ARG A HG3  1 
ATOM 1358 H HD2  . ARG A 1 81 ? 18.898  -5.797  -15.865 1.00 9.84  ? 97 ARG A HD2  1 
ATOM 1359 H HD3  . ARG A 1 81 ? 19.171  -4.189  -15.197 1.00 9.98  ? 97 ARG A HD3  1 
ATOM 1360 H HE   . ARG A 1 81 ? 17.887  -5.539  -13.150 1.00 10.09 ? 97 ARG A HE   1 
ATOM 1361 H HH11 . ARG A 1 81 ? 20.636  -6.074  -15.161 1.00 10.68 ? 97 ARG A HH11 1 
ATOM 1362 H HH12 . ARG A 1 81 ? 21.506  -6.971  -13.961 1.00 11.33 ? 97 ARG A HH12 1 
ATOM 1363 H HH21 . ARG A 1 81 ? 19.006  -6.707  -11.572 1.00 10.77 ? 97 ARG A HH21 1 
ATOM 1364 H HH22 . ARG A 1 81 ? 20.583  -7.330  -11.929 1.00 11.38 ? 97 ARG A HH22 1 
ATOM 1365 N N    . GLN A 1 82 ? 16.102  -7.399  -13.679 1.00 9.55  ? 98 GLN A N    1 
ATOM 1366 C CA   . GLN A 1 82 ? 16.767  -8.600  -13.096 1.00 10.25 ? 98 GLN A CA   1 
ATOM 1367 C C    . GLN A 1 82 ? 17.776  -9.162  -14.100 1.00 10.67 ? 98 GLN A C    1 
ATOM 1368 O O    . GLN A 1 82 ? 17.984  -8.525  -15.119 1.00 11.09 ? 98 GLN A O    1 
ATOM 1369 C CB   . GLN A 1 82 ? 15.711  -9.663  -12.778 1.00 10.68 ? 98 GLN A CB   1 
ATOM 1370 C CG   . GLN A 1 82 ? 15.447  -10.511 -14.024 1.00 10.92 ? 98 GLN A CG   1 
ATOM 1371 C CD   . GLN A 1 82 ? 15.334  -9.601  -15.247 1.00 11.20 ? 98 GLN A CD   1 
ATOM 1372 O OE1  . GLN A 1 82 ? 16.193  -9.609  -16.106 1.00 11.44 ? 98 GLN A OE1  1 
ATOM 1373 N NE2  . GLN A 1 82 ? 14.302  -8.812  -15.364 1.00 11.41 ? 98 GLN A NE2  1 
ATOM 1374 O OXT  . GLN A 1 82 ? 18.322  -10.220 -13.832 1.00 10.77 ? 98 GLN A OXT  1 
ATOM 1375 H H    . GLN A 1 82 ? 15.675  -7.456  -14.559 1.00 9.51  ? 98 GLN A H    1 
ATOM 1376 H HA   . GLN A 1 82 ? 17.281  -8.320  -12.188 1.00 10.42 ? 98 GLN A HA   1 
ATOM 1377 H HB2  . GLN A 1 82 ? 16.068  -10.297 -11.980 1.00 10.78 ? 98 GLN A HB2  1 
ATOM 1378 H HB3  . GLN A 1 82 ? 14.796  -9.181  -12.473 1.00 10.95 ? 98 GLN A HB3  1 
ATOM 1379 H HG2  . GLN A 1 82 ? 16.263  -11.206 -14.165 1.00 11.05 ? 98 GLN A HG2  1 
ATOM 1380 H HG3  . GLN A 1 82 ? 14.525  -11.059 -13.897 1.00 11.01 ? 98 GLN A HG3  1 
ATOM 1381 H HE21 . GLN A 1 82 ? 13.608  -8.806  -14.671 1.00 11.37 ? 98 GLN A HE21 1 
ATOM 1382 H HE22 . GLN A 1 82 ? 14.220  -8.224  -16.144 1.00 11.75 ? 98 GLN A HE22 1 
# 
